data_6EPH
#
_entry.id   6EPH
#
_cell.length_a   80.290
_cell.length_b   148.180
_cell.length_c   124.400
_cell.angle_alpha   90.00
_cell.angle_beta   93.88
_cell.angle_gamma   90.00
#
_symmetry.space_group_name_H-M   'P 1 21 1'
#
loop_
_entity.id
_entity.type
_entity.pdbx_description
1 polymer 'Epsilon_1 antitoxin'
2 polymer 'Zeta_1 toxin'
3 non-polymer '(2R)-2-{[(2R,3R,4R,5S,6R)-3-(acetylamino)-2-{[(S)-{[(R)-{[(2R,3S,4R,5R)-5-(2,4-dioxo-3,4-dihydropyrimidin-1(2H)-yl)-3,4-dihydroxytetrahydrofuran-2-yl]methoxy}(hydroxy)phosphoryl]oxy}(hydroxy)phosphoryl]oxy}-5-hydroxy-6-(hydroxymethyl)tetrahydro-2H-pyran-4-yl]oxy}propanoic acid'
4 non-polymer 'SULFATE ION'
5 non-polymer 'CITRATE ANION'
6 water water
#
loop_
_entity_poly.entity_id
_entity_poly.type
_entity_poly.pdbx_seq_one_letter_code
_entity_poly.pdbx_strand_id
1 'polypeptide(L)' MNKVEPQESNAIRMIKEACEKNRRMMTDEAFRKEVEKRLYAGPSPELLAKLRVLWAANKEQ A,C,E,G
2 'polypeptide(L)'
;MVKLSSDINLRDFGNNEYLSSVQDEAIRFATEQTDEILSLYSQHADTEGGRYVCADTFKELFPAFENKEDRATVNNAIHN
SAAVLSSTQFDEVLKRDEPQKKEVIFVTGIPGSGKTSTVKNMMMQDTTKLLFEGQLARPQSAFRKIEQCLERNLEVTIVA
VSMRAERASDNTYKRFNEYGRGASIGIMADIQANLPDGLKQIRDKFGDAVKIVGINQDRNSEFIDKFDDVIKMLSLGSQE
QILGRLAEKIQSDFDSGKISRECFNQAKGSMDLESVFAKKEYSQQRVVTNSKGVTLETKSANELWSKVEQIPVTGMKAGI
YLLGQAKKAETGQTYSGEIIYKDAAAVFQKTKNGLVRHNATHNEERLAKLVEIGQNVSIGSNKGKLIVKSLEYSAKKSIS
R
;
B,D,F,H
#
loop_
_chem_comp.id
_chem_comp.type
_chem_comp.name
_chem_comp.formula
EPZ non-polymer '(2R)-2-{[(2R,3R,4R,5S,6R)-3-(acetylamino)-2-{[(S)-{[(R)-{[(2R,3S,4R,5R)-5-(2,4-dioxo-3,4-dihydropyrimidin-1(2H)-yl)-3,4-dihydroxytetrahydrofuran-2-yl]methoxy}(hydroxy)phosphoryl]oxy}(hydroxy)phosphoryl]oxy}-5-hydroxy-6-(hydroxymethyl)tetrahydro-2H-pyran-4-yl]oxy}propanoic acid' 'C20 H31 N3 O19 P2'
FLC non-polymer 'CITRATE ANION' 'C6 H5 O7 -3'
SO4 non-polymer 'SULFATE ION' 'O4 S -2'
#
# COMPACT_ATOMS: atom_id res chain seq x y z
N GLU A 8 -9.86 26.55 12.49
CA GLU A 8 -8.46 26.99 12.77
C GLU A 8 -8.33 28.52 12.79
N SER A 9 -7.42 29.03 13.62
CA SER A 9 -7.20 30.47 13.74
C SER A 9 -6.49 31.05 12.50
N ASN A 10 -6.55 32.36 12.36
CA ASN A 10 -5.82 33.07 11.29
C ASN A 10 -4.31 32.85 11.38
N ALA A 11 -3.78 32.85 12.60
CA ALA A 11 -2.35 32.65 12.86
C ALA A 11 -1.85 31.32 12.29
N ILE A 12 -2.56 30.24 12.57
CA ILE A 12 -2.19 28.90 12.10
C ILE A 12 -2.25 28.80 10.57
N ARG A 13 -3.22 29.47 9.96
CA ARG A 13 -3.31 29.55 8.50
C ARG A 13 -2.13 30.32 7.91
N MET A 14 -1.85 31.48 8.49
CA MET A 14 -0.68 32.31 8.13
C MET A 14 0.64 31.54 8.19
N ILE A 15 0.79 30.69 9.20
CA ILE A 15 1.99 29.87 9.36
C ILE A 15 2.08 28.81 8.25
N LYS A 16 0.96 28.14 7.97
CA LYS A 16 0.88 27.15 6.89
C LYS A 16 1.20 27.73 5.52
N GLU A 17 0.71 28.93 5.25
CA GLU A 17 1.01 29.63 4.00
C GLU A 17 2.47 30.05 3.90
N ALA A 18 3.07 30.39 5.04
CA ALA A 18 4.51 30.65 5.11
C ALA A 18 5.33 29.39 4.81
N CYS A 19 4.86 28.24 5.29
CA CYS A 19 5.50 26.95 4.98
C CYS A 19 5.49 26.58 3.48
N GLU A 20 4.47 27.03 2.75
CA GLU A 20 4.44 26.84 1.28
C GLU A 20 5.52 27.65 0.59
N LYS A 21 5.64 28.91 0.99
CA LYS A 21 6.66 29.79 0.43
C LYS A 21 8.08 29.36 0.84
N ASN A 22 8.22 28.68 1.99
CA ASN A 22 9.48 28.00 2.34
C ASN A 22 9.80 26.87 1.36
N ARG A 23 8.78 26.12 0.93
CA ARG A 23 8.94 25.07 -0.09
C ARG A 23 9.23 25.63 -1.48
N ARG A 24 8.66 26.80 -1.81
CA ARG A 24 8.98 27.48 -3.07
C ARG A 24 10.44 27.95 -3.11
N MET A 25 10.98 28.38 -1.96
CA MET A 25 12.41 28.77 -1.86
C MET A 25 13.38 27.68 -2.31
N MET A 26 13.01 26.41 -2.09
CA MET A 26 13.85 25.28 -2.49
C MET A 26 13.90 25.07 -4.01
N THR A 27 12.74 25.17 -4.66
CA THR A 27 12.65 25.02 -6.11
C THR A 27 13.01 26.34 -6.82
N ASP A 28 12.23 27.38 -6.54
CA ASP A 28 12.38 28.69 -7.19
C ASP A 28 13.58 29.45 -6.60
N GLU A 29 14.68 29.48 -7.33
CA GLU A 29 15.90 30.19 -6.90
C GLU A 29 15.79 31.71 -7.01
N ALA A 30 15.01 32.20 -7.97
CA ALA A 30 14.74 33.64 -8.12
C ALA A 30 13.94 34.20 -6.93
N PHE A 31 13.07 33.37 -6.36
CA PHE A 31 12.30 33.73 -5.16
C PHE A 31 13.17 33.78 -3.90
N ARG A 32 14.05 32.79 -3.73
CA ARG A 32 14.93 32.72 -2.53
C ARG A 32 15.89 33.91 -2.40
N LYS A 33 16.41 34.38 -3.53
CA LYS A 33 17.32 35.53 -3.53
C LYS A 33 16.58 36.85 -3.24
N GLU A 34 15.32 36.94 -3.68
CA GLU A 34 14.45 38.09 -3.32
C GLU A 34 14.14 38.16 -1.82
N VAL A 35 13.96 37.00 -1.18
CA VAL A 35 13.68 36.91 0.26
C VAL A 35 14.95 37.22 1.06
N GLU A 36 16.01 36.47 0.80
CA GLU A 36 17.24 36.53 1.61
C GLU A 36 18.12 37.78 1.40
N LYS A 37 17.83 38.60 0.39
CA LYS A 37 18.59 39.83 0.13
C LYS A 37 18.46 40.82 1.30
N ARG A 38 17.22 41.17 1.64
CA ARG A 38 16.94 42.14 2.71
C ARG A 38 17.42 41.69 4.08
N LEU A 39 17.01 40.49 4.48
CA LEU A 39 16.94 40.05 5.88
C LEU A 39 18.03 40.58 6.80
N TYR A 40 19.26 40.09 6.60
CA TYR A 40 20.37 40.37 7.52
C TYR A 40 21.39 41.40 7.00
N ALA A 41 20.97 42.23 6.03
CA ALA A 41 21.84 43.22 5.39
C ALA A 41 22.38 44.28 6.35
N GLY A 42 21.50 44.80 7.19
CA GLY A 42 21.80 45.92 8.08
C GLY A 42 20.80 47.04 7.79
N PRO A 43 20.97 48.19 8.46
CA PRO A 43 20.03 49.30 8.26
C PRO A 43 20.14 49.89 6.86
N SER A 44 19.00 50.36 6.32
CA SER A 44 18.98 51.01 5.00
C SER A 44 19.64 52.40 5.08
N PRO A 45 20.06 52.97 3.93
CA PRO A 45 20.64 54.32 3.91
C PRO A 45 19.79 55.43 4.56
N GLU A 46 18.46 55.37 4.37
CA GLU A 46 17.54 56.32 5.02
C GLU A 46 17.58 56.18 6.54
N LEU A 47 17.43 54.94 7.02
CA LEU A 47 17.50 54.63 8.44
C LEU A 47 18.87 54.93 9.03
N LEU A 48 19.92 54.61 8.27
CA LEU A 48 21.31 54.84 8.71
C LEU A 48 21.64 56.34 8.83
N ALA A 49 21.06 57.17 7.96
CA ALA A 49 21.19 58.62 8.05
C ALA A 49 20.57 59.19 9.34
N LYS A 50 19.36 58.71 9.66
CA LYS A 50 18.66 59.06 10.90
C LYS A 50 19.46 58.61 12.14
N LEU A 51 19.97 57.38 12.07
CA LEU A 51 20.75 56.79 13.16
C LEU A 51 22.05 57.56 13.48
N ARG A 52 22.74 58.04 12.44
CA ARG A 52 23.97 58.84 12.64
C ARG A 52 23.71 60.13 13.41
N VAL A 53 22.56 60.76 13.17
CA VAL A 53 22.16 61.95 13.90
C VAL A 53 21.85 61.59 15.36
N LEU A 54 21.18 60.46 15.56
CA LEU A 54 20.86 59.96 16.91
C LEU A 54 22.11 59.62 17.71
N TRP A 55 23.05 58.89 17.10
CA TRP A 55 24.29 58.51 17.79
C TRP A 55 25.19 59.70 18.06
N ALA A 56 25.31 60.60 17.07
CA ALA A 56 26.20 61.77 17.15
C ALA A 56 25.70 62.82 18.14
N ALA A 57 24.38 62.95 18.27
CA ALA A 57 23.78 63.86 19.24
C ALA A 57 23.91 63.42 20.70
N ASN A 58 24.30 62.17 20.95
CA ASN A 58 24.40 61.61 22.30
C ASN A 58 25.74 60.93 22.58
N LYS A 59 26.84 61.62 22.28
CA LYS A 59 28.18 61.16 22.66
C LYS A 59 28.54 61.63 24.07
N GLU A 60 29.44 60.90 24.72
CA GLU A 60 29.99 61.28 26.03
C GLU A 60 31.48 60.91 26.08
N VAL B 2 9.22 56.85 27.68
CA VAL B 2 9.14 55.35 27.76
C VAL B 2 10.40 54.79 28.41
N LYS B 3 10.24 54.16 29.58
CA LYS B 3 11.34 53.51 30.26
C LYS B 3 11.47 52.07 29.75
N LEU B 4 12.66 51.49 29.94
CA LEU B 4 12.88 50.09 29.63
C LEU B 4 12.03 49.21 30.55
N SER B 5 11.58 48.07 30.02
CA SER B 5 10.73 47.16 30.78
C SER B 5 11.46 46.49 31.96
N SER B 6 12.78 46.34 31.86
CA SER B 6 13.58 45.74 32.91
C SER B 6 15.01 46.30 32.95
N ASP B 7 15.80 45.85 33.92
CA ASP B 7 17.21 46.20 33.99
C ASP B 7 17.98 45.33 32.98
N ILE B 8 19.10 45.85 32.49
CA ILE B 8 19.92 45.12 31.52
C ILE B 8 21.03 44.39 32.26
N ASN B 9 21.08 43.07 32.11
CA ASN B 9 22.07 42.24 32.82
C ASN B 9 23.46 42.42 32.22
N LEU B 10 24.42 42.75 33.07
CA LEU B 10 25.83 42.89 32.67
C LEU B 10 26.46 41.51 32.58
N ARG B 11 27.31 41.32 31.57
CA ARG B 11 28.19 40.16 31.49
C ARG B 11 29.57 40.54 31.98
N ASP B 12 30.32 39.55 32.44
CA ASP B 12 31.71 39.74 32.86
C ASP B 12 32.59 39.39 31.67
N PHE B 13 33.22 40.42 31.10
CA PHE B 13 34.20 40.23 30.01
C PHE B 13 35.64 40.14 30.54
N GLY B 14 35.86 40.59 31.78
CA GLY B 14 37.14 40.38 32.46
C GLY B 14 38.21 41.35 32.02
N ASN B 15 39.23 40.84 31.34
CA ASN B 15 40.38 41.63 30.89
C ASN B 15 40.17 42.35 29.54
N ASN B 16 39.22 41.87 28.73
CA ASN B 16 38.83 42.55 27.50
C ASN B 16 38.08 43.86 27.83
N GLU B 17 38.82 44.97 27.84
CA GLU B 17 38.23 46.28 28.18
C GLU B 17 37.38 46.88 27.05
N TYR B 18 37.68 46.49 25.81
CA TYR B 18 36.92 46.95 24.63
C TYR B 18 35.45 46.54 24.71
N LEU B 19 35.21 45.25 24.96
CA LEU B 19 33.84 44.72 25.10
C LEU B 19 33.16 45.28 26.37
N SER B 20 33.92 45.45 27.45
CA SER B 20 33.39 46.04 28.68
C SER B 20 32.93 47.48 28.50
N SER B 21 33.61 48.22 27.61
CA SER B 21 33.22 49.60 27.27
C SER B 21 32.08 49.65 26.24
N VAL B 22 32.12 48.76 25.25
CA VAL B 22 31.01 48.61 24.26
C VAL B 22 29.71 48.23 24.97
N GLN B 23 29.80 47.37 25.99
CA GLN B 23 28.63 47.01 26.80
C GLN B 23 28.06 48.22 27.53
N ASP B 24 28.93 49.03 28.12
CA ASP B 24 28.49 50.21 28.88
C ASP B 24 27.94 51.30 27.98
N GLU B 25 28.57 51.52 26.82
CA GLU B 25 28.04 52.42 25.78
C GLU B 25 26.66 51.97 25.29
N ALA B 26 26.49 50.66 25.11
CA ALA B 26 25.22 50.07 24.67
C ALA B 26 24.10 50.22 25.69
N ILE B 27 24.39 49.91 26.96
CA ILE B 27 23.40 50.04 28.04
C ILE B 27 22.99 51.50 28.24
N ARG B 28 23.96 52.41 28.14
CA ARG B 28 23.70 53.84 28.32
C ARG B 28 22.76 54.34 27.21
N PHE B 29 23.07 53.97 25.97
CA PHE B 29 22.26 54.31 24.80
C PHE B 29 20.82 53.81 24.91
N ALA B 30 20.67 52.49 25.13
CA ALA B 30 19.36 51.85 25.27
C ALA B 30 18.53 52.46 26.39
N THR B 31 19.17 52.73 27.51
CA THR B 31 18.49 53.32 28.68
C THR B 31 18.06 54.76 28.45
N GLU B 32 18.98 55.59 27.95
CA GLU B 32 18.75 57.04 27.82
C GLU B 32 17.98 57.45 26.55
N GLN B 33 18.19 56.74 25.44
CA GLN B 33 17.53 57.08 24.16
C GLN B 33 16.46 56.07 23.73
N THR B 34 15.68 55.61 24.71
CA THR B 34 14.68 54.56 24.50
C THR B 34 13.56 55.00 23.56
N ASP B 35 13.04 56.20 23.80
CA ASP B 35 11.94 56.78 23.00
C ASP B 35 12.29 56.80 21.52
N GLU B 36 13.47 57.33 21.22
CA GLU B 36 13.91 57.55 19.83
C GLU B 36 14.42 56.27 19.16
N ILE B 37 14.99 55.35 19.94
CA ILE B 37 15.35 54.03 19.43
C ILE B 37 14.10 53.25 18.98
N LEU B 38 13.08 53.21 19.84
CA LEU B 38 11.83 52.51 19.51
C LEU B 38 11.09 53.14 18.34
N SER B 39 11.17 54.46 18.22
CA SER B 39 10.54 55.19 17.12
C SER B 39 11.17 54.84 15.77
N LEU B 40 12.51 54.80 15.73
CA LEU B 40 13.25 54.36 14.53
C LEU B 40 13.01 52.88 14.20
N TYR B 41 12.93 52.04 15.24
CA TYR B 41 12.61 50.62 15.04
C TYR B 41 11.26 50.46 14.34
N SER B 42 10.25 51.17 14.84
CA SER B 42 8.89 51.09 14.31
C SER B 42 8.77 51.74 12.94
N GLN B 43 8.97 53.05 12.91
CA GLN B 43 8.63 53.87 11.74
C GLN B 43 9.56 53.70 10.54
N HIS B 44 10.74 53.09 10.70
CA HIS B 44 11.77 53.11 9.65
C HIS B 44 12.52 51.81 9.29
N ALA B 45 12.50 50.79 10.15
CA ALA B 45 13.12 49.50 9.81
C ALA B 45 12.10 48.56 9.16
N ASP B 46 12.58 47.45 8.59
CA ASP B 46 11.71 46.45 7.96
C ASP B 46 11.06 45.53 9.02
N THR B 47 10.12 46.10 9.80
CA THR B 47 9.59 45.45 11.00
C THR B 47 8.06 45.50 11.12
N GLU B 48 7.35 45.65 10.01
CA GLU B 48 5.89 45.78 9.99
C GLU B 48 5.39 46.90 10.93
N GLY B 49 6.07 48.04 10.91
CA GLY B 49 5.75 49.16 11.79
C GLY B 49 5.96 48.88 13.26
N GLY B 50 6.98 48.07 13.58
CA GLY B 50 7.28 47.69 14.97
C GLY B 50 6.49 46.53 15.54
N ARG B 51 5.80 45.76 14.69
CA ARG B 51 5.02 44.59 15.12
C ARG B 51 5.83 43.30 15.10
N TYR B 52 6.79 43.22 14.17
CA TYR B 52 7.83 42.20 14.21
C TYR B 52 8.85 42.69 15.25
N VAL B 53 8.94 41.98 16.37
CA VAL B 53 9.78 42.38 17.48
C VAL B 53 10.86 41.33 17.65
N CYS B 54 12.11 41.76 17.64
CA CYS B 54 13.25 40.85 17.68
C CYS B 54 14.51 41.57 18.16
N ALA B 55 15.24 40.92 19.07
CA ALA B 55 16.48 41.49 19.59
C ALA B 55 17.56 41.64 18.50
N ASP B 56 17.61 40.72 17.54
CA ASP B 56 18.58 40.79 16.44
C ASP B 56 18.39 42.02 15.55
N THR B 57 17.15 42.36 15.23
CA THR B 57 16.85 43.56 14.46
C THR B 57 17.17 44.83 15.24
N PHE B 58 17.01 44.79 16.57
CA PHE B 58 17.40 45.93 17.42
C PHE B 58 18.91 46.19 17.45
N LYS B 59 19.72 45.16 17.25
CA LYS B 59 21.17 45.32 17.21
C LYS B 59 21.62 46.29 16.12
N GLU B 60 20.90 46.32 15.01
CA GLU B 60 21.18 47.25 13.88
C GLU B 60 21.10 48.73 14.25
N LEU B 61 20.35 49.06 15.30
CA LEU B 61 20.22 50.44 15.77
C LEU B 61 21.34 50.89 16.72
N PHE B 62 22.27 49.98 17.04
CA PHE B 62 23.45 50.32 17.85
C PHE B 62 24.63 50.70 16.95
N PRO B 63 25.39 51.75 17.33
CA PRO B 63 26.53 52.22 16.51
C PRO B 63 27.66 51.19 16.34
N ALA B 64 27.97 50.46 17.41
CA ALA B 64 28.99 49.40 17.36
C ALA B 64 28.69 48.28 16.36
N PHE B 65 27.41 48.12 16.01
CA PHE B 65 26.97 47.07 15.08
C PHE B 65 26.96 47.50 13.60
N GLU B 66 27.44 48.71 13.28
CA GLU B 66 27.31 49.23 11.90
C GLU B 66 28.13 48.46 10.87
N ASN B 67 29.43 48.34 11.09
CA ASN B 67 30.33 47.64 10.16
C ASN B 67 30.22 46.14 10.36
N LYS B 68 30.11 45.40 9.25
CA LYS B 68 30.05 43.93 9.29
C LYS B 68 31.26 43.28 9.98
N GLU B 69 32.42 43.93 9.92
CA GLU B 69 33.66 43.46 10.55
C GLU B 69 33.52 43.32 12.06
N ASP B 70 32.78 44.24 12.69
CA ASP B 70 32.69 44.31 14.15
C ASP B 70 31.59 43.45 14.79
N ARG B 71 30.65 42.94 13.99
CA ARG B 71 29.38 42.41 14.53
C ARG B 71 29.55 41.18 15.43
N ALA B 72 30.30 40.19 14.95
CA ALA B 72 30.58 38.97 15.74
C ALA B 72 31.31 39.26 17.06
N THR B 73 32.19 40.24 17.06
CA THR B 73 32.97 40.63 18.25
C THR B 73 32.11 41.32 19.30
N VAL B 74 31.34 42.32 18.86
CA VAL B 74 30.52 43.14 19.78
C VAL B 74 29.17 42.53 20.17
N ASN B 75 28.73 41.48 19.48
CA ASN B 75 27.40 40.88 19.65
C ASN B 75 26.99 40.62 21.10
N ASN B 76 27.82 39.89 21.83
CA ASN B 76 27.52 39.52 23.23
C ASN B 76 27.58 40.73 24.18
N ALA B 77 28.26 41.80 23.79
CA ALA B 77 28.32 43.03 24.57
C ALA B 77 27.05 43.89 24.45
N ILE B 78 26.38 43.83 23.29
CA ILE B 78 25.15 44.61 23.06
C ILE B 78 23.84 43.83 23.21
N HIS B 79 23.91 42.50 23.10
CA HIS B 79 22.70 41.65 23.01
C HIS B 79 21.62 41.91 24.08
N ASN B 80 22.03 41.94 25.34
CA ASN B 80 21.10 42.15 26.45
C ASN B 80 20.40 43.51 26.37
N SER B 81 21.10 44.54 25.91
CA SER B 81 20.47 45.83 25.65
C SER B 81 19.44 45.73 24.53
N ALA B 82 19.81 45.01 23.46
CA ALA B 82 18.89 44.77 22.34
C ALA B 82 17.67 43.95 22.77
N ALA B 83 17.90 42.95 23.62
CA ALA B 83 16.83 42.05 24.10
C ALA B 83 15.85 42.78 25.03
N VAL B 84 16.37 43.62 25.92
CA VAL B 84 15.53 44.43 26.81
C VAL B 84 14.78 45.51 26.02
N LEU B 85 15.42 46.06 24.98
CA LEU B 85 14.72 46.97 24.04
C LEU B 85 13.57 46.26 23.33
N SER B 86 13.80 45.03 22.89
CA SER B 86 12.75 44.25 22.23
C SER B 86 11.61 43.93 23.20
N SER B 87 11.97 43.60 24.43
CA SER B 87 10.98 43.39 25.49
C SER B 87 10.16 44.64 25.77
N THR B 88 10.81 45.80 25.78
CA THR B 88 10.12 47.08 25.96
C THR B 88 9.16 47.34 24.81
N GLN B 89 9.65 47.14 23.57
CA GLN B 89 8.85 47.28 22.35
C GLN B 89 7.64 46.36 22.35
N PHE B 90 7.83 45.09 22.74
CA PHE B 90 6.74 44.13 22.92
C PHE B 90 5.61 44.74 23.76
N ASP B 91 5.97 45.31 24.92
CA ASP B 91 5.00 45.93 25.82
C ASP B 91 4.31 47.15 25.21
N GLU B 92 5.05 47.97 24.46
CA GLU B 92 4.48 49.15 23.82
C GLU B 92 3.45 48.82 22.74
N VAL B 93 3.69 47.75 21.99
CA VAL B 93 2.72 47.27 20.99
C VAL B 93 1.45 46.75 21.70
N LEU B 94 1.63 46.07 22.84
CA LEU B 94 0.48 45.61 23.64
C LEU B 94 -0.33 46.75 24.26
N LYS B 95 0.32 47.86 24.59
CA LYS B 95 -0.37 49.04 25.13
C LYS B 95 -1.29 49.73 24.10
N ARG B 96 -1.02 49.57 22.80
CA ARG B 96 -1.87 50.15 21.76
C ARG B 96 -3.26 49.53 21.79
N ASP B 97 -4.29 50.35 22.02
CA ASP B 97 -5.68 49.91 22.02
C ASP B 97 -6.13 49.67 20.58
N GLU B 98 -6.20 48.40 20.20
CA GLU B 98 -6.50 47.97 18.82
C GLU B 98 -7.43 46.76 18.84
N PRO B 99 -8.72 46.97 19.18
CA PRO B 99 -9.68 45.85 19.40
C PRO B 99 -9.72 44.79 18.29
N GLN B 100 -9.44 45.18 17.04
CA GLN B 100 -9.46 44.27 15.89
C GLN B 100 -8.35 43.22 15.97
N LYS B 101 -7.19 43.64 16.50
CA LYS B 101 -5.98 42.82 16.51
C LYS B 101 -5.91 41.94 17.76
N LYS B 102 -6.08 40.64 17.55
CA LYS B 102 -6.26 39.66 18.64
C LYS B 102 -5.19 38.58 18.74
N GLU B 103 -4.23 38.54 17.81
CA GLU B 103 -3.27 37.44 17.72
C GLU B 103 -1.82 37.86 17.95
N VAL B 104 -1.14 37.09 18.80
CA VAL B 104 0.28 37.27 19.07
C VAL B 104 0.98 35.98 18.72
N ILE B 105 2.06 36.07 17.96
CA ILE B 105 2.79 34.90 17.48
C ILE B 105 4.22 34.98 17.98
N PHE B 106 4.69 33.88 18.58
CA PHE B 106 6.08 33.74 19.00
C PHE B 106 6.73 32.78 18.02
N VAL B 107 7.89 33.14 17.49
CA VAL B 107 8.65 32.26 16.61
C VAL B 107 9.97 31.93 17.30
N THR B 108 10.28 30.65 17.41
CA THR B 108 11.48 30.22 18.13
C THR B 108 12.17 29.10 17.38
N GLY B 109 13.42 28.86 17.75
CA GLY B 109 14.25 27.85 17.11
C GLY B 109 15.72 28.21 17.09
N ILE B 110 16.53 27.19 16.81
CA ILE B 110 17.98 27.32 16.70
C ILE B 110 18.37 28.39 15.66
N PRO B 111 19.46 29.15 15.91
CA PRO B 111 20.00 30.04 14.88
C PRO B 111 20.37 29.30 13.59
N GLY B 112 19.98 29.87 12.45
CA GLY B 112 20.24 29.27 11.14
C GLY B 112 19.12 28.40 10.59
N SER B 113 18.02 28.24 11.34
CA SER B 113 16.90 27.39 10.92
C SER B 113 15.90 28.06 9.98
N GLY B 114 16.07 29.37 9.72
CA GLY B 114 15.17 30.11 8.82
C GLY B 114 13.93 30.64 9.52
N LYS B 115 14.09 31.06 10.78
CA LYS B 115 13.03 31.71 11.55
C LYS B 115 12.62 33.00 10.88
N THR B 116 13.62 33.87 10.65
CA THR B 116 13.38 35.19 10.06
C THR B 116 12.90 35.11 8.61
N SER B 117 13.45 34.17 7.83
CA SER B 117 12.98 33.98 6.45
C SER B 117 11.54 33.45 6.42
N THR B 118 11.17 32.60 7.38
CA THR B 118 9.78 32.13 7.54
C THR B 118 8.84 33.27 7.94
N VAL B 119 9.30 34.19 8.80
CA VAL B 119 8.51 35.37 9.19
C VAL B 119 8.31 36.35 8.02
N LYS B 120 9.32 36.46 7.15
CA LYS B 120 9.20 37.25 5.91
C LYS B 120 8.12 36.67 4.99
N ASN B 121 8.04 35.34 4.93
CA ASN B 121 7.05 34.62 4.12
C ASN B 121 5.64 34.61 4.71
N MET B 122 5.50 34.98 5.98
CA MET B 122 4.18 35.22 6.55
C MET B 122 3.61 36.55 6.06
N MET B 123 2.38 36.52 5.58
CA MET B 123 1.65 37.73 5.21
C MET B 123 0.88 38.21 6.42
N MET B 124 1.08 39.46 6.80
CA MET B 124 0.35 40.06 7.92
C MET B 124 -1.14 40.03 7.67
N GLN B 125 -1.90 39.90 8.73
CA GLN B 125 -3.36 39.90 8.66
C GLN B 125 -3.93 41.01 9.53
N ASP B 126 -5.23 41.23 9.40
CA ASP B 126 -5.92 42.28 10.15
C ASP B 126 -5.99 41.97 11.65
N THR B 127 -6.02 40.69 11.98
CA THR B 127 -6.06 40.21 13.37
C THR B 127 -4.67 40.08 14.05
N THR B 128 -3.60 40.08 13.25
CA THR B 128 -2.23 39.95 13.79
C THR B 128 -1.80 41.22 14.52
N LYS B 129 -1.61 41.11 15.83
CA LYS B 129 -1.20 42.24 16.67
C LYS B 129 0.30 42.36 16.77
N LEU B 130 0.97 41.24 16.94
CA LEU B 130 2.37 41.24 17.37
C LEU B 130 3.03 39.93 16.95
N LEU B 131 4.30 40.01 16.57
CA LEU B 131 5.08 38.83 16.24
C LEU B 131 6.45 38.94 16.89
N PHE B 132 6.77 38.01 17.79
CA PHE B 132 8.02 38.06 18.56
C PHE B 132 8.93 36.88 18.21
N GLU B 133 10.14 37.19 17.74
CA GLU B 133 11.15 36.19 17.45
C GLU B 133 12.17 36.20 18.57
N GLY B 134 12.43 35.02 19.13
CA GLY B 134 13.32 34.89 20.30
C GLY B 134 13.32 33.47 20.87
N GLN B 135 14.31 33.19 21.72
CA GLN B 135 14.44 31.86 22.31
C GLN B 135 13.38 31.62 23.37
N LEU B 136 12.84 30.40 23.38
CA LEU B 136 11.92 29.93 24.40
C LEU B 136 12.44 28.67 25.11
N ALA B 137 13.73 28.38 24.96
CA ALA B 137 14.34 27.23 25.63
C ALA B 137 14.54 27.46 27.13
N ARG B 138 14.86 28.70 27.51
CA ARG B 138 14.83 29.16 28.89
C ARG B 138 13.63 30.11 28.98
N PRO B 139 12.43 29.56 29.26
CA PRO B 139 11.19 30.30 29.02
C PRO B 139 10.72 31.26 30.14
N GLN B 140 11.52 31.46 31.18
CA GLN B 140 11.15 32.36 32.30
C GLN B 140 10.69 33.74 31.83
N SER B 141 11.47 34.34 30.95
CA SER B 141 11.14 35.64 30.40
C SER B 141 9.90 35.63 29.49
N ALA B 142 9.71 34.54 28.77
CA ALA B 142 8.54 34.37 27.91
C ALA B 142 7.25 34.17 28.70
N PHE B 143 7.35 33.67 29.94
CA PHE B 143 6.19 33.58 30.83
C PHE B 143 5.57 34.93 31.08
N ARG B 144 6.39 35.96 31.31
CA ARG B 144 5.89 37.32 31.53
C ARG B 144 5.22 37.87 30.27
N LYS B 145 5.77 37.56 29.10
CA LYS B 145 5.22 38.02 27.81
C LYS B 145 3.88 37.35 27.52
N ILE B 146 3.84 36.03 27.66
CA ILE B 146 2.60 35.26 27.48
C ILE B 146 1.52 35.68 28.50
N GLU B 147 1.93 35.88 29.75
CA GLU B 147 1.03 36.34 30.81
C GLU B 147 0.27 37.61 30.44
N GLN B 148 0.99 38.63 29.99
CA GLN B 148 0.33 39.89 29.62
C GLN B 148 -0.40 39.87 28.26
N CYS B 149 -0.14 38.86 27.43
CA CYS B 149 -1.01 38.57 26.27
C CYS B 149 -2.36 38.04 26.75
N LEU B 150 -2.32 37.07 27.67
CA LEU B 150 -3.55 36.47 28.22
C LEU B 150 -4.41 37.46 29.03
N GLU B 151 -3.75 38.37 29.74
CA GLU B 151 -4.44 39.49 30.43
C GLU B 151 -5.33 40.32 29.52
N ARG B 152 -4.96 40.46 28.25
CA ARG B 152 -5.73 41.22 27.28
C ARG B 152 -6.54 40.34 26.30
N ASN B 153 -6.82 39.09 26.69
CA ASN B 153 -7.59 38.13 25.87
C ASN B 153 -7.07 37.97 24.43
N LEU B 154 -5.75 38.02 24.28
CA LEU B 154 -5.10 37.79 22.98
C LEU B 154 -4.81 36.30 22.82
N GLU B 155 -4.83 35.84 21.57
CA GLU B 155 -4.59 34.44 21.25
C GLU B 155 -3.11 34.23 20.95
N VAL B 156 -2.44 33.48 21.82
CA VAL B 156 -1.01 33.22 21.71
C VAL B 156 -0.74 31.94 20.93
N THR B 157 0.14 32.04 19.94
CA THR B 157 0.59 30.89 19.16
C THR B 157 2.12 30.86 19.19
N ILE B 158 2.70 29.69 19.42
CA ILE B 158 4.15 29.52 19.47
C ILE B 158 4.55 28.59 18.32
N VAL B 159 5.41 29.10 17.42
CA VAL B 159 5.92 28.33 16.28
C VAL B 159 7.37 27.95 16.55
N ALA B 160 7.64 26.64 16.64
CA ALA B 160 8.98 26.14 16.88
C ALA B 160 9.60 25.67 15.57
N VAL B 161 10.46 26.51 14.98
CA VAL B 161 11.14 26.17 13.73
C VAL B 161 12.32 25.27 14.08
N SER B 162 12.46 24.17 13.34
CA SER B 162 13.48 23.17 13.66
C SER B 162 14.27 22.69 12.44
N MET B 163 15.52 22.35 12.71
CA MET B 163 16.48 21.91 11.69
C MET B 163 17.62 21.21 12.40
N ARG B 164 18.29 20.28 11.72
CA ARG B 164 19.51 19.66 12.25
C ARG B 164 20.55 20.75 12.56
N ALA B 165 21.35 20.53 13.59
CA ALA B 165 22.42 21.47 13.95
C ALA B 165 23.42 21.73 12.81
N GLU B 166 23.75 20.68 12.06
CA GLU B 166 24.76 20.76 11.00
C GLU B 166 24.28 21.63 9.83
N ARG B 167 23.09 21.33 9.32
CA ARG B 167 22.48 22.11 8.23
C ARG B 167 22.25 23.55 8.68
N ALA B 168 21.83 23.74 9.93
CA ALA B 168 21.65 25.07 10.50
C ALA B 168 22.96 25.83 10.63
N SER B 169 24.02 25.11 11.00
CA SER B 169 25.37 25.70 11.10
C SER B 169 25.90 26.16 9.73
N ASP B 170 25.63 25.39 8.68
CA ASP B 170 25.98 25.81 7.31
C ASP B 170 25.33 27.16 6.93
N ASN B 171 24.06 27.33 7.31
CA ASN B 171 23.33 28.58 7.04
C ASN B 171 23.90 29.79 7.79
N THR B 172 24.46 29.57 8.99
CA THR B 172 25.10 30.66 9.75
C THR B 172 26.46 31.05 9.15
N TYR B 173 27.19 30.08 8.58
CA TYR B 173 28.47 30.35 7.91
C TYR B 173 28.26 31.34 6.77
N LYS B 174 27.31 31.03 5.89
CA LYS B 174 26.96 31.89 4.75
C LYS B 174 26.56 33.28 5.22
N ARG B 175 25.69 33.32 6.23
CA ARG B 175 25.21 34.56 6.79
C ARG B 175 26.33 35.39 7.43
N PHE B 176 27.31 34.71 8.03
CA PHE B 176 28.48 35.38 8.58
C PHE B 176 29.39 35.94 7.48
N ASN B 177 29.66 35.12 6.46
CA ASN B 177 30.55 35.55 5.37
C ASN B 177 29.95 36.76 4.64
N GLU B 178 28.63 36.71 4.40
CA GLU B 178 27.94 37.78 3.68
C GLU B 178 27.67 39.02 4.53
N TYR B 179 27.25 38.83 5.79
CA TYR B 179 26.80 39.95 6.65
C TYR B 179 27.48 40.13 8.01
N GLY B 180 28.49 39.30 8.30
CA GLY B 180 29.21 39.36 9.58
C GLY B 180 28.45 38.88 10.80
N ARG B 181 27.32 38.22 10.57
CA ARG B 181 26.41 37.80 11.62
C ARG B 181 26.24 36.28 11.57
N GLY B 182 26.97 35.60 12.43
CA GLY B 182 26.84 34.15 12.60
C GLY B 182 26.23 33.85 13.95
N ALA B 183 26.45 32.62 14.40
CA ALA B 183 25.98 32.15 15.69
C ALA B 183 27.02 31.24 16.28
N SER B 184 27.18 31.29 17.60
CA SER B 184 28.13 30.40 18.30
C SER B 184 27.54 28.99 18.40
N ILE B 185 28.42 28.00 18.50
CA ILE B 185 27.99 26.62 18.73
C ILE B 185 27.37 26.46 20.11
N GLY B 186 27.93 27.13 21.12
CA GLY B 186 27.46 27.03 22.49
C GLY B 186 25.99 27.39 22.66
N ILE B 187 25.58 28.48 22.02
CA ILE B 187 24.19 28.92 22.05
C ILE B 187 23.29 28.08 21.13
N MET B 188 23.83 27.61 20.00
CA MET B 188 23.08 26.73 19.09
C MET B 188 22.74 25.38 19.75
N ALA B 189 23.70 24.82 20.46
CA ALA B 189 23.48 23.59 21.23
C ALA B 189 22.51 23.83 22.39
N ASP B 190 22.72 24.94 23.11
CA ASP B 190 21.89 25.29 24.27
C ASP B 190 20.42 25.42 23.91
N ILE B 191 20.14 26.19 22.85
CA ILE B 191 18.77 26.37 22.38
C ILE B 191 18.16 25.05 21.91
N GLN B 192 18.85 24.33 21.03
CA GLN B 192 18.28 23.12 20.43
C GLN B 192 18.05 21.99 21.42
N ALA B 193 18.96 21.86 22.39
CA ALA B 193 18.85 20.81 23.41
C ALA B 193 17.75 21.11 24.44
N ASN B 194 17.64 22.38 24.84
CA ASN B 194 16.73 22.79 25.92
C ASN B 194 15.36 23.32 25.46
N LEU B 195 15.12 23.38 24.14
CA LEU B 195 13.86 23.91 23.61
C LEU B 195 12.65 23.01 23.90
N PRO B 196 12.79 21.67 23.73
CA PRO B 196 11.70 20.79 24.19
C PRO B 196 11.30 21.01 25.66
N ASP B 197 12.25 21.19 26.55
CA ASP B 197 11.96 21.43 27.97
C ASP B 197 11.21 22.73 28.19
N GLY B 198 11.65 23.79 27.51
CA GLY B 198 11.01 25.10 27.60
C GLY B 198 9.58 25.14 27.07
N LEU B 199 9.33 24.40 25.97
CA LEU B 199 7.99 24.33 25.40
C LEU B 199 7.03 23.52 26.27
N LYS B 200 7.52 22.42 26.86
CA LYS B 200 6.74 21.68 27.86
C LYS B 200 6.53 22.51 29.13
N GLN B 201 7.53 23.29 29.52
CA GLN B 201 7.40 24.19 30.67
C GLN B 201 6.27 25.19 30.44
N ILE B 202 6.21 25.73 29.22
CA ILE B 202 5.14 26.63 28.77
C ILE B 202 3.79 25.90 28.69
N ARG B 203 3.80 24.72 28.09
CA ARG B 203 2.58 23.88 27.94
C ARG B 203 1.96 23.47 29.29
N ASP B 204 2.81 23.14 30.27
CA ASP B 204 2.33 22.78 31.61
C ASP B 204 1.79 23.98 32.41
N LYS B 205 2.39 25.14 32.22
CA LYS B 205 1.95 26.36 32.91
C LYS B 205 0.66 26.96 32.31
N PHE B 206 0.52 26.97 30.98
CA PHE B 206 -0.58 27.66 30.32
C PHE B 206 -1.67 26.78 29.69
N GLY B 207 -1.31 25.56 29.30
CA GLY B 207 -2.27 24.61 28.76
C GLY B 207 -2.78 24.97 27.38
N ASP B 208 -4.10 24.85 27.18
CA ASP B 208 -4.75 25.14 25.89
C ASP B 208 -4.78 26.62 25.52
N ALA B 209 -4.59 27.50 26.50
CA ALA B 209 -4.49 28.95 26.27
C ALA B 209 -3.34 29.36 25.32
N VAL B 210 -2.33 28.52 25.21
CA VAL B 210 -1.22 28.73 24.30
C VAL B 210 -1.16 27.58 23.32
N LYS B 211 -1.30 27.90 22.04
CA LYS B 211 -1.21 26.94 20.96
C LYS B 211 0.26 26.77 20.55
N ILE B 212 0.76 25.55 20.53
CA ILE B 212 2.18 25.26 20.22
C ILE B 212 2.31 24.39 18.99
N VAL B 213 2.89 24.95 17.93
CA VAL B 213 3.07 24.24 16.66
C VAL B 213 4.54 24.25 16.24
N GLY B 214 4.87 23.44 15.24
CA GLY B 214 6.25 23.29 14.78
C GLY B 214 6.41 23.41 13.27
N ILE B 215 7.63 23.69 12.83
CA ILE B 215 8.01 23.65 11.43
C ILE B 215 9.29 22.81 11.34
N ASN B 216 9.21 21.66 10.69
CA ASN B 216 10.37 20.81 10.43
C ASN B 216 11.01 21.21 9.10
N GLN B 217 12.15 21.90 9.16
CA GLN B 217 12.82 22.39 7.95
C GLN B 217 13.64 21.30 7.24
N ASP B 218 13.82 20.15 7.88
CA ASP B 218 14.44 18.98 7.24
C ASP B 218 13.46 18.18 6.38
N ARG B 219 12.16 18.39 6.57
CA ARG B 219 11.10 17.73 5.79
C ARG B 219 10.33 18.74 4.92
N ASN B 220 11.07 19.58 4.20
CA ASN B 220 10.49 20.60 3.32
C ASN B 220 9.48 21.50 4.05
N SER B 221 9.92 22.04 5.20
CA SER B 221 9.16 23.00 6.00
C SER B 221 7.78 22.47 6.45
N GLU B 222 7.74 21.22 6.89
CA GLU B 222 6.48 20.53 7.23
C GLU B 222 5.85 21.11 8.51
N PHE B 223 4.61 21.57 8.40
CA PHE B 223 3.83 22.06 9.54
C PHE B 223 3.48 20.90 10.48
N ILE B 224 3.66 21.11 11.78
CA ILE B 224 3.39 20.11 12.81
C ILE B 224 2.36 20.68 13.79
N ASP B 225 1.13 20.14 13.74
CA ASP B 225 0.00 20.72 14.50
C ASP B 225 0.01 20.32 15.97
N LYS B 226 0.17 19.03 16.24
CA LYS B 226 0.01 18.48 17.60
C LYS B 226 1.28 18.61 18.42
N PHE B 227 1.13 19.01 19.69
CA PHE B 227 2.26 19.24 20.61
C PHE B 227 3.18 18.04 20.80
N ASP B 228 2.60 16.85 20.92
CA ASP B 228 3.39 15.61 21.03
C ASP B 228 4.32 15.38 19.83
N ASP B 229 3.85 15.71 18.62
CA ASP B 229 4.67 15.64 17.41
C ASP B 229 5.76 16.73 17.37
N VAL B 230 5.47 17.91 17.92
CA VAL B 230 6.46 19.00 18.01
C VAL B 230 7.64 18.58 18.90
N ILE B 231 7.36 17.91 20.02
CA ILE B 231 8.41 17.47 20.94
C ILE B 231 9.31 16.37 20.31
N LYS B 232 8.72 15.46 19.54
CA LYS B 232 9.48 14.43 18.82
C LYS B 232 10.39 15.01 17.74
N MET B 233 9.91 16.03 17.02
CA MET B 233 10.71 16.76 16.03
C MET B 233 11.93 17.43 16.66
N LEU B 234 11.70 18.13 17.77
CA LEU B 234 12.73 18.93 18.42
C LEU B 234 13.73 18.10 19.23
N SER B 235 13.37 16.86 19.58
CA SER B 235 14.26 15.98 20.37
C SER B 235 15.40 15.43 19.52
N LEU B 236 16.41 16.26 19.32
CA LEU B 236 17.54 15.96 18.44
C LEU B 236 18.85 15.81 19.23
N GLY B 237 18.75 15.34 20.47
CA GLY B 237 19.91 15.03 21.29
C GLY B 237 20.09 15.99 22.45
N SER B 238 20.95 15.61 23.39
CA SER B 238 21.28 16.44 24.55
C SER B 238 22.27 17.53 24.18
N GLN B 239 22.45 18.47 25.10
CA GLN B 239 23.37 19.60 24.90
C GLN B 239 24.82 19.14 24.74
N GLU B 240 25.18 18.05 25.41
CA GLU B 240 26.52 17.47 25.31
C GLU B 240 26.76 16.84 23.93
N GLN B 241 25.77 16.10 23.43
CA GLN B 241 25.84 15.50 22.09
C GLN B 241 25.94 16.54 20.98
N ILE B 242 25.04 17.53 21.00
CA ILE B 242 24.92 18.52 19.93
C ILE B 242 26.15 19.42 19.91
N LEU B 243 26.57 19.88 21.08
CA LEU B 243 27.79 20.68 21.22
C LEU B 243 29.01 19.91 20.75
N GLY B 244 29.07 18.63 21.09
CA GLY B 244 30.16 17.75 20.66
C GLY B 244 30.20 17.58 19.15
N ARG B 245 29.04 17.32 18.54
CA ARG B 245 28.94 17.19 17.09
C ARG B 245 29.29 18.50 16.39
N LEU B 246 28.81 19.62 16.94
CA LEU B 246 29.12 20.95 16.38
C LEU B 246 30.59 21.33 16.52
N ALA B 247 31.20 20.99 17.67
CA ALA B 247 32.63 21.21 17.91
C ALA B 247 33.49 20.51 16.85
N GLU B 248 33.20 19.23 16.63
CA GLU B 248 33.90 18.45 15.60
C GLU B 248 33.63 18.99 14.19
N LYS B 249 32.41 19.45 13.92
CA LYS B 249 32.05 20.00 12.61
C LYS B 249 32.80 21.30 12.26
N ILE B 250 32.80 22.28 13.16
CA ILE B 250 33.49 23.56 12.88
C ILE B 250 35.00 23.36 12.78
N GLN B 251 35.55 22.40 13.51
CA GLN B 251 36.97 22.08 13.45
C GLN B 251 37.32 21.37 12.13
N SER B 252 36.53 20.37 11.74
CA SER B 252 36.73 19.68 10.46
C SER B 252 36.62 20.62 9.26
N ASP B 253 35.63 21.52 9.30
CA ASP B 253 35.43 22.52 8.24
C ASP B 253 36.58 23.52 8.15
N PHE B 254 37.17 23.89 9.29
CA PHE B 254 38.32 24.78 9.31
C PHE B 254 39.59 24.08 8.83
N ASP B 255 39.81 22.84 9.27
CA ASP B 255 40.98 22.05 8.86
C ASP B 255 40.98 21.73 7.35
N SER B 256 39.79 21.47 6.80
CA SER B 256 39.62 21.22 5.35
C SER B 256 39.68 22.49 4.47
N GLY B 257 39.57 23.67 5.08
CA GLY B 257 39.52 24.94 4.36
C GLY B 257 38.17 25.30 3.78
N LYS B 258 37.09 24.78 4.38
CA LYS B 258 35.73 25.10 3.95
C LYS B 258 35.21 26.42 4.58
N ILE B 259 35.78 26.80 5.74
CA ILE B 259 35.49 28.10 6.37
C ILE B 259 36.78 28.81 6.79
N SER B 260 36.70 30.14 6.89
CA SER B 260 37.86 30.96 7.28
C SER B 260 38.12 30.89 8.78
N ARG B 261 39.23 31.48 9.22
CA ARG B 261 39.60 31.52 10.63
C ARG B 261 38.65 32.43 11.43
N GLU B 262 38.09 33.44 10.76
CA GLU B 262 37.14 34.38 11.41
C GLU B 262 35.76 33.76 11.59
N CYS B 263 35.30 33.05 10.57
CA CYS B 263 34.07 32.24 10.65
C CYS B 263 34.19 31.09 11.64
N PHE B 264 35.40 30.57 11.83
CA PHE B 264 35.68 29.55 12.84
C PHE B 264 35.61 30.14 14.25
N ASN B 265 36.25 31.29 14.46
CA ASN B 265 36.33 31.90 15.78
C ASN B 265 34.98 32.38 16.32
N GLN B 266 34.11 32.88 15.43
CA GLN B 266 32.75 33.30 15.81
C GLN B 266 31.87 32.09 16.16
N ALA B 267 32.03 31.00 15.41
CA ALA B 267 31.28 29.77 15.66
C ALA B 267 31.74 29.13 16.96
N LYS B 268 33.04 29.04 17.15
CA LYS B 268 33.61 28.57 18.41
C LYS B 268 33.12 29.41 19.59
N GLY B 269 33.09 30.74 19.41
CA GLY B 269 32.73 31.65 20.48
C GLY B 269 33.70 31.51 21.64
N SER B 270 33.18 31.38 22.85
CA SER B 270 34.00 31.25 24.06
C SER B 270 34.28 29.79 24.48
N MET B 271 33.94 28.81 23.64
CA MET B 271 34.16 27.38 23.96
C MET B 271 35.63 27.00 23.94
N ASP B 272 36.06 26.26 24.96
CA ASP B 272 37.32 25.53 24.92
C ASP B 272 37.04 24.19 24.25
N LEU B 273 37.38 24.09 22.97
CA LEU B 273 37.09 22.88 22.18
C LEU B 273 37.80 21.63 22.71
N GLU B 274 39.01 21.79 23.22
CA GLU B 274 39.75 20.69 23.87
C GLU B 274 38.90 20.04 24.97
N SER B 275 38.25 20.88 25.78
CA SER B 275 37.40 20.41 26.87
C SER B 275 36.19 19.61 26.37
N VAL B 276 35.62 20.03 25.25
CA VAL B 276 34.51 19.32 24.58
C VAL B 276 34.98 18.00 23.98
N PHE B 277 36.13 18.03 23.27
CA PHE B 277 36.67 16.83 22.63
C PHE B 277 37.02 15.73 23.63
N ALA B 278 37.57 16.12 24.79
CA ALA B 278 37.91 15.19 25.86
C ALA B 278 36.70 14.42 26.41
N LYS B 279 35.53 15.05 26.40
CA LYS B 279 34.30 14.41 26.86
C LYS B 279 33.79 13.30 25.94
N LYS B 280 34.21 13.30 24.68
CA LYS B 280 33.76 12.33 23.69
C LYS B 280 34.17 10.90 24.07
N GLU B 281 33.24 9.96 23.92
CA GLU B 281 33.45 8.58 24.32
C GLU B 281 33.64 7.71 23.10
N TYR B 282 34.60 6.79 23.19
CA TYR B 282 34.87 5.80 22.14
C TYR B 282 34.66 4.37 22.66
N SER B 283 33.77 4.20 23.65
CA SER B 283 33.33 2.87 24.05
C SER B 283 32.46 2.32 22.93
N GLN B 284 32.45 1.00 22.79
CA GLN B 284 31.79 0.31 21.66
C GLN B 284 32.45 0.63 20.31
N GLN B 285 33.75 0.96 20.32
CA GLN B 285 34.47 1.35 19.11
C GLN B 285 35.88 0.78 19.11
N ARG B 286 36.35 0.42 17.91
CA ARG B 286 37.69 -0.11 17.71
C ARG B 286 38.22 0.26 16.33
N VAL B 287 39.54 0.18 16.18
CA VAL B 287 40.21 0.39 14.90
C VAL B 287 40.95 -0.90 14.55
N VAL B 288 40.63 -1.44 13.38
CA VAL B 288 41.34 -2.61 12.83
C VAL B 288 42.35 -2.09 11.82
N THR B 289 43.62 -2.45 12.01
CA THR B 289 44.69 -2.06 11.08
C THR B 289 45.14 -3.22 10.20
N ASN B 290 45.63 -2.91 9.01
CA ASN B 290 46.28 -3.90 8.13
C ASN B 290 47.21 -3.21 7.12
N SER B 291 47.77 -3.97 6.19
CA SER B 291 48.65 -3.42 5.14
C SER B 291 47.96 -2.43 4.19
N LYS B 292 46.64 -2.58 4.01
CA LYS B 292 45.84 -1.67 3.17
C LYS B 292 45.42 -0.37 3.88
N GLY B 293 45.15 -0.44 5.18
CA GLY B 293 44.86 0.77 5.97
C GLY B 293 44.28 0.53 7.35
N VAL B 294 43.52 1.51 7.84
CA VAL B 294 42.84 1.42 9.13
C VAL B 294 41.33 1.47 8.89
N THR B 295 40.57 0.86 9.79
CA THR B 295 39.11 0.79 9.67
C THR B 295 38.45 0.99 11.03
N LEU B 296 37.70 2.09 11.16
CA LEU B 296 36.91 2.35 12.35
C LEU B 296 35.64 1.50 12.30
N GLU B 297 35.35 0.78 13.38
CA GLU B 297 34.16 -0.04 13.51
C GLU B 297 33.46 0.24 14.84
N THR B 298 32.11 0.26 14.84
CA THR B 298 31.31 0.37 16.07
C THR B 298 30.53 -0.91 16.30
N LYS B 299 30.37 -1.28 17.58
CA LYS B 299 29.61 -2.47 17.98
C LYS B 299 28.24 -2.08 18.51
N SER B 300 27.18 -2.66 17.93
CA SER B 300 25.81 -2.46 18.41
C SER B 300 25.41 -3.56 19.42
N ALA B 301 24.22 -3.41 20.01
CA ALA B 301 23.73 -4.31 21.08
C ALA B 301 23.77 -5.81 20.74
N ASN B 302 23.58 -6.14 19.47
CA ASN B 302 23.64 -7.53 18.97
C ASN B 302 25.06 -8.17 18.87
N GLU B 303 26.08 -7.49 19.37
CA GLU B 303 27.49 -7.98 19.39
C GLU B 303 28.11 -8.08 17.98
N LEU B 304 27.74 -7.16 17.09
CA LEU B 304 28.25 -7.15 15.71
C LEU B 304 28.98 -5.84 15.40
N TRP B 305 30.21 -5.98 14.93
CA TRP B 305 30.99 -4.84 14.44
C TRP B 305 30.61 -4.52 13.01
N SER B 306 30.31 -3.25 12.73
CA SER B 306 30.08 -2.76 11.36
C SER B 306 31.03 -1.61 11.04
N LYS B 307 31.47 -1.55 9.78
CA LYS B 307 32.44 -0.56 9.32
C LYS B 307 31.81 0.84 9.26
N VAL B 308 32.44 1.80 9.94
CA VAL B 308 32.01 3.20 9.92
C VAL B 308 32.82 4.01 8.89
N GLU B 309 34.12 3.77 8.84
CA GLU B 309 35.06 4.56 8.05
C GLU B 309 36.31 3.74 7.71
N GLN B 310 36.79 3.84 6.47
CA GLN B 310 38.07 3.23 6.06
C GLN B 310 38.99 4.30 5.50
N ILE B 311 40.23 4.33 5.98
CA ILE B 311 41.26 5.29 5.54
C ILE B 311 42.44 4.48 4.97
N PRO B 312 42.73 4.61 3.66
CA PRO B 312 43.86 3.84 3.11
C PRO B 312 45.21 4.38 3.61
N VAL B 313 46.06 3.49 4.10
CA VAL B 313 47.38 3.84 4.65
C VAL B 313 48.31 2.66 4.37
N THR B 314 49.53 2.96 3.93
CA THR B 314 50.54 1.94 3.65
C THR B 314 51.54 1.84 4.81
N GLY B 315 52.04 0.63 5.05
CA GLY B 315 53.15 0.39 5.98
C GLY B 315 52.78 0.03 7.41
N MET B 316 51.54 -0.44 7.63
CA MET B 316 51.05 -0.78 8.96
C MET B 316 50.87 -2.29 9.10
N LYS B 317 51.22 -2.80 10.28
CA LYS B 317 51.04 -4.22 10.60
C LYS B 317 49.58 -4.47 11.00
N ALA B 318 49.23 -5.73 11.20
CA ALA B 318 47.87 -6.12 11.56
C ALA B 318 47.64 -5.89 13.04
N GLY B 319 46.45 -5.42 13.39
CA GLY B 319 46.15 -5.13 14.79
C GLY B 319 44.70 -4.76 15.00
N ILE B 320 44.24 -4.98 16.24
CA ILE B 320 42.91 -4.56 16.68
C ILE B 320 43.09 -3.74 17.96
N TYR B 321 42.61 -2.51 17.94
CA TYR B 321 42.78 -1.57 19.03
C TYR B 321 41.42 -1.08 19.50
N LEU B 322 41.14 -1.28 20.79
CA LEU B 322 39.88 -0.84 21.40
C LEU B 322 40.03 0.59 21.92
N LEU B 323 39.38 1.53 21.24
CA LEU B 323 39.54 2.96 21.51
C LEU B 323 39.02 3.39 22.88
N GLY B 324 38.00 2.68 23.37
CA GLY B 324 37.43 2.93 24.69
C GLY B 324 38.35 2.60 25.85
N GLN B 325 39.34 1.74 25.62
CA GLN B 325 40.32 1.34 26.65
C GLN B 325 41.64 2.11 26.56
N ALA B 326 41.67 3.23 25.85
CA ALA B 326 42.90 4.02 25.69
C ALA B 326 43.13 4.86 26.95
N LYS B 327 44.39 4.94 27.39
CA LYS B 327 44.75 5.78 28.53
C LYS B 327 44.87 7.22 28.09
N LYS B 328 44.25 8.14 28.83
CA LYS B 328 44.39 9.58 28.54
C LYS B 328 45.83 10.01 28.81
N ALA B 329 46.41 10.74 27.87
CA ALA B 329 47.78 11.23 27.98
C ALA B 329 47.85 12.27 29.08
N GLU B 330 48.75 12.05 30.04
CA GLU B 330 49.00 13.02 31.12
C GLU B 330 49.93 14.10 30.60
N THR B 331 49.71 15.33 31.06
CA THR B 331 50.51 16.48 30.63
C THR B 331 51.91 16.42 31.22
N GLY B 332 52.90 16.89 30.45
CA GLY B 332 54.31 16.91 30.86
C GLY B 332 55.16 15.81 30.26
N GLN B 333 54.61 14.59 30.21
CA GLN B 333 55.35 13.42 29.74
C GLN B 333 55.38 13.28 28.21
N THR B 334 56.24 12.39 27.72
CA THR B 334 56.43 12.14 26.29
C THR B 334 55.98 10.71 25.93
N TYR B 335 55.12 10.61 24.92
CA TYR B 335 54.57 9.32 24.48
C TYR B 335 55.07 9.00 23.08
N SER B 336 55.81 7.89 22.94
CA SER B 336 56.47 7.51 21.68
C SER B 336 55.80 6.27 21.09
N GLY B 337 55.39 6.36 19.82
CA GLY B 337 54.70 5.25 19.16
C GLY B 337 54.01 5.61 17.87
N GLU B 338 53.41 4.60 17.23
CA GLU B 338 52.74 4.76 15.92
C GLU B 338 51.31 5.28 16.08
N ILE B 339 50.94 6.28 15.31
CA ILE B 339 49.57 6.78 15.29
C ILE B 339 48.73 5.79 14.51
N ILE B 340 47.73 5.19 15.17
CA ILE B 340 46.86 4.20 14.54
C ILE B 340 45.53 4.77 14.05
N TYR B 341 45.08 5.89 14.63
CA TYR B 341 43.84 6.54 14.21
C TYR B 341 43.78 7.97 14.74
N LYS B 342 43.08 8.83 14.00
CA LYS B 342 42.73 10.17 14.48
C LYS B 342 41.46 10.69 13.81
N ASP B 343 40.78 11.59 14.50
CA ASP B 343 39.59 12.26 13.98
C ASP B 343 39.61 13.71 14.47
N ALA B 344 38.47 14.41 14.37
CA ALA B 344 38.41 15.81 14.79
C ALA B 344 38.61 16.02 16.30
N ALA B 345 38.37 14.98 17.10
CA ALA B 345 38.43 15.07 18.56
C ALA B 345 39.70 14.51 19.17
N ALA B 346 40.20 13.38 18.64
CA ALA B 346 41.25 12.60 19.30
C ALA B 346 42.33 12.06 18.36
N VAL B 347 43.50 11.79 18.94
CA VAL B 347 44.61 11.14 18.25
C VAL B 347 45.02 9.94 19.10
N PHE B 348 44.98 8.74 18.52
CA PHE B 348 45.30 7.49 19.22
C PHE B 348 46.66 6.94 18.82
N GLN B 349 47.54 6.80 19.80
CA GLN B 349 48.93 6.37 19.60
C GLN B 349 49.18 5.06 20.35
N LYS B 350 49.67 4.05 19.64
CA LYS B 350 50.07 2.78 20.25
C LYS B 350 51.49 2.88 20.79
N THR B 351 51.62 3.03 22.12
CA THR B 351 52.93 3.06 22.78
C THR B 351 53.27 1.68 23.34
N LYS B 352 54.45 1.56 23.94
CA LYS B 352 54.88 0.30 24.56
C LYS B 352 54.06 -0.06 25.81
N ASN B 353 53.48 0.93 26.47
CA ASN B 353 52.56 0.73 27.60
C ASN B 353 51.07 0.78 27.18
N GLY B 354 50.77 0.28 25.98
CA GLY B 354 49.40 0.24 25.46
C GLY B 354 48.97 1.49 24.71
N LEU B 355 47.69 1.50 24.32
CA LEU B 355 47.11 2.57 23.51
C LEU B 355 46.90 3.85 24.33
N VAL B 356 47.36 4.98 23.80
CA VAL B 356 47.24 6.28 24.45
C VAL B 356 46.35 7.20 23.61
N ARG B 357 45.55 8.02 24.28
CA ARG B 357 44.67 8.99 23.64
C ARG B 357 45.14 10.42 23.93
N HIS B 358 45.35 11.19 22.88
CA HIS B 358 45.62 12.62 22.99
C HIS B 358 44.39 13.37 22.50
N ASN B 359 44.10 14.52 23.10
CA ASN B 359 43.11 15.43 22.53
C ASN B 359 43.70 16.00 21.25
N ALA B 360 42.86 16.15 20.22
CA ALA B 360 43.28 16.67 18.92
C ALA B 360 43.70 18.15 18.97
N THR B 361 43.20 18.88 19.98
CA THR B 361 43.67 20.23 20.31
C THR B 361 44.34 20.19 21.69
N HIS B 362 45.39 20.99 21.85
CA HIS B 362 46.09 21.13 23.12
C HIS B 362 46.46 22.61 23.34
N ASN B 363 45.67 23.28 24.18
CA ASN B 363 45.85 24.71 24.49
C ASN B 363 45.82 25.56 23.22
N GLU B 364 44.69 25.50 22.52
CA GLU B 364 44.46 26.24 21.27
C GLU B 364 45.48 25.91 20.15
N GLU B 365 46.10 24.73 20.22
CA GLU B 365 47.17 24.34 19.32
C GLU B 365 46.83 22.96 18.78
N ARG B 366 46.80 22.82 17.45
CA ARG B 366 46.15 21.69 16.81
C ARG B 366 47.09 20.50 16.58
N LEU B 367 46.96 19.47 17.44
CA LEU B 367 47.83 18.28 17.38
C LEU B 367 47.58 17.40 16.16
N ALA B 368 46.31 17.23 15.80
CA ALA B 368 45.91 16.30 14.72
C ALA B 368 46.61 16.56 13.38
N LYS B 369 46.78 17.83 13.03
CA LYS B 369 47.46 18.22 11.79
C LYS B 369 48.98 17.97 11.79
N LEU B 370 49.58 17.88 12.98
CA LEU B 370 51.02 17.61 13.10
C LEU B 370 51.43 16.12 12.98
N VAL B 371 50.47 15.20 12.88
CA VAL B 371 50.76 13.75 12.77
C VAL B 371 49.85 13.07 11.75
N GLU B 372 50.36 12.00 11.13
CA GLU B 372 49.61 11.23 10.16
C GLU B 372 49.45 9.79 10.64
N ILE B 373 48.34 9.15 10.25
CA ILE B 373 48.07 7.77 10.62
C ILE B 373 49.13 6.88 9.95
N GLY B 374 49.71 5.98 10.73
CA GLY B 374 50.84 5.16 10.28
C GLY B 374 52.21 5.72 10.66
N GLN B 375 52.28 7.03 10.95
CA GLN B 375 53.53 7.68 11.29
C GLN B 375 53.96 7.35 12.74
N ASN B 376 55.26 7.17 12.93
CA ASN B 376 55.83 6.88 14.25
C ASN B 376 56.42 8.18 14.82
N VAL B 377 55.86 8.65 15.92
CA VAL B 377 56.20 9.96 16.48
C VAL B 377 56.30 9.92 18.00
N SER B 378 56.93 10.95 18.57
CA SER B 378 56.84 11.22 20.01
C SER B 378 56.06 12.52 20.22
N ILE B 379 55.07 12.47 21.11
CA ILE B 379 54.26 13.65 21.46
C ILE B 379 54.49 13.99 22.94
N GLY B 380 54.91 15.23 23.21
CA GLY B 380 55.11 15.72 24.59
C GLY B 380 54.88 17.22 24.70
N SER B 381 54.43 17.65 25.88
CA SER B 381 54.08 19.05 26.13
C SER B 381 54.97 19.65 27.20
N ASN B 382 55.85 20.57 26.78
CA ASN B 382 56.77 21.27 27.68
C ASN B 382 56.27 22.70 27.94
N LYS B 383 55.86 22.95 29.18
CA LYS B 383 55.34 24.27 29.62
C LYS B 383 54.08 24.67 28.85
N GLY B 384 53.15 23.73 28.71
CA GLY B 384 51.93 23.93 27.91
C GLY B 384 52.17 24.26 26.44
N LYS B 385 53.27 23.74 25.88
CA LYS B 385 53.69 24.01 24.50
C LYS B 385 54.11 22.68 23.85
N LEU B 386 53.52 22.39 22.70
CA LEU B 386 53.62 21.05 22.08
C LEU B 386 54.98 20.79 21.42
N ILE B 387 55.50 19.58 21.63
CA ILE B 387 56.69 19.10 20.95
C ILE B 387 56.37 17.75 20.30
N VAL B 388 56.28 17.76 18.96
CA VAL B 388 56.05 16.54 18.19
C VAL B 388 57.27 16.27 17.32
N LYS B 389 57.99 15.17 17.61
CA LYS B 389 59.14 14.74 16.80
C LYS B 389 58.79 13.48 16.03
N SER B 390 59.32 13.36 14.82
CA SER B 390 59.26 12.12 14.05
C SER B 390 60.28 11.11 14.57
N LEU B 391 59.89 9.84 14.59
CA LEU B 391 60.79 8.74 14.94
C LEU B 391 60.95 7.77 13.76
N GLU B 392 60.57 8.20 12.56
CA GLU B 392 60.69 7.37 11.36
C GLU B 392 62.16 7.16 11.01
N TYR B 393 62.50 5.92 10.67
CA TYR B 393 63.86 5.58 10.27
C TYR B 393 63.89 4.37 9.34
N SER B 394 65.03 4.20 8.67
CA SER B 394 65.30 3.05 7.84
C SER B 394 66.68 2.49 8.26
N ALA B 395 66.72 1.19 8.57
CA ALA B 395 67.93 0.51 9.06
C ALA B 395 67.81 -1.01 8.91
N GLN C 7 15.04 -16.70 -13.23
CA GLN C 7 14.69 -15.64 -12.23
C GLN C 7 15.20 -15.97 -10.82
N GLU C 8 14.79 -17.13 -10.30
CA GLU C 8 15.12 -17.54 -8.91
C GLU C 8 15.15 -19.06 -8.74
N SER C 9 15.92 -19.53 -7.76
CA SER C 9 16.00 -20.96 -7.42
C SER C 9 14.69 -21.47 -6.83
N ASN C 10 14.55 -22.79 -6.80
CA ASN C 10 13.29 -23.42 -6.34
C ASN C 10 13.07 -23.26 -4.84
N ALA C 11 14.17 -23.25 -4.08
CA ALA C 11 14.13 -23.03 -2.64
C ALA C 11 13.52 -21.68 -2.28
N ILE C 12 13.91 -20.64 -3.03
CA ILE C 12 13.46 -19.27 -2.76
C ILE C 12 11.97 -19.09 -3.08
N ARG C 13 11.50 -19.71 -4.17
CA ARG C 13 10.08 -19.69 -4.53
C ARG C 13 9.25 -20.47 -3.51
N MET C 14 9.75 -21.67 -3.18
CA MET C 14 9.20 -22.51 -2.11
C MET C 14 9.00 -21.72 -0.80
N ILE C 15 10.02 -20.93 -0.41
CA ILE C 15 9.95 -20.09 0.78
C ILE C 15 8.95 -18.94 0.63
N LYS C 16 8.95 -18.27 -0.52
CA LYS C 16 7.99 -17.17 -0.80
C LYS C 16 6.53 -17.64 -0.78
N GLU C 17 6.28 -18.81 -1.35
CA GLU C 17 4.93 -19.41 -1.34
C GLU C 17 4.49 -19.81 0.06
N ALA C 18 5.45 -20.20 0.90
CA ALA C 18 5.17 -20.46 2.32
C ALA C 18 4.71 -19.17 3.02
N CYS C 19 5.37 -18.05 2.71
CA CYS C 19 4.94 -16.74 3.24
C CYS C 19 3.52 -16.36 2.83
N GLU C 20 3.13 -16.67 1.59
CA GLU C 20 1.75 -16.42 1.12
C GLU C 20 0.73 -17.24 1.92
N LYS C 21 1.04 -18.51 2.17
CA LYS C 21 0.18 -19.37 3.00
C LYS C 21 0.21 -18.96 4.47
N ASN C 22 1.34 -18.45 4.97
CA ASN C 22 1.40 -17.83 6.30
C ASN C 22 0.45 -16.62 6.39
N ARG C 23 0.36 -15.85 5.31
CA ARG C 23 -0.59 -14.73 5.25
C ARG C 23 -2.05 -15.18 5.17
N ARG C 24 -2.32 -16.29 4.48
CA ARG C 24 -3.68 -16.87 4.44
C ARG C 24 -4.14 -17.42 5.81
N MET C 25 -3.19 -17.91 6.61
CA MET C 25 -3.51 -18.35 7.99
C MET C 25 -4.08 -17.23 8.87
N MET C 26 -3.64 -15.99 8.64
CA MET C 26 -4.12 -14.83 9.40
C MET C 26 -5.58 -14.48 9.07
N THR C 27 -5.93 -14.51 7.79
CA THR C 27 -7.28 -14.21 7.34
C THR C 27 -8.21 -15.42 7.45
N ASP C 28 -7.84 -16.50 6.76
CA ASP C 28 -8.61 -17.76 6.75
C ASP C 28 -8.25 -18.58 8.00
N GLU C 29 -9.11 -18.56 9.01
CA GLU C 29 -8.89 -19.33 10.25
C GLU C 29 -9.20 -20.83 10.08
N ALA C 30 -10.09 -21.17 9.14
CA ALA C 30 -10.37 -22.58 8.81
C ALA C 30 -9.17 -23.28 8.17
N PHE C 31 -8.33 -22.52 7.48
CA PHE C 31 -7.04 -22.99 6.95
C PHE C 31 -6.00 -23.18 8.07
N ARG C 32 -5.94 -22.23 9.01
CA ARG C 32 -4.98 -22.26 10.12
C ARG C 32 -5.18 -23.45 11.06
N LYS C 33 -6.43 -23.79 11.36
CA LYS C 33 -6.73 -24.92 12.23
C LYS C 33 -6.41 -26.28 11.60
N GLU C 34 -6.50 -26.36 10.26
CA GLU C 34 -6.06 -27.55 9.52
C GLU C 34 -4.54 -27.72 9.55
N VAL C 35 -3.79 -26.62 9.48
CA VAL C 35 -2.32 -26.65 9.57
C VAL C 35 -1.86 -26.95 11.00
N GLU C 36 -2.30 -26.15 11.96
CA GLU C 36 -1.81 -26.19 13.34
C GLU C 36 -2.27 -27.40 14.19
N LYS C 37 -3.23 -28.18 13.71
CA LYS C 37 -3.71 -29.39 14.40
C LYS C 37 -2.63 -30.48 14.51
N ARG C 38 -2.04 -30.81 13.36
CA ARG C 38 -1.15 -31.96 13.25
C ARG C 38 0.25 -31.75 13.88
N LEU C 39 0.73 -30.51 13.88
CA LEU C 39 2.16 -30.22 14.06
C LEU C 39 2.82 -30.77 15.32
N TYR C 40 2.35 -30.31 16.49
CA TYR C 40 2.98 -30.64 17.76
C TYR C 40 2.20 -31.68 18.58
N ALA C 41 1.28 -32.39 17.91
CA ALA C 41 0.36 -33.34 18.55
C ALA C 41 1.03 -34.48 19.33
N GLY C 42 2.22 -34.89 18.89
CA GLY C 42 2.85 -36.11 19.37
C GLY C 42 2.65 -37.17 18.31
N PRO C 43 3.18 -38.39 18.56
CA PRO C 43 3.10 -39.44 17.55
C PRO C 43 1.67 -39.91 17.30
N SER C 44 1.38 -40.30 16.06
CA SER C 44 0.06 -40.84 15.70
C SER C 44 -0.16 -42.23 16.35
N PRO C 45 -1.42 -42.70 16.42
CA PRO C 45 -1.69 -44.06 16.90
C PRO C 45 -0.96 -45.18 16.15
N GLU C 46 -0.84 -45.06 14.83
CA GLU C 46 -0.15 -46.08 14.01
C GLU C 46 1.37 -46.10 14.28
N LEU C 47 1.95 -44.91 14.46
CA LEU C 47 3.36 -44.78 14.86
C LEU C 47 3.58 -45.22 16.31
N LEU C 48 2.67 -44.84 17.21
CA LEU C 48 2.81 -45.13 18.64
C LEU C 48 2.80 -46.63 18.94
N ALA C 49 1.97 -47.39 18.20
CA ALA C 49 1.95 -48.86 18.29
C ALA C 49 3.30 -49.49 17.91
N LYS C 50 3.90 -49.00 16.83
CA LYS C 50 5.26 -49.41 16.42
C LYS C 50 6.29 -49.08 17.50
N LEU C 51 6.23 -47.86 18.03
CA LEU C 51 7.13 -47.40 19.10
C LEU C 51 7.05 -48.23 20.39
N ARG C 52 5.84 -48.65 20.77
CA ARG C 52 5.65 -49.50 21.95
C ARG C 52 6.37 -50.85 21.83
N VAL C 53 6.41 -51.40 20.61
CA VAL C 53 7.12 -52.67 20.35
C VAL C 53 8.64 -52.45 20.46
N LEU C 54 9.11 -51.36 19.86
CA LEU C 54 10.53 -50.99 19.94
C LEU C 54 10.99 -50.71 21.36
N TRP C 55 10.15 -50.04 22.15
CA TRP C 55 10.48 -49.73 23.55
C TRP C 55 10.43 -50.98 24.43
N ALA C 56 9.34 -51.74 24.30
CA ALA C 56 9.11 -52.94 25.12
C ALA C 56 10.14 -54.06 24.87
N ALA C 57 10.62 -54.16 23.63
CA ALA C 57 11.62 -55.17 23.27
C ALA C 57 13.04 -54.82 23.70
N ASN C 58 13.30 -53.59 24.16
CA ASN C 58 14.65 -53.14 24.48
C ASN C 58 14.77 -52.53 25.87
N LYS C 59 14.16 -53.20 26.85
CA LYS C 59 14.23 -52.77 28.26
C LYS C 59 15.01 -53.79 29.08
N VAL D 2 24.14 -48.37 11.49
CA VAL D 2 24.26 -46.88 11.57
C VAL D 2 24.62 -46.46 12.99
N LYS D 3 25.72 -45.75 13.13
CA LYS D 3 26.15 -45.23 14.42
C LYS D 3 25.85 -43.75 14.48
N LEU D 4 25.77 -43.21 15.68
CA LEU D 4 25.49 -41.80 15.88
C LEU D 4 26.65 -40.95 15.38
N SER D 5 26.33 -39.80 14.80
CA SER D 5 27.33 -38.86 14.28
C SER D 5 28.34 -38.40 15.33
N SER D 6 27.90 -38.28 16.58
CA SER D 6 28.74 -37.76 17.64
C SER D 6 28.39 -38.34 19.00
N ASP D 7 29.20 -37.98 19.99
CA ASP D 7 28.93 -38.30 21.39
C ASP D 7 27.80 -37.40 21.89
N ILE D 8 26.91 -37.96 22.70
CA ILE D 8 25.81 -37.22 23.28
C ILE D 8 26.31 -36.58 24.58
N ASN D 9 26.22 -35.26 24.67
CA ASN D 9 26.67 -34.53 25.86
C ASN D 9 25.76 -34.79 27.06
N LEU D 10 26.37 -35.15 28.19
CA LEU D 10 25.67 -35.31 29.46
C LEU D 10 25.48 -33.95 30.09
N ARG D 11 24.26 -33.66 30.51
CA ARG D 11 24.00 -32.51 31.36
C ARG D 11 24.09 -32.98 32.82
N ASP D 12 24.50 -32.07 33.69
CA ASP D 12 24.54 -32.33 35.12
C ASP D 12 23.20 -31.91 35.71
N PHE D 13 22.43 -32.87 36.19
CA PHE D 13 21.17 -32.61 36.89
C PHE D 13 21.34 -32.61 38.41
N GLY D 14 22.55 -32.94 38.87
CA GLY D 14 22.88 -32.92 40.30
C GLY D 14 22.13 -33.99 41.06
N ASN D 15 21.43 -33.56 42.10
CA ASN D 15 20.69 -34.47 43.00
C ASN D 15 19.42 -35.04 42.38
N ASN D 16 18.91 -34.43 41.31
CA ASN D 16 17.72 -34.93 40.61
C ASN D 16 18.01 -36.31 39.97
N GLU D 17 17.74 -37.36 40.76
CA GLU D 17 18.03 -38.75 40.36
C GLU D 17 17.11 -39.19 39.20
N TYR D 18 15.89 -38.66 39.16
CA TYR D 18 14.91 -38.93 38.10
C TYR D 18 15.42 -38.55 36.70
N LEU D 19 15.82 -37.28 36.54
CA LEU D 19 16.31 -36.79 35.25
C LEU D 19 17.67 -37.37 34.85
N SER D 20 18.50 -37.71 35.85
CA SER D 20 19.76 -38.40 35.60
C SER D 20 19.53 -39.76 34.96
N SER D 21 18.52 -40.49 35.47
CA SER D 21 18.14 -41.79 34.92
C SER D 21 17.37 -41.69 33.60
N VAL D 22 16.49 -40.69 33.47
CA VAL D 22 15.83 -40.41 32.18
C VAL D 22 16.86 -40.08 31.09
N GLN D 23 17.88 -39.29 31.45
CA GLN D 23 18.99 -38.98 30.55
C GLN D 23 19.79 -40.22 30.15
N ASP D 24 20.09 -41.08 31.12
CA ASP D 24 20.81 -42.32 30.83
C ASP D 24 20.00 -43.22 29.91
N GLU D 25 18.72 -43.41 30.23
CA GLU D 25 17.78 -44.15 29.38
C GLU D 25 17.73 -43.63 27.93
N ALA D 26 17.65 -42.31 27.79
CA ALA D 26 17.57 -41.67 26.47
C ALA D 26 18.85 -41.88 25.66
N ILE D 27 20.01 -41.66 26.29
CA ILE D 27 21.33 -41.88 25.66
C ILE D 27 21.53 -43.34 25.25
N ARG D 28 21.05 -44.27 26.07
CA ARG D 28 21.15 -45.70 25.76
C ARG D 28 20.27 -46.06 24.56
N PHE D 29 19.03 -45.60 24.58
CA PHE D 29 18.08 -45.85 23.50
C PHE D 29 18.60 -45.32 22.15
N ALA D 30 19.07 -44.07 22.14
CA ALA D 30 19.54 -43.43 20.92
C ALA D 30 20.77 -44.12 20.32
N THR D 31 21.69 -44.54 21.19
CA THR D 31 22.92 -45.20 20.76
C THR D 31 22.65 -46.60 20.22
N GLU D 32 21.98 -47.42 21.03
CA GLU D 32 21.79 -48.84 20.74
C GLU D 32 20.72 -49.16 19.68
N GLN D 33 19.69 -48.31 19.58
CA GLN D 33 18.58 -48.53 18.63
C GLN D 33 18.50 -47.47 17.52
N THR D 34 19.66 -47.01 17.06
CA THR D 34 19.73 -45.93 16.07
C THR D 34 19.03 -46.26 14.75
N ASP D 35 19.21 -47.48 14.26
CA ASP D 35 18.64 -47.89 12.97
C ASP D 35 17.12 -47.85 12.99
N GLU D 36 16.54 -48.47 14.01
CA GLU D 36 15.09 -48.60 14.10
C GLU D 36 14.42 -47.26 14.45
N ILE D 37 15.11 -46.42 15.23
CA ILE D 37 14.64 -45.06 15.53
C ILE D 37 14.58 -44.20 14.25
N LEU D 38 15.68 -44.19 13.51
CA LEU D 38 15.74 -43.45 12.24
C LEU D 38 14.72 -43.94 11.22
N SER D 39 14.45 -45.24 11.23
CA SER D 39 13.49 -45.86 10.31
C SER D 39 12.06 -45.43 10.65
N LEU D 40 11.72 -45.46 11.93
CA LEU D 40 10.42 -44.97 12.40
C LEU D 40 10.27 -43.46 12.20
N TYR D 41 11.37 -42.71 12.34
CA TYR D 41 11.37 -41.28 12.02
C TYR D 41 11.05 -41.06 10.55
N SER D 42 11.73 -41.79 9.68
CA SER D 42 11.63 -41.62 8.24
C SER D 42 10.31 -42.12 7.69
N GLN D 43 10.10 -43.43 7.82
CA GLN D 43 9.02 -44.13 7.11
C GLN D 43 7.62 -43.95 7.71
N HIS D 44 7.53 -43.46 8.95
CA HIS D 44 6.25 -43.48 9.69
C HIS D 44 5.84 -42.21 10.46
N ALA D 45 6.63 -41.13 10.41
CA ALA D 45 6.24 -39.85 11.02
C ALA D 45 6.08 -38.79 9.93
N ASP D 46 5.48 -37.65 10.28
CA ASP D 46 5.17 -36.58 9.33
C ASP D 46 6.42 -35.75 8.96
N THR D 47 7.38 -36.41 8.30
CA THR D 47 8.73 -35.88 8.11
C THR D 47 9.22 -35.90 6.65
N GLU D 48 8.30 -36.00 5.69
CA GLU D 48 8.64 -36.12 4.27
C GLU D 48 9.63 -37.28 4.01
N GLY D 49 9.35 -38.44 4.61
CA GLY D 49 10.23 -39.60 4.48
C GLY D 49 11.59 -39.45 5.15
N GLY D 50 11.65 -38.65 6.20
CA GLY D 50 12.90 -38.36 6.92
C GLY D 50 13.76 -37.25 6.34
N ARG D 51 13.19 -36.45 5.43
CA ARG D 51 13.90 -35.32 4.81
C ARG D 51 13.73 -34.02 5.59
N TYR D 52 12.58 -33.87 6.27
CA TYR D 52 12.42 -32.85 7.30
C TYR D 52 13.08 -33.39 8.56
N VAL D 53 14.18 -32.75 8.96
CA VAL D 53 15.00 -33.20 10.09
C VAL D 53 14.94 -32.16 11.20
N CYS D 54 14.50 -32.60 12.38
CA CYS D 54 14.30 -31.69 13.51
C CYS D 54 14.44 -32.48 14.81
N ALA D 55 15.36 -32.04 15.66
CA ALA D 55 15.52 -32.63 17.01
C ALA D 55 14.23 -32.68 17.82
N ASP D 56 13.33 -31.71 17.61
CA ASP D 56 12.08 -31.65 18.37
C ASP D 56 11.15 -32.79 17.99
N THR D 57 11.07 -33.09 16.70
CA THR D 57 10.27 -34.21 16.18
C THR D 57 10.85 -35.57 16.63
N PHE D 58 12.18 -35.66 16.72
CA PHE D 58 12.85 -36.85 17.26
C PHE D 58 12.46 -37.17 18.72
N LYS D 59 12.10 -36.16 19.51
CA LYS D 59 11.68 -36.37 20.91
C LYS D 59 10.45 -37.26 21.05
N GLU D 60 9.56 -37.21 20.06
CA GLU D 60 8.34 -38.03 20.04
C GLU D 60 8.58 -39.55 20.02
N LEU D 61 9.79 -39.98 19.63
CA LEU D 61 10.15 -41.40 19.58
C LEU D 61 10.77 -41.91 20.87
N PHE D 62 10.97 -41.04 21.86
CA PHE D 62 11.48 -41.45 23.17
C PHE D 62 10.30 -41.78 24.10
N PRO D 63 10.37 -42.89 24.86
CA PRO D 63 9.28 -43.28 25.77
C PRO D 63 8.89 -42.20 26.79
N ALA D 64 9.87 -41.48 27.33
CA ALA D 64 9.61 -40.44 28.33
C ALA D 64 8.71 -39.29 27.83
N PHE D 65 8.73 -39.04 26.52
CA PHE D 65 7.99 -37.94 25.91
C PHE D 65 6.53 -38.30 25.54
N GLU D 66 6.09 -39.53 25.84
CA GLU D 66 4.78 -40.05 25.40
C GLU D 66 3.60 -39.27 25.97
N ASN D 67 3.53 -39.15 27.30
CA ASN D 67 2.43 -38.46 27.96
C ASN D 67 2.72 -36.96 28.01
N LYS D 68 1.73 -36.15 27.61
CA LYS D 68 1.86 -34.68 27.57
C LYS D 68 2.27 -34.05 28.91
N GLU D 69 1.84 -34.64 30.01
CA GLU D 69 2.16 -34.12 31.35
C GLU D 69 3.65 -34.17 31.70
N ASP D 70 4.40 -35.09 31.10
CA ASP D 70 5.83 -35.28 31.40
C ASP D 70 6.79 -34.51 30.49
N ARG D 71 6.30 -33.96 29.38
CA ARG D 71 7.18 -33.45 28.32
C ARG D 71 8.11 -32.30 28.73
N ALA D 72 7.57 -31.31 29.43
CA ALA D 72 8.37 -30.16 29.89
C ALA D 72 9.47 -30.58 30.85
N THR D 73 9.16 -31.52 31.73
CA THR D 73 10.07 -31.97 32.77
C THR D 73 11.22 -32.78 32.20
N VAL D 74 10.90 -33.72 31.32
CA VAL D 74 11.91 -34.59 30.70
C VAL D 74 12.70 -33.95 29.55
N ASN D 75 12.27 -32.79 29.06
CA ASN D 75 12.78 -32.23 27.80
C ASN D 75 14.31 -32.09 27.74
N ASN D 76 14.88 -31.46 28.75
CA ASN D 76 16.33 -31.24 28.80
C ASN D 76 17.14 -32.51 29.01
N ALA D 77 16.53 -33.53 29.62
CA ALA D 77 17.20 -34.82 29.80
C ALA D 77 17.28 -35.61 28.52
N ILE D 78 16.34 -35.38 27.59
CA ILE D 78 16.33 -36.11 26.32
C ILE D 78 16.74 -35.28 25.10
N HIS D 79 16.92 -33.97 25.25
CA HIS D 79 17.18 -33.11 24.09
C HIS D 79 18.43 -33.49 23.30
N ASN D 80 19.55 -33.63 24.01
CA ASN D 80 20.84 -33.91 23.37
C ASN D 80 20.87 -35.25 22.62
N SER D 81 20.19 -36.26 23.17
CA SER D 81 20.00 -37.53 22.44
C SER D 81 19.18 -37.31 21.17
N ALA D 82 18.14 -36.48 21.26
CA ALA D 82 17.31 -36.13 20.09
C ALA D 82 18.05 -35.28 19.06
N ALA D 83 18.90 -34.37 19.52
CA ALA D 83 19.70 -33.53 18.64
C ALA D 83 20.77 -34.31 17.88
N VAL D 84 21.42 -35.27 18.55
CA VAL D 84 22.43 -36.12 17.90
C VAL D 84 21.78 -37.08 16.91
N LEU D 85 20.60 -37.59 17.25
CA LEU D 85 19.81 -38.40 16.31
C LEU D 85 19.44 -37.63 15.05
N SER D 86 19.10 -36.34 15.20
CA SER D 86 18.81 -35.48 14.04
C SER D 86 20.09 -35.19 13.23
N SER D 87 21.20 -34.97 13.92
CA SER D 87 22.51 -34.85 13.26
C SER D 87 22.84 -36.12 12.47
N THR D 88 22.59 -37.29 13.07
CA THR D 88 22.80 -38.57 12.40
C THR D 88 21.90 -38.71 11.19
N GLN D 89 20.63 -38.37 11.35
CA GLN D 89 19.66 -38.40 10.25
C GLN D 89 20.06 -37.46 9.11
N PHE D 90 20.62 -36.30 9.47
CA PHE D 90 21.15 -35.34 8.48
C PHE D 90 22.24 -35.98 7.62
N ASP D 91 23.18 -36.69 8.27
CA ASP D 91 24.25 -37.39 7.57
C ASP D 91 23.73 -38.49 6.65
N GLU D 92 22.77 -39.28 7.14
CA GLU D 92 22.19 -40.40 6.37
C GLU D 92 21.46 -39.97 5.11
N VAL D 93 20.78 -38.83 5.15
CA VAL D 93 20.09 -38.31 3.97
C VAL D 93 21.11 -37.83 2.91
N LEU D 94 22.23 -37.27 3.36
CA LEU D 94 23.30 -36.84 2.45
C LEU D 94 24.06 -38.00 1.76
N LYS D 95 24.18 -39.13 2.45
CA LYS D 95 24.80 -40.33 1.86
C LYS D 95 24.00 -40.96 0.71
N ARG D 96 22.67 -40.80 0.72
CA ARG D 96 21.83 -41.26 -0.39
C ARG D 96 22.26 -40.56 -1.68
N ASP D 97 22.69 -41.36 -2.67
CA ASP D 97 23.13 -40.85 -3.98
C ASP D 97 21.90 -40.48 -4.82
N GLU D 98 21.63 -39.18 -4.91
CA GLU D 98 20.38 -38.66 -5.51
C GLU D 98 20.67 -37.41 -6.35
N PRO D 99 21.17 -37.59 -7.60
CA PRO D 99 21.63 -36.44 -8.40
C PRO D 99 20.59 -35.33 -8.68
N GLN D 100 19.31 -35.69 -8.76
CA GLN D 100 18.25 -34.69 -8.97
C GLN D 100 17.93 -33.82 -7.73
N LYS D 101 18.34 -34.27 -6.54
CA LYS D 101 18.09 -33.56 -5.28
C LYS D 101 19.28 -32.64 -4.98
N LYS D 102 19.11 -31.35 -5.28
CA LYS D 102 20.22 -30.37 -5.22
C LYS D 102 20.14 -29.32 -4.11
N GLU D 103 18.98 -29.15 -3.46
CA GLU D 103 18.78 -28.08 -2.47
C GLU D 103 18.74 -28.61 -1.03
N VAL D 104 19.39 -27.88 -0.13
CA VAL D 104 19.32 -28.14 1.32
C VAL D 104 18.93 -26.84 2.01
N ILE D 105 17.86 -26.89 2.81
CA ILE D 105 17.32 -25.71 3.47
C ILE D 105 17.50 -25.84 4.98
N PHE D 106 17.97 -24.77 5.60
CA PHE D 106 18.03 -24.65 7.06
C PHE D 106 16.95 -23.66 7.49
N VAL D 107 16.19 -24.02 8.52
CA VAL D 107 15.14 -23.14 9.07
C VAL D 107 15.48 -22.91 10.53
N THR D 108 15.66 -21.64 10.90
CA THR D 108 16.08 -21.27 12.25
C THR D 108 15.29 -20.07 12.75
N GLY D 109 15.35 -19.86 14.06
CA GLY D 109 14.54 -18.83 14.71
C GLY D 109 14.18 -19.20 16.13
N ILE D 110 13.65 -18.19 16.83
CA ILE D 110 13.19 -18.34 18.21
C ILE D 110 12.01 -19.34 18.29
N PRO D 111 11.90 -20.11 19.40
CA PRO D 111 10.69 -20.92 19.60
C PRO D 111 9.40 -20.10 19.60
N GLY D 112 8.34 -20.65 19.02
CA GLY D 112 7.05 -19.97 18.93
C GLY D 112 6.89 -18.98 17.78
N SER D 113 7.89 -18.89 16.90
CA SER D 113 7.85 -17.95 15.77
C SER D 113 7.21 -18.50 14.49
N GLY D 114 6.71 -19.74 14.54
CA GLY D 114 6.05 -20.37 13.39
C GLY D 114 7.01 -21.01 12.40
N LYS D 115 8.19 -21.44 12.88
CA LYS D 115 9.16 -22.17 12.04
C LYS D 115 8.52 -23.41 11.43
N THR D 116 7.95 -24.26 12.30
CA THR D 116 7.36 -25.54 11.88
C THR D 116 6.10 -25.35 11.04
N SER D 117 5.25 -24.42 11.44
CA SER D 117 4.06 -24.08 10.65
C SER D 117 4.43 -23.51 9.27
N THR D 118 5.50 -22.73 9.21
CA THR D 118 6.03 -22.23 7.94
C THR D 118 6.50 -23.41 7.09
N VAL D 119 7.23 -24.34 7.69
CA VAL D 119 7.75 -25.53 7.00
C VAL D 119 6.61 -26.42 6.48
N LYS D 120 5.51 -26.51 7.21
CA LYS D 120 4.33 -27.23 6.72
C LYS D 120 3.79 -26.56 5.46
N ASN D 121 3.75 -25.23 5.47
CA ASN D 121 3.30 -24.45 4.31
C ASN D 121 4.24 -24.49 3.09
N MET D 122 5.49 -24.91 3.29
CA MET D 122 6.40 -25.19 2.17
C MET D 122 6.00 -26.50 1.51
N MET D 123 5.89 -26.50 0.19
CA MET D 123 5.63 -27.69 -0.59
C MET D 123 6.99 -28.25 -1.00
N MET D 124 7.19 -29.55 -0.77
CA MET D 124 8.46 -30.19 -1.14
C MET D 124 8.61 -30.24 -2.66
N GLN D 125 9.76 -29.76 -3.14
CA GLN D 125 10.09 -29.77 -4.55
C GLN D 125 10.90 -31.03 -4.84
N ASP D 126 10.97 -31.42 -6.12
CA ASP D 126 11.81 -32.54 -6.55
C ASP D 126 13.29 -32.30 -6.24
N THR D 127 13.71 -31.03 -6.27
CA THR D 127 15.09 -30.64 -5.99
C THR D 127 15.46 -30.58 -4.51
N THR D 128 14.47 -30.57 -3.61
CA THR D 128 14.72 -30.52 -2.17
C THR D 128 15.28 -31.84 -1.66
N LYS D 129 16.52 -31.82 -1.19
CA LYS D 129 17.17 -33.01 -0.64
C LYS D 129 16.90 -33.19 0.86
N LEU D 130 16.91 -32.07 1.58
CA LEU D 130 16.98 -32.11 3.03
C LEU D 130 16.56 -30.77 3.60
N LEU D 131 15.80 -30.78 4.70
CA LEU D 131 15.40 -29.55 5.38
C LEU D 131 15.60 -29.72 6.87
N PHE D 132 16.54 -28.94 7.43
CA PHE D 132 16.91 -29.04 8.85
C PHE D 132 16.41 -27.84 9.65
N GLU D 133 15.52 -28.10 10.61
CA GLU D 133 15.03 -27.08 11.53
C GLU D 133 15.85 -27.15 12.80
N GLY D 134 16.46 -26.03 13.19
CA GLY D 134 17.30 -25.98 14.39
C GLY D 134 17.96 -24.63 14.58
N GLN D 135 18.52 -24.40 15.77
CA GLN D 135 19.18 -23.13 16.06
C GLN D 135 20.48 -23.00 15.29
N LEU D 136 20.74 -21.80 14.78
CA LEU D 136 22.05 -21.44 14.21
C LEU D 136 22.68 -20.24 14.94
N ALA D 137 22.14 -19.87 16.10
CA ALA D 137 22.69 -18.78 16.92
C ALA D 137 24.05 -19.16 17.54
N ARG D 138 24.21 -20.45 17.87
CA ARG D 138 25.50 -21.05 18.20
C ARG D 138 25.84 -22.03 17.05
N PRO D 139 26.49 -21.52 15.98
CA PRO D 139 26.59 -22.28 14.73
C PRO D 139 27.76 -23.27 14.61
N GLN D 140 28.45 -23.60 15.70
CA GLN D 140 29.64 -24.47 15.63
C GLN D 140 29.31 -25.84 15.00
N SER D 141 28.22 -26.45 15.47
CA SER D 141 27.73 -27.71 14.93
C SER D 141 27.08 -27.55 13.55
N ALA D 142 26.55 -26.37 13.26
CA ALA D 142 25.99 -26.05 11.94
C ALA D 142 27.04 -25.85 10.85
N PHE D 143 28.28 -25.53 11.25
CA PHE D 143 29.39 -25.43 10.30
C PHE D 143 29.66 -26.78 9.66
N ARG D 144 29.73 -27.84 10.46
CA ARG D 144 29.95 -29.21 9.95
C ARG D 144 28.85 -29.65 8.96
N LYS D 145 27.61 -29.24 9.22
CA LYS D 145 26.48 -29.59 8.36
C LYS D 145 26.53 -28.86 7.02
N ILE D 146 26.77 -27.55 7.06
CA ILE D 146 26.86 -26.72 5.86
C ILE D 146 28.08 -27.15 5.02
N GLU D 147 29.20 -27.41 5.71
CA GLU D 147 30.41 -27.91 5.06
C GLU D 147 30.12 -29.14 4.19
N GLN D 148 29.42 -30.12 4.76
CA GLN D 148 29.04 -31.34 4.04
C GLN D 148 28.11 -31.11 2.85
N CYS D 149 27.26 -30.08 2.91
CA CYS D 149 26.37 -29.73 1.79
C CYS D 149 27.12 -29.12 0.60
N LEU D 150 28.08 -28.25 0.91
CA LEU D 150 28.92 -27.61 -0.11
C LEU D 150 29.92 -28.60 -0.73
N GLU D 151 30.39 -29.57 0.07
CA GLU D 151 31.20 -30.70 -0.45
C GLU D 151 30.53 -31.48 -1.59
N ARG D 152 29.20 -31.54 -1.60
CA ARG D 152 28.42 -32.27 -2.60
C ARG D 152 27.66 -31.34 -3.57
N ASN D 153 28.15 -30.10 -3.73
CA ASN D 153 27.55 -29.09 -4.61
C ASN D 153 26.04 -28.90 -4.41
N LEU D 154 25.61 -28.90 -3.15
CA LEU D 154 24.20 -28.69 -2.82
C LEU D 154 23.97 -27.21 -2.52
N GLU D 155 22.85 -26.67 -3.00
CA GLU D 155 22.51 -25.27 -2.79
C GLU D 155 21.95 -25.08 -1.37
N VAL D 156 22.76 -24.46 -0.52
CA VAL D 156 22.43 -24.25 0.89
C VAL D 156 21.70 -22.93 1.09
N THR D 157 20.42 -23.00 1.45
CA THR D 157 19.64 -21.84 1.84
C THR D 157 19.40 -21.85 3.36
N ILE D 158 19.37 -20.66 3.97
CA ILE D 158 19.11 -20.50 5.39
C ILE D 158 18.00 -19.47 5.57
N VAL D 159 16.87 -19.90 6.13
CA VAL D 159 15.74 -19.02 6.40
C VAL D 159 15.73 -18.73 7.89
N ALA D 160 15.91 -17.46 8.24
CA ALA D 160 15.83 -17.00 9.62
C ALA D 160 14.44 -16.43 9.89
N VAL D 161 13.58 -17.22 10.54
CA VAL D 161 12.24 -16.75 10.92
C VAL D 161 12.38 -15.90 12.19
N SER D 162 11.61 -14.81 12.27
CA SER D 162 11.74 -13.85 13.37
C SER D 162 10.39 -13.30 13.85
N MET D 163 10.36 -12.93 15.12
CA MET D 163 9.14 -12.44 15.79
C MET D 163 9.56 -11.84 17.13
N ARG D 164 8.77 -10.89 17.63
CA ARG D 164 8.96 -10.36 18.99
C ARG D 164 8.90 -11.50 20.00
N ALA D 165 9.81 -11.46 20.98
CA ALA D 165 9.83 -12.44 22.06
C ALA D 165 8.47 -12.62 22.74
N GLU D 166 7.76 -11.51 22.93
CA GLU D 166 6.47 -11.51 23.65
C GLU D 166 5.36 -12.24 22.88
N ARG D 167 5.26 -11.99 21.59
CA ARG D 167 4.26 -12.68 20.75
C ARG D 167 4.62 -14.17 20.58
N ALA D 168 5.92 -14.43 20.40
CA ALA D 168 6.43 -15.80 20.33
C ALA D 168 6.18 -16.57 21.63
N SER D 169 6.36 -15.89 22.76
CA SER D 169 6.07 -16.45 24.08
C SER D 169 4.60 -16.85 24.22
N ASP D 170 3.69 -15.99 23.76
CA ASP D 170 2.25 -16.30 23.77
C ASP D 170 1.91 -17.57 22.95
N ASN D 171 2.63 -17.79 21.86
CA ASN D 171 2.47 -19.01 21.05
C ASN D 171 2.95 -20.27 21.76
N THR D 172 4.02 -20.15 22.56
CA THR D 172 4.50 -21.28 23.36
C THR D 172 3.56 -21.59 24.52
N TYR D 173 2.89 -20.58 25.08
CA TYR D 173 1.86 -20.81 26.11
C TYR D 173 0.75 -21.71 25.58
N LYS D 174 0.24 -21.39 24.39
CA LYS D 174 -0.85 -22.14 23.76
C LYS D 174 -0.42 -23.55 23.40
N ARG D 175 0.78 -23.67 22.86
CA ARG D 175 1.35 -24.97 22.54
C ARG D 175 1.59 -25.81 23.79
N PHE D 176 1.98 -25.16 24.89
CA PHE D 176 2.16 -25.86 26.17
C PHE D 176 0.85 -26.37 26.76
N ASN D 177 -0.18 -25.52 26.78
CA ASN D 177 -1.45 -25.89 27.38
C ASN D 177 -2.15 -27.00 26.60
N GLU D 178 -2.00 -27.00 25.28
CA GLU D 178 -2.61 -28.03 24.43
C GLU D 178 -1.79 -29.33 24.44
N TYR D 179 -0.48 -29.23 24.21
CA TYR D 179 0.39 -30.39 23.96
C TYR D 179 1.51 -30.64 24.99
N GLY D 180 1.60 -29.82 26.02
CA GLY D 180 2.67 -29.94 27.03
C GLY D 180 4.07 -29.56 26.58
N ARG D 181 4.17 -28.88 25.42
CA ARG D 181 5.44 -28.57 24.76
C ARG D 181 5.58 -27.08 24.61
N GLY D 182 6.41 -26.47 25.45
CA GLY D 182 6.67 -25.03 25.42
C GLY D 182 8.11 -24.69 25.14
N ALA D 183 8.58 -23.59 25.72
CA ALA D 183 9.98 -23.18 25.64
C ALA D 183 10.33 -22.31 26.84
N SER D 184 11.55 -22.46 27.33
CA SER D 184 12.03 -21.64 28.45
C SER D 184 12.45 -20.26 27.96
N ILE D 185 12.34 -19.26 28.84
CA ILE D 185 12.77 -17.89 28.51
C ILE D 185 14.27 -17.81 28.23
N GLY D 186 15.06 -18.57 28.99
CA GLY D 186 16.52 -18.57 28.85
C GLY D 186 16.98 -18.93 27.46
N ILE D 187 16.35 -19.96 26.88
CA ILE D 187 16.68 -20.43 25.54
C ILE D 187 16.10 -19.55 24.42
N MET D 188 14.90 -19.01 24.63
CA MET D 188 14.30 -18.03 23.71
C MET D 188 15.15 -16.75 23.62
N ALA D 189 15.59 -16.25 24.78
CA ALA D 189 16.44 -15.07 24.85
C ALA D 189 17.83 -15.33 24.27
N ASP D 190 18.38 -16.51 24.52
CA ASP D 190 19.69 -16.87 23.98
C ASP D 190 19.68 -16.90 22.46
N ILE D 191 18.70 -17.63 21.90
CA ILE D 191 18.61 -17.78 20.45
C ILE D 191 18.36 -16.43 19.77
N GLN D 192 17.38 -15.67 20.23
CA GLN D 192 17.05 -14.38 19.60
C GLN D 192 18.17 -13.34 19.68
N ALA D 193 18.85 -13.27 20.83
CA ALA D 193 19.93 -12.32 21.02
C ALA D 193 21.17 -12.67 20.19
N ASN D 194 21.56 -13.95 20.22
CA ASN D 194 22.78 -14.42 19.54
C ASN D 194 22.62 -14.83 18.06
N LEU D 195 21.40 -14.77 17.51
CA LEU D 195 21.15 -15.23 16.14
C LEU D 195 21.82 -14.34 15.07
N PRO D 196 21.79 -13.00 15.23
CA PRO D 196 22.59 -12.14 14.36
C PRO D 196 24.09 -12.50 14.31
N ASP D 197 24.70 -12.72 15.47
CA ASP D 197 26.12 -13.11 15.51
C ASP D 197 26.37 -14.44 14.79
N GLY D 198 25.46 -15.39 14.95
CA GLY D 198 25.60 -16.72 14.35
C GLY D 198 25.51 -16.72 12.84
N LEU D 199 24.54 -15.99 12.29
CA LEU D 199 24.38 -15.87 10.85
C LEU D 199 25.59 -15.15 10.22
N LYS D 200 26.04 -14.06 10.85
CA LYS D 200 27.24 -13.35 10.41
C LYS D 200 28.50 -14.23 10.51
N GLN D 201 28.58 -15.06 11.55
CA GLN D 201 29.65 -16.06 11.67
C GLN D 201 29.63 -17.06 10.48
N ILE D 202 28.42 -17.41 10.03
CA ILE D 202 28.21 -18.24 8.85
C ILE D 202 28.57 -17.46 7.56
N ARG D 203 28.00 -16.27 7.42
CA ARG D 203 28.24 -15.39 6.25
C ARG D 203 29.72 -15.12 6.01
N ASP D 204 30.48 -14.89 7.08
CA ASP D 204 31.92 -14.71 7.00
C ASP D 204 32.63 -15.98 6.50
N LYS D 205 32.31 -17.11 7.11
CA LYS D 205 33.01 -18.37 6.83
C LYS D 205 32.73 -18.97 5.43
N PHE D 206 31.54 -18.76 4.89
CA PHE D 206 31.11 -19.40 3.63
C PHE D 206 30.79 -18.45 2.46
N GLY D 207 30.36 -17.23 2.76
CA GLY D 207 30.16 -16.21 1.73
C GLY D 207 28.86 -16.38 0.98
N ASP D 208 28.90 -16.12 -0.33
CA ASP D 208 27.71 -16.24 -1.19
C ASP D 208 27.28 -17.68 -1.48
N ALA D 209 28.17 -18.65 -1.24
CA ALA D 209 27.83 -20.07 -1.33
C ALA D 209 26.55 -20.40 -0.54
N VAL D 210 26.44 -19.79 0.65
CA VAL D 210 25.29 -19.96 1.52
C VAL D 210 24.36 -18.74 1.38
N LYS D 211 23.24 -18.93 0.70
CA LYS D 211 22.19 -17.93 0.61
C LYS D 211 21.52 -17.82 1.98
N ILE D 212 21.32 -16.60 2.46
CA ILE D 212 20.70 -16.34 3.78
C ILE D 212 19.54 -15.37 3.62
N VAL D 213 18.33 -15.83 3.94
CA VAL D 213 17.12 -15.03 3.82
C VAL D 213 16.41 -15.01 5.17
N GLY D 214 15.29 -14.29 5.27
CA GLY D 214 14.52 -14.20 6.50
C GLY D 214 13.05 -13.93 6.29
N ILE D 215 12.27 -14.27 7.32
CA ILE D 215 10.82 -14.04 7.34
C ILE D 215 10.51 -13.23 8.59
N ASN D 216 9.87 -12.07 8.41
CA ASN D 216 9.44 -11.23 9.51
C ASN D 216 7.96 -11.52 9.78
N GLN D 217 7.68 -12.32 10.80
CA GLN D 217 6.33 -12.74 11.11
C GLN D 217 5.46 -11.61 11.69
N ASP D 218 6.10 -10.57 12.22
CA ASP D 218 5.38 -9.38 12.70
C ASP D 218 4.82 -8.50 11.57
N ARG D 219 5.44 -8.55 10.39
CA ARG D 219 5.00 -7.80 9.20
C ARG D 219 4.29 -8.69 8.19
N ASN D 220 3.32 -9.48 8.66
CA ASN D 220 2.59 -10.45 7.83
C ASN D 220 3.50 -11.37 7.00
N SER D 221 4.44 -12.01 7.71
CA SER D 221 5.35 -13.00 7.12
C SER D 221 6.16 -12.49 5.92
N GLU D 222 6.63 -11.24 6.01
CA GLU D 222 7.35 -10.59 4.90
C GLU D 222 8.69 -11.30 4.61
N PHE D 223 8.86 -11.75 3.37
CA PHE D 223 10.12 -12.34 2.91
C PHE D 223 11.20 -11.26 2.79
N ILE D 224 12.40 -11.55 3.29
CA ILE D 224 13.53 -10.61 3.30
C ILE D 224 14.70 -11.24 2.53
N ASP D 225 15.07 -10.65 1.39
CA ASP D 225 16.06 -11.24 0.47
C ASP D 225 17.52 -10.94 0.83
N LYS D 226 17.82 -9.70 1.17
CA LYS D 226 19.21 -9.25 1.35
C LYS D 226 19.71 -9.45 2.79
N PHE D 227 20.94 -9.96 2.91
CA PHE D 227 21.54 -10.31 4.21
C PHE D 227 21.53 -9.18 5.24
N ASP D 228 21.84 -7.96 4.82
CA ASP D 228 21.87 -6.80 5.72
C ASP D 228 20.49 -6.49 6.33
N ASP D 229 19.43 -6.62 5.53
CA ASP D 229 18.05 -6.43 6.02
C ASP D 229 17.60 -7.52 6.99
N VAL D 230 18.15 -8.73 6.83
CA VAL D 230 17.90 -9.85 7.77
C VAL D 230 18.51 -9.51 9.13
N ILE D 231 19.76 -9.06 9.14
CA ILE D 231 20.46 -8.73 10.39
C ILE D 231 19.75 -7.61 11.17
N LYS D 232 19.15 -6.65 10.46
CA LYS D 232 18.39 -5.58 11.12
C LYS D 232 17.08 -6.08 11.73
N MET D 233 16.37 -6.95 11.01
CA MET D 233 15.15 -7.61 11.54
C MET D 233 15.42 -8.38 12.83
N LEU D 234 16.47 -9.18 12.82
CA LEU D 234 16.81 -10.05 13.96
C LEU D 234 17.33 -9.28 15.17
N SER D 235 18.03 -8.18 14.92
CA SER D 235 18.48 -7.27 15.99
C SER D 235 17.27 -6.73 16.77
N LEU D 236 16.93 -7.45 17.84
CA LEU D 236 15.79 -7.11 18.69
C LEU D 236 16.20 -6.95 20.16
N GLY D 237 17.50 -6.68 20.39
CA GLY D 237 18.03 -6.48 21.74
C GLY D 237 19.07 -7.50 22.14
N SER D 238 19.80 -7.17 23.20
CA SER D 238 20.81 -8.07 23.78
C SER D 238 20.16 -9.20 24.55
N GLN D 239 20.98 -10.17 24.95
CA GLN D 239 20.51 -11.30 25.76
C GLN D 239 20.03 -10.88 27.14
N GLU D 240 20.65 -9.85 27.70
CA GLU D 240 20.23 -9.30 28.99
C GLU D 240 18.85 -8.65 28.90
N GLN D 241 18.65 -7.83 27.88
CA GLN D 241 17.38 -7.10 27.69
C GLN D 241 16.18 -8.01 27.43
N ILE D 242 16.36 -9.00 26.54
CA ILE D 242 15.28 -9.89 26.14
C ILE D 242 14.88 -10.82 27.29
N LEU D 243 15.87 -11.34 27.99
CA LEU D 243 15.65 -12.18 29.16
C LEU D 243 14.91 -11.41 30.24
N GLY D 244 15.31 -10.16 30.45
CA GLY D 244 14.64 -9.23 31.37
C GLY D 244 13.19 -8.96 31.04
N ARG D 245 12.90 -8.73 29.77
CA ARG D 245 11.51 -8.51 29.32
C ARG D 245 10.68 -9.78 29.47
N LEU D 246 11.26 -10.91 29.08
CA LEU D 246 10.60 -12.21 29.19
C LEU D 246 10.36 -12.63 30.65
N ALA D 247 11.36 -12.44 31.51
CA ALA D 247 11.22 -12.69 32.95
C ALA D 247 10.10 -11.87 33.57
N GLU D 248 9.99 -10.60 33.17
CA GLU D 248 8.90 -9.72 33.62
C GLU D 248 7.57 -10.10 32.99
N LYS D 249 7.58 -10.52 31.73
CA LYS D 249 6.35 -10.99 31.07
C LYS D 249 5.76 -12.23 31.74
N ILE D 250 6.55 -13.31 31.85
CA ILE D 250 6.03 -14.58 32.40
C ILE D 250 5.61 -14.45 33.87
N GLN D 251 6.30 -13.57 34.61
CA GLN D 251 5.99 -13.36 36.02
C GLN D 251 4.64 -12.65 36.20
N SER D 252 4.45 -11.55 35.46
CA SER D 252 3.19 -10.79 35.53
C SER D 252 2.02 -11.54 34.91
N ASP D 253 2.28 -12.31 33.85
CA ASP D 253 1.25 -13.22 33.29
C ASP D 253 0.77 -14.23 34.31
N PHE D 254 1.68 -14.75 35.14
CA PHE D 254 1.32 -15.68 36.22
C PHE D 254 0.58 -14.96 37.34
N ASP D 255 1.08 -13.81 37.76
CA ASP D 255 0.47 -13.01 38.83
C ASP D 255 -0.95 -12.52 38.50
N SER D 256 -1.25 -12.32 37.21
CA SER D 256 -2.60 -11.95 36.77
C SER D 256 -3.50 -13.13 36.33
N GLY D 257 -3.07 -14.37 36.59
CA GLY D 257 -3.85 -15.56 36.24
C GLY D 257 -4.05 -15.83 34.75
N LYS D 258 -3.13 -15.35 33.92
CA LYS D 258 -3.17 -15.62 32.46
C LYS D 258 -2.53 -16.97 32.08
N ILE D 259 -1.58 -17.45 32.90
CA ILE D 259 -0.99 -18.78 32.72
C ILE D 259 -1.00 -19.56 34.03
N SER D 260 -1.00 -20.88 33.93
CA SER D 260 -0.96 -21.77 35.09
C SER D 260 0.42 -21.78 35.76
N ARG D 261 0.48 -22.37 36.96
CA ARG D 261 1.76 -22.55 37.65
C ARG D 261 2.71 -23.46 36.84
N GLU D 262 2.14 -24.42 36.13
CA GLU D 262 2.92 -25.33 35.29
C GLU D 262 3.47 -24.66 34.03
N CYS D 263 2.65 -23.83 33.39
CA CYS D 263 3.08 -23.05 32.23
C CYS D 263 4.12 -21.97 32.59
N PHE D 264 3.97 -21.39 33.78
CA PHE D 264 4.99 -20.51 34.34
C PHE D 264 6.31 -21.25 34.59
N ASN D 265 6.23 -22.46 35.14
CA ASN D 265 7.44 -23.23 35.50
C ASN D 265 8.23 -23.70 34.28
N GLN D 266 7.52 -24.20 33.26
CA GLN D 266 8.17 -24.60 32.02
C GLN D 266 8.84 -23.41 31.33
N ALA D 267 8.18 -22.26 31.40
CA ALA D 267 8.70 -21.01 30.83
C ALA D 267 9.91 -20.49 31.59
N LYS D 268 9.82 -20.54 32.92
CA LYS D 268 10.94 -20.13 33.77
C LYS D 268 12.13 -21.03 33.53
N GLY D 269 11.86 -22.33 33.40
CA GLY D 269 12.92 -23.32 33.26
C GLY D 269 13.79 -23.31 34.49
N SER D 270 15.11 -23.23 34.27
CA SER D 270 16.08 -23.20 35.35
C SER D 270 16.63 -21.80 35.64
N MET D 271 15.97 -20.75 35.13
CA MET D 271 16.35 -19.36 35.46
C MET D 271 16.03 -19.05 36.91
N ASP D 272 16.98 -18.41 37.59
CA ASP D 272 16.71 -17.71 38.83
C ASP D 272 16.19 -16.32 38.47
N LEU D 273 14.88 -16.13 38.61
CA LEU D 273 14.21 -14.88 38.20
C LEU D 273 14.61 -13.68 39.07
N GLU D 274 14.85 -13.94 40.37
CA GLU D 274 15.39 -12.93 41.28
C GLU D 274 16.68 -12.32 40.75
N SER D 275 17.58 -13.18 40.27
CA SER D 275 18.86 -12.75 39.69
C SER D 275 18.67 -11.85 38.47
N VAL D 276 17.69 -12.17 37.62
CA VAL D 276 17.36 -11.36 36.43
C VAL D 276 16.77 -10.01 36.86
N PHE D 277 15.84 -10.03 37.81
CA PHE D 277 15.20 -8.81 38.30
C PHE D 277 16.19 -7.84 38.95
N ALA D 278 17.16 -8.36 39.70
CA ALA D 278 18.19 -7.54 40.34
C ALA D 278 19.04 -6.75 39.33
N LYS D 279 19.24 -7.31 38.15
CA LYS D 279 20.03 -6.65 37.08
C LYS D 279 19.31 -5.47 36.40
N LYS D 280 17.99 -5.40 36.54
CA LYS D 280 17.20 -4.34 35.90
C LYS D 280 17.55 -2.94 36.44
N GLU D 281 17.67 -1.98 35.52
CA GLU D 281 18.07 -0.61 35.81
C GLU D 281 16.85 0.30 35.84
N TYR D 282 16.81 1.20 36.83
CA TYR D 282 15.81 2.28 36.89
C TYR D 282 16.49 3.64 36.91
N SER D 283 17.64 3.76 36.23
CA SER D 283 18.49 4.95 36.35
C SER D 283 17.83 6.24 35.81
N GLN D 284 17.03 6.10 34.74
CA GLN D 284 16.31 7.24 34.16
C GLN D 284 14.81 7.15 34.44
N GLN D 285 14.46 6.86 35.69
CA GLN D 285 13.07 6.64 36.10
C GLN D 285 12.77 7.19 37.50
N ARG D 286 11.52 7.64 37.67
CA ARG D 286 11.05 8.14 38.96
C ARG D 286 9.57 7.87 39.14
N VAL D 287 9.14 7.94 40.40
CA VAL D 287 7.73 7.78 40.77
C VAL D 287 7.25 9.05 41.46
N VAL D 288 6.17 9.64 40.94
CA VAL D 288 5.53 10.80 41.53
C VAL D 288 4.28 10.34 42.25
N THR D 289 4.21 10.61 43.56
CA THR D 289 3.07 10.22 44.41
C THR D 289 2.21 11.43 44.78
N ASN D 290 0.90 11.21 44.89
CA ASN D 290 -0.02 12.23 45.38
C ASN D 290 -1.28 11.59 45.98
N SER D 291 -2.26 12.41 46.35
CA SER D 291 -3.52 11.91 46.95
C SER D 291 -4.41 11.10 45.99
N LYS D 292 -4.19 11.25 44.68
CA LYS D 292 -4.90 10.45 43.67
C LYS D 292 -4.24 9.10 43.37
N GLY D 293 -2.90 9.05 43.40
CA GLY D 293 -2.15 7.79 43.21
C GLY D 293 -0.67 7.98 42.94
N VAL D 294 -0.06 6.98 42.29
CA VAL D 294 1.35 7.04 41.90
C VAL D 294 1.47 7.02 40.37
N THR D 295 2.51 7.66 39.86
CA THR D 295 2.77 7.72 38.43
C THR D 295 4.24 7.37 38.16
N LEU D 296 4.47 6.41 37.25
CA LEU D 296 5.82 6.08 36.78
C LEU D 296 6.16 6.96 35.60
N GLU D 297 7.35 7.55 35.62
CA GLU D 297 7.83 8.46 34.58
C GLU D 297 9.26 8.10 34.16
N THR D 298 9.57 8.26 32.88
CA THR D 298 10.92 8.05 32.35
C THR D 298 11.44 9.35 31.74
N LYS D 299 12.74 9.59 31.87
CA LYS D 299 13.41 10.76 31.30
C LYS D 299 14.22 10.33 30.07
N SER D 300 14.00 10.99 28.94
CA SER D 300 14.82 10.80 27.73
C SER D 300 15.95 11.85 27.66
N ALA D 301 16.84 11.71 26.67
CA ALA D 301 18.03 12.60 26.50
C ALA D 301 17.74 14.10 26.50
N ASN D 302 16.54 14.46 26.04
CA ASN D 302 16.01 15.84 26.11
C ASN D 302 15.70 16.39 27.53
N GLU D 303 15.89 15.58 28.58
CA GLU D 303 15.60 15.95 29.99
C GLU D 303 14.11 16.23 30.25
N LEU D 304 13.25 15.43 29.63
CA LEU D 304 11.80 15.56 29.74
C LEU D 304 11.19 14.30 30.33
N TRP D 305 10.48 14.46 31.45
CA TRP D 305 9.74 13.37 32.05
C TRP D 305 8.41 13.18 31.32
N SER D 306 8.08 11.93 31.02
CA SER D 306 6.82 11.58 30.37
C SER D 306 6.18 10.39 31.08
N LYS D 307 4.85 10.41 31.18
CA LYS D 307 4.11 9.43 31.98
C LYS D 307 4.07 8.05 31.32
N VAL D 308 4.53 7.03 32.05
CA VAL D 308 4.57 5.65 31.58
C VAL D 308 3.39 4.82 32.10
N GLU D 309 3.02 5.04 33.36
CA GLU D 309 2.00 4.23 34.05
C GLU D 309 1.45 4.99 35.25
N GLN D 310 0.13 5.02 35.40
CA GLN D 310 -0.51 5.60 36.58
C GLN D 310 -1.28 4.50 37.30
N ILE D 311 -1.12 4.41 38.62
CA ILE D 311 -1.83 3.44 39.45
C ILE D 311 -2.60 4.22 40.51
N PRO D 312 -3.95 4.17 40.49
CA PRO D 312 -4.71 4.92 41.51
C PRO D 312 -4.60 4.29 42.90
N VAL D 313 -4.36 5.13 43.90
CA VAL D 313 -4.20 4.73 45.30
C VAL D 313 -4.71 5.87 46.18
N THR D 314 -5.28 5.54 47.34
CA THR D 314 -5.75 6.54 48.31
C THR D 314 -4.93 6.51 49.60
N GLY D 315 -4.54 7.69 50.08
CA GLY D 315 -3.88 7.85 51.39
C GLY D 315 -2.42 8.23 51.38
N MET D 316 -1.86 8.55 50.21
CA MET D 316 -0.43 8.84 50.07
C MET D 316 -0.18 10.34 49.97
N LYS D 317 0.94 10.78 50.56
CA LYS D 317 1.33 12.19 50.48
C LYS D 317 2.12 12.46 49.21
N ALA D 318 2.35 13.74 48.92
CA ALA D 318 3.09 14.17 47.74
C ALA D 318 4.56 13.79 47.88
N GLY D 319 5.17 13.36 46.78
CA GLY D 319 6.57 12.94 46.77
C GLY D 319 7.09 12.65 45.38
N ILE D 320 8.40 12.87 45.19
CA ILE D 320 9.10 12.53 43.96
C ILE D 320 10.27 11.64 44.35
N TYR D 321 10.21 10.37 43.92
CA TYR D 321 11.21 9.38 44.30
C TYR D 321 11.95 8.91 43.07
N LEU D 322 13.25 9.17 43.03
CA LEU D 322 14.12 8.70 41.95
C LEU D 322 14.45 7.23 42.20
N LEU D 323 14.04 6.36 41.28
CA LEU D 323 14.17 4.92 41.44
C LEU D 323 15.61 4.44 41.30
N GLY D 324 16.35 5.03 40.37
CA GLY D 324 17.75 4.70 40.15
C GLY D 324 18.67 4.91 41.34
N GLN D 325 18.30 5.82 42.24
CA GLN D 325 19.08 6.10 43.45
C GLN D 325 18.57 5.39 44.72
N ALA D 326 17.80 4.32 44.55
CA ALA D 326 17.40 3.48 45.68
C ALA D 326 18.58 2.62 46.14
N LYS D 327 18.69 2.41 47.45
CA LYS D 327 19.67 1.49 48.02
C LYS D 327 19.15 0.07 47.88
N LYS D 328 20.00 -0.85 47.41
CA LYS D 328 19.63 -2.27 47.39
C LYS D 328 19.54 -2.79 48.82
N ALA D 329 18.50 -3.57 49.09
CA ALA D 329 18.28 -4.13 50.41
C ALA D 329 19.30 -5.24 50.68
N GLU D 330 19.99 -5.14 51.81
CA GLU D 330 20.92 -6.17 52.27
C GLU D 330 20.11 -7.21 53.04
N THR D 331 20.50 -8.48 52.89
CA THR D 331 19.77 -9.59 53.50
C THR D 331 20.00 -9.64 55.01
N GLY D 332 19.00 -10.13 55.76
CA GLY D 332 19.08 -10.25 57.21
C GLY D 332 18.80 -8.99 58.02
N GLN D 333 18.28 -7.95 57.36
CA GLN D 333 17.86 -6.71 58.05
C GLN D 333 16.40 -6.40 57.76
N THR D 334 15.78 -5.67 58.68
CA THR D 334 14.39 -5.27 58.56
C THR D 334 14.32 -3.83 58.05
N TYR D 335 13.50 -3.60 57.01
CA TYR D 335 13.27 -2.28 56.45
C TYR D 335 11.81 -1.88 56.65
N SER D 336 11.58 -0.85 57.47
CA SER D 336 10.24 -0.37 57.80
C SER D 336 9.92 0.91 57.02
N GLY D 337 8.71 0.98 56.46
CA GLY D 337 8.29 2.16 55.70
C GLY D 337 7.18 1.89 54.70
N GLU D 338 6.71 2.97 54.05
CA GLU D 338 5.61 2.89 53.09
C GLU D 338 6.08 2.45 51.70
N ILE D 339 5.36 1.52 51.09
CA ILE D 339 5.64 1.09 49.70
C ILE D 339 5.15 2.20 48.77
N ILE D 340 6.05 2.71 47.92
CA ILE D 340 5.71 3.77 46.96
C ILE D 340 5.48 3.26 45.54
N TYR D 341 6.13 2.16 45.18
CA TYR D 341 5.95 1.56 43.88
C TYR D 341 6.37 0.09 43.86
N LYS D 342 5.75 -0.67 42.98
CA LYS D 342 6.20 -2.02 42.67
C LYS D 342 5.78 -2.39 41.26
N ASP D 343 6.62 -3.18 40.61
CA ASP D 343 6.31 -3.75 39.30
C ASP D 343 6.65 -5.25 39.37
N ALA D 344 6.87 -5.89 38.23
CA ALA D 344 7.20 -7.32 38.18
C ALA D 344 8.52 -7.66 38.87
N ALA D 345 9.50 -6.73 38.79
CA ALA D 345 10.89 -6.99 39.21
C ALA D 345 11.27 -6.46 40.59
N ALA D 346 10.78 -5.28 40.96
CA ALA D 346 11.21 -4.63 42.20
C ALA D 346 10.05 -4.12 43.05
N VAL D 347 10.35 -3.90 44.32
CA VAL D 347 9.44 -3.28 45.27
C VAL D 347 10.19 -2.14 45.96
N PHE D 348 9.72 -0.91 45.76
CA PHE D 348 10.36 0.29 46.29
C PHE D 348 9.64 0.82 47.52
N GLN D 349 10.40 1.01 48.59
CA GLN D 349 9.89 1.34 49.91
C GLN D 349 10.63 2.56 50.44
N LYS D 350 9.89 3.54 50.95
CA LYS D 350 10.49 4.71 51.59
C LYS D 350 10.71 4.44 53.07
N THR D 351 11.95 4.24 53.47
CA THR D 351 12.34 4.13 54.88
C THR D 351 12.84 5.47 55.38
N LYS D 352 13.11 5.54 56.69
CA LYS D 352 13.68 6.74 57.31
C LYS D 352 15.11 7.06 56.84
N ASN D 353 15.85 6.02 56.39
CA ASN D 353 17.18 6.19 55.80
C ASN D 353 17.17 6.23 54.25
N GLY D 354 16.06 6.67 53.65
CA GLY D 354 15.95 6.81 52.20
C GLY D 354 15.23 5.67 51.51
N LEU D 355 15.11 5.77 50.18
CA LEU D 355 14.37 4.80 49.38
C LEU D 355 15.14 3.49 49.28
N VAL D 356 14.46 2.37 49.51
CA VAL D 356 15.07 1.03 49.50
C VAL D 356 14.41 0.14 48.46
N ARG D 357 15.23 -0.60 47.71
CA ARG D 357 14.75 -1.49 46.65
C ARG D 357 14.87 -2.95 47.07
N HIS D 358 13.76 -3.68 47.01
CA HIS D 358 13.72 -5.11 47.24
C HIS D 358 13.44 -5.82 45.92
N ASN D 359 14.08 -6.98 45.71
CA ASN D 359 13.71 -7.84 44.58
C ASN D 359 12.27 -8.32 44.82
N ALA D 360 11.47 -8.36 43.76
CA ALA D 360 10.07 -8.78 43.87
C ALA D 360 9.95 -10.27 44.20
N THR D 361 10.99 -11.04 43.88
CA THR D 361 11.09 -12.44 44.28
C THR D 361 12.33 -12.61 45.16
N HIS D 362 12.18 -13.35 46.27
CA HIS D 362 13.27 -13.63 47.20
C HIS D 362 13.32 -15.13 47.51
N ASN D 363 14.32 -15.84 46.95
CA ASN D 363 14.48 -17.29 47.10
C ASN D 363 13.23 -18.06 46.66
N GLU D 364 12.74 -17.74 45.47
CA GLU D 364 11.49 -18.28 44.90
C GLU D 364 10.21 -18.03 45.73
N GLU D 365 10.26 -17.10 46.66
CA GLU D 365 9.10 -16.65 47.42
C GLU D 365 8.80 -15.24 46.91
N ARG D 366 7.52 -14.94 46.69
CA ARG D 366 7.12 -13.72 45.98
C ARG D 366 6.75 -12.58 46.94
N LEU D 367 7.65 -11.60 47.08
CA LEU D 367 7.45 -10.43 47.96
C LEU D 367 6.36 -9.48 47.47
N ALA D 368 6.33 -9.23 46.16
CA ALA D 368 5.42 -8.26 45.55
C ALA D 368 3.94 -8.49 45.90
N LYS D 369 3.50 -9.74 45.87
CA LYS D 369 2.10 -10.07 46.19
C LYS D 369 1.74 -9.87 47.66
N LEU D 370 2.74 -9.85 48.54
CA LEU D 370 2.54 -9.65 49.98
C LEU D 370 2.40 -8.19 50.43
N VAL D 371 2.56 -7.23 49.52
CA VAL D 371 2.46 -5.81 49.86
C VAL D 371 1.68 -5.03 48.80
N GLU D 372 1.12 -3.90 49.22
CA GLU D 372 0.40 -3.00 48.33
C GLU D 372 1.03 -1.61 48.36
N ILE D 373 0.92 -0.90 47.24
CA ILE D 373 1.43 0.46 47.13
C ILE D 373 0.58 1.32 48.07
N GLY D 374 1.25 2.16 48.86
CA GLY D 374 0.61 2.93 49.91
C GLY D 374 0.71 2.33 51.29
N GLN D 375 0.99 1.02 51.37
CA GLN D 375 0.93 0.28 52.64
C GLN D 375 2.22 0.43 53.41
N ASN D 376 2.09 0.73 54.71
CA ASN D 376 3.25 0.85 55.58
C ASN D 376 3.58 -0.52 56.16
N VAL D 377 4.73 -1.06 55.78
CA VAL D 377 5.12 -2.44 56.12
C VAL D 377 6.59 -2.53 56.52
N SER D 378 6.91 -3.56 57.31
CA SER D 378 8.30 -3.94 57.56
C SER D 378 8.61 -5.21 56.77
N ILE D 379 9.74 -5.20 56.06
CA ILE D 379 10.20 -6.32 55.25
C ILE D 379 11.56 -6.79 55.78
N GLY D 380 11.62 -8.03 56.23
CA GLY D 380 12.88 -8.66 56.66
C GLY D 380 12.94 -10.11 56.24
N SER D 381 14.16 -10.66 56.17
CA SER D 381 14.38 -12.06 55.81
C SER D 381 15.17 -12.78 56.91
N ASN D 382 14.49 -13.69 57.60
CA ASN D 382 15.08 -14.47 58.70
C ASN D 382 15.36 -15.91 58.23
N LYS D 383 16.64 -16.28 58.17
CA LYS D 383 17.10 -17.62 57.79
C LYS D 383 16.63 -18.02 56.37
N GLY D 384 16.84 -17.11 55.41
CA GLY D 384 16.39 -17.29 54.03
C GLY D 384 14.88 -17.39 53.83
N LYS D 385 14.12 -16.87 54.78
CA LYS D 385 12.66 -16.93 54.78
C LYS D 385 12.11 -15.54 55.08
N LEU D 386 11.04 -15.18 54.37
CA LEU D 386 10.58 -13.79 54.28
C LEU D 386 9.59 -13.44 55.40
N ILE D 387 9.85 -12.34 56.10
CA ILE D 387 8.98 -11.83 57.17
C ILE D 387 8.45 -10.46 56.75
N VAL D 388 7.17 -10.41 56.36
CA VAL D 388 6.51 -9.13 56.04
C VAL D 388 5.44 -8.86 57.10
N LYS D 389 5.54 -7.72 57.77
CA LYS D 389 4.56 -7.32 58.77
C LYS D 389 3.91 -5.99 58.39
N SER D 390 2.60 -5.89 58.64
CA SER D 390 1.90 -4.60 58.54
C SER D 390 2.36 -3.67 59.68
N LEU D 391 2.54 -2.40 59.35
CA LEU D 391 2.79 -1.35 60.34
C LEU D 391 1.66 -0.32 60.33
N GLU D 392 0.53 -0.65 59.71
CA GLU D 392 -0.63 0.24 59.68
C GLU D 392 -1.20 0.40 61.09
N TYR D 393 -1.61 1.62 61.42
CA TYR D 393 -2.24 1.91 62.71
C TYR D 393 -3.06 3.19 62.63
N SER D 394 -3.96 3.35 63.59
CA SER D 394 -4.77 4.56 63.74
C SER D 394 -4.70 5.03 65.20
N ALA D 395 -4.54 6.36 65.38
CA ALA D 395 -4.44 6.97 66.72
C ALA D 395 -4.85 8.44 66.69
N GLU E 8 -8.22 -33.67 1.84
CA GLU E 8 -8.27 -33.66 0.34
C GLU E 8 -7.84 -35.01 -0.24
N SER E 9 -8.42 -35.37 -1.39
CA SER E 9 -8.08 -36.64 -2.06
C SER E 9 -6.67 -36.62 -2.62
N ASN E 10 -6.20 -37.78 -3.07
CA ASN E 10 -4.88 -37.90 -3.71
C ASN E 10 -4.81 -37.13 -5.04
N ALA E 11 -5.91 -37.16 -5.81
CA ALA E 11 -5.97 -36.50 -7.11
C ALA E 11 -5.82 -34.98 -7.00
N ILE E 12 -6.48 -34.39 -5.99
CA ILE E 12 -6.44 -32.95 -5.77
C ILE E 12 -5.03 -32.50 -5.36
N ARG E 13 -4.33 -33.32 -4.56
CA ARG E 13 -2.94 -33.03 -4.17
C ARG E 13 -1.99 -33.22 -5.35
N MET E 14 -2.23 -34.27 -6.15
CA MET E 14 -1.51 -34.53 -7.39
C MET E 14 -1.56 -33.33 -8.35
N ILE E 15 -2.74 -32.73 -8.48
CA ILE E 15 -2.94 -31.56 -9.33
C ILE E 15 -2.26 -30.30 -8.74
N LYS E 16 -2.25 -30.17 -7.42
CA LYS E 16 -1.53 -29.06 -6.75
C LYS E 16 0.00 -29.18 -6.89
N GLU E 17 0.52 -30.40 -6.75
CA GLU E 17 1.96 -30.68 -6.94
C GLU E 17 2.41 -30.46 -8.39
N ALA E 18 1.49 -30.69 -9.33
CA ALA E 18 1.72 -30.35 -10.73
C ALA E 18 1.77 -28.83 -10.92
N CYS E 19 0.82 -28.12 -10.32
CA CYS E 19 0.81 -26.64 -10.36
C CYS E 19 2.10 -26.01 -9.85
N GLU E 20 2.74 -26.64 -8.87
CA GLU E 20 4.06 -26.20 -8.38
C GLU E 20 5.12 -26.28 -9.47
N LYS E 21 5.18 -27.42 -10.14
CA LYS E 21 6.17 -27.66 -11.19
C LYS E 21 5.92 -26.81 -12.44
N ASN E 22 4.66 -26.44 -12.69
CA ASN E 22 4.34 -25.42 -13.70
C ASN E 22 4.96 -24.07 -13.33
N ARG E 23 4.87 -23.69 -12.05
CA ARG E 23 5.53 -22.47 -11.56
C ARG E 23 7.06 -22.59 -11.58
N ARG E 24 7.58 -23.79 -11.33
CA ARG E 24 9.01 -24.07 -11.45
C ARG E 24 9.53 -23.86 -12.86
N MET E 25 8.75 -24.29 -13.85
CA MET E 25 9.07 -24.07 -15.28
C MET E 25 9.26 -22.58 -15.61
N MET E 26 8.48 -21.72 -14.98
CA MET E 26 8.55 -20.27 -15.21
C MET E 26 9.82 -19.61 -14.68
N THR E 27 10.40 -20.16 -13.60
CA THR E 27 11.61 -19.61 -12.99
C THR E 27 12.88 -20.37 -13.41
N ASP E 28 12.86 -21.70 -13.28
CA ASP E 28 13.97 -22.57 -13.66
C ASP E 28 13.81 -23.01 -15.12
N GLU E 29 14.52 -22.33 -16.03
CA GLU E 29 14.41 -22.64 -17.47
C GLU E 29 15.14 -23.92 -17.89
N ALA E 30 16.13 -24.35 -17.12
CA ALA E 30 16.77 -25.66 -17.33
C ALA E 30 15.77 -26.82 -17.10
N PHE E 31 14.84 -26.62 -16.17
CA PHE E 31 13.77 -27.60 -15.90
C PHE E 31 12.70 -27.60 -16.99
N ARG E 32 12.37 -26.42 -17.52
CA ARG E 32 11.34 -26.30 -18.57
C ARG E 32 11.73 -27.02 -19.86
N LYS E 33 13.01 -26.96 -20.22
CA LYS E 33 13.51 -27.65 -21.42
C LYS E 33 13.60 -29.17 -21.22
N GLU E 34 13.84 -29.62 -19.99
CA GLU E 34 13.77 -31.07 -19.67
C GLU E 34 12.36 -31.63 -19.85
N VAL E 35 11.36 -30.88 -19.39
CA VAL E 35 9.95 -31.28 -19.49
C VAL E 35 9.51 -31.26 -20.95
N GLU E 36 9.69 -30.11 -21.60
CA GLU E 36 9.18 -29.89 -22.96
C GLU E 36 9.95 -30.59 -24.09
N LYS E 37 11.13 -31.17 -23.79
CA LYS E 37 11.88 -31.93 -24.78
C LYS E 37 11.12 -33.18 -25.26
N ARG E 38 10.63 -33.97 -24.31
CA ARG E 38 9.98 -35.24 -24.63
C ARG E 38 8.61 -35.05 -25.30
N LEU E 39 7.79 -34.19 -24.71
CA LEU E 39 6.32 -34.19 -24.87
C LEU E 39 5.75 -34.52 -26.25
N TYR E 40 5.99 -33.65 -27.24
CA TYR E 40 5.40 -33.82 -28.58
C TYR E 40 6.40 -34.29 -29.66
N ALA E 41 7.51 -34.89 -29.21
CA ALA E 41 8.61 -35.31 -30.07
C ALA E 41 8.24 -36.33 -31.16
N GLY E 42 7.24 -37.17 -30.89
CA GLY E 42 6.89 -38.30 -31.74
C GLY E 42 7.39 -39.57 -31.09
N PRO E 43 7.20 -40.72 -31.78
CA PRO E 43 7.59 -42.01 -31.18
C PRO E 43 9.10 -42.14 -31.04
N SER E 44 9.54 -42.80 -29.96
CA SER E 44 10.96 -43.05 -29.73
C SER E 44 11.52 -44.07 -30.75
N PRO E 45 12.85 -44.20 -30.86
CA PRO E 45 13.44 -45.20 -31.78
C PRO E 45 13.00 -46.65 -31.52
N GLU E 46 12.94 -47.06 -30.25
CA GLU E 46 12.51 -48.43 -29.90
C GLU E 46 11.04 -48.68 -30.23
N LEU E 47 10.19 -47.68 -29.98
CA LEU E 47 8.77 -47.75 -30.36
C LEU E 47 8.58 -47.69 -31.88
N LEU E 48 9.39 -46.86 -32.54
CA LEU E 48 9.28 -46.67 -34.00
C LEU E 48 9.70 -47.92 -34.78
N ALA E 49 10.65 -48.69 -34.25
CA ALA E 49 11.05 -49.97 -34.84
C ALA E 49 9.91 -50.99 -34.80
N LYS E 50 9.26 -51.10 -33.64
CA LYS E 50 8.05 -51.94 -33.47
C LYS E 50 6.96 -51.53 -34.45
N LEU E 51 6.70 -50.22 -34.54
CA LEU E 51 5.66 -49.66 -35.41
C LEU E 51 5.83 -50.00 -36.89
N ARG E 52 7.07 -49.94 -37.38
CA ARG E 52 7.37 -50.30 -38.78
C ARG E 52 7.00 -51.75 -39.12
N VAL E 53 7.24 -52.66 -38.17
CA VAL E 53 6.90 -54.09 -38.33
C VAL E 53 5.37 -54.23 -38.42
N LEU E 54 4.68 -53.63 -37.45
CA LEU E 54 3.20 -53.58 -37.45
C LEU E 54 2.62 -52.96 -38.71
N TRP E 55 3.22 -51.88 -39.21
CA TRP E 55 2.74 -51.22 -40.43
C TRP E 55 3.03 -52.06 -41.68
N ALA E 56 4.27 -52.53 -41.80
CA ALA E 56 4.73 -53.29 -42.98
C ALA E 56 4.03 -54.65 -43.13
N ALA E 57 3.73 -55.29 -42.00
CA ALA E 57 3.02 -56.57 -42.01
C ALA E 57 1.53 -56.51 -42.38
N ASN E 58 0.95 -55.30 -42.45
CA ASN E 58 -0.49 -55.12 -42.66
C ASN E 58 -0.85 -54.18 -43.82
N LYS E 59 -0.16 -54.34 -44.94
CA LYS E 59 -0.47 -53.58 -46.18
C LYS E 59 -0.98 -54.53 -47.26
N VAL F 2 -10.17 -57.36 -29.11
CA VAL F 2 -10.74 -56.04 -28.70
C VAL F 2 -11.22 -55.28 -29.94
N LYS F 3 -12.52 -54.96 -29.96
CA LYS F 3 -13.11 -54.13 -31.02
C LYS F 3 -13.16 -52.69 -30.56
N LEU F 4 -13.21 -51.77 -31.52
CA LEU F 4 -13.30 -50.34 -31.19
C LEU F 4 -14.61 -50.02 -30.50
N SER F 5 -14.54 -49.15 -29.49
CA SER F 5 -15.70 -48.77 -28.68
C SER F 5 -16.83 -48.10 -29.47
N SER F 6 -16.53 -47.55 -30.65
CA SER F 6 -17.55 -46.95 -31.51
C SER F 6 -17.15 -46.92 -32.98
N ASP F 7 -18.05 -46.43 -33.82
CA ASP F 7 -17.77 -46.16 -35.23
C ASP F 7 -16.94 -44.89 -35.34
N ILE F 8 -15.99 -44.88 -36.28
CA ILE F 8 -15.15 -43.73 -36.54
C ILE F 8 -15.86 -42.85 -37.57
N ASN F 9 -16.15 -41.60 -37.21
CA ASN F 9 -16.86 -40.68 -38.11
C ASN F 9 -15.99 -40.24 -39.28
N LEU F 10 -16.53 -40.34 -40.49
CA LEU F 10 -15.85 -39.92 -41.72
C LEU F 10 -16.02 -38.42 -41.90
N ARG F 11 -14.91 -37.73 -42.19
CA ARG F 11 -14.98 -36.35 -42.62
C ARG F 11 -15.00 -36.32 -44.13
N ASP F 12 -15.63 -35.29 -44.69
CA ASP F 12 -15.73 -35.11 -46.13
C ASP F 12 -14.62 -34.18 -46.62
N PHE F 13 -13.57 -34.78 -47.16
CA PHE F 13 -12.43 -34.02 -47.73
C PHE F 13 -12.64 -33.58 -49.19
N GLY F 14 -13.76 -33.98 -49.80
CA GLY F 14 -14.14 -33.50 -51.13
C GLY F 14 -13.20 -34.01 -52.20
N ASN F 15 -12.67 -33.08 -53.00
CA ASN F 15 -11.74 -33.41 -54.09
C ASN F 15 -10.33 -33.83 -53.65
N ASN F 16 -9.97 -33.56 -52.38
CA ASN F 16 -8.67 -33.96 -51.85
C ASN F 16 -8.59 -35.49 -51.71
N GLU F 17 -8.15 -36.14 -52.79
CA GLU F 17 -8.07 -37.61 -52.87
C GLU F 17 -6.97 -38.19 -51.97
N TYR F 18 -5.95 -37.37 -51.67
CA TYR F 18 -4.86 -37.76 -50.76
C TYR F 18 -5.36 -37.99 -49.34
N LEU F 19 -6.03 -36.98 -48.78
CA LEU F 19 -6.54 -37.06 -47.41
C LEU F 19 -7.67 -38.06 -47.28
N SER F 20 -8.47 -38.18 -48.34
CA SER F 20 -9.53 -39.17 -48.40
C SER F 20 -8.98 -40.62 -48.25
N SER F 21 -7.86 -40.89 -48.91
CA SER F 21 -7.18 -42.19 -48.79
C SER F 21 -6.41 -42.34 -47.48
N VAL F 22 -5.76 -41.27 -47.01
CA VAL F 22 -5.12 -41.27 -45.67
C VAL F 22 -6.14 -41.60 -44.58
N GLN F 23 -7.33 -41.01 -44.69
CA GLN F 23 -8.46 -41.29 -43.77
C GLN F 23 -8.89 -42.75 -43.77
N ASP F 24 -9.01 -43.34 -44.95
CA ASP F 24 -9.42 -44.75 -45.07
C ASP F 24 -8.35 -45.70 -44.54
N GLU F 25 -7.08 -45.42 -44.85
CA GLU F 25 -5.95 -46.18 -44.29
C GLU F 25 -5.89 -46.11 -42.76
N ALA F 26 -6.17 -44.95 -42.20
CA ALA F 26 -6.20 -44.75 -40.75
C ALA F 26 -7.37 -45.47 -40.09
N ILE F 27 -8.55 -45.40 -40.69
CA ILE F 27 -9.73 -46.13 -40.20
C ILE F 27 -9.52 -47.64 -40.27
N ARG F 28 -8.97 -48.12 -41.39
CA ARG F 28 -8.70 -49.55 -41.56
C ARG F 28 -7.68 -50.03 -40.52
N PHE F 29 -6.62 -49.26 -40.34
CA PHE F 29 -5.57 -49.58 -39.38
C PHE F 29 -6.11 -49.67 -37.95
N ALA F 30 -6.87 -48.67 -37.52
CA ALA F 30 -7.43 -48.65 -36.17
C ALA F 30 -8.45 -49.77 -35.93
N THR F 31 -9.25 -50.08 -36.94
CA THR F 31 -10.31 -51.08 -36.84
C THR F 31 -9.76 -52.49 -36.77
N GLU F 32 -8.82 -52.81 -37.66
CA GLU F 32 -8.30 -54.17 -37.83
C GLU F 32 -7.15 -54.54 -36.89
N GLN F 33 -6.33 -53.57 -36.48
CA GLN F 33 -5.16 -53.82 -35.63
C GLN F 33 -5.28 -53.20 -34.24
N THR F 34 -6.49 -53.18 -33.70
CA THR F 34 -6.76 -52.53 -32.41
C THR F 34 -5.89 -53.09 -31.29
N ASP F 35 -5.87 -54.42 -31.15
CA ASP F 35 -5.11 -55.10 -30.08
C ASP F 35 -3.66 -54.64 -30.01
N GLU F 36 -3.00 -54.73 -31.16
CA GLU F 36 -1.55 -54.47 -31.22
C GLU F 36 -1.24 -52.98 -31.06
N ILE F 37 -2.10 -52.12 -31.60
CA ILE F 37 -2.01 -50.67 -31.40
C ILE F 37 -2.13 -50.31 -29.92
N LEU F 38 -3.14 -50.85 -29.25
CA LEU F 38 -3.33 -50.61 -27.82
C LEU F 38 -2.16 -51.12 -26.99
N SER F 39 -1.58 -52.25 -27.40
CA SER F 39 -0.45 -52.86 -26.71
C SER F 39 0.79 -51.98 -26.79
N LEU F 40 1.09 -51.49 -28.00
CA LEU F 40 2.21 -50.57 -28.22
C LEU F 40 2.00 -49.23 -27.53
N TYR F 41 0.74 -48.77 -27.47
CA TYR F 41 0.40 -47.55 -26.72
C TYR F 41 0.69 -47.76 -25.23
N SER F 42 0.23 -48.89 -24.70
CA SER F 42 0.36 -49.17 -23.28
C SER F 42 1.80 -49.48 -22.89
N GLN F 43 2.33 -50.55 -23.47
CA GLN F 43 3.59 -51.14 -23.03
C GLN F 43 4.86 -50.46 -23.53
N HIS F 44 4.76 -49.56 -24.52
CA HIS F 44 5.96 -49.01 -25.20
C HIS F 44 5.98 -47.49 -25.48
N ALA F 45 5.05 -46.72 -24.93
CA ALA F 45 5.03 -45.26 -25.11
C ALA F 45 4.98 -44.56 -23.75
N ASP F 46 5.17 -43.25 -23.75
CA ASP F 46 5.23 -42.46 -22.50
C ASP F 46 3.82 -42.17 -21.92
N THR F 47 3.14 -43.24 -21.49
CA THR F 47 1.71 -43.20 -21.18
C THR F 47 1.33 -43.82 -19.82
N GLU F 48 2.29 -43.95 -18.90
CA GLU F 48 2.09 -44.63 -17.61
C GLU F 48 1.45 -46.03 -17.78
N GLY F 49 1.97 -46.80 -18.73
CA GLY F 49 1.44 -48.14 -19.01
C GLY F 49 0.06 -48.15 -19.66
N GLY F 50 -0.28 -47.10 -20.39
CA GLY F 50 -1.61 -46.94 -20.98
C GLY F 50 -2.68 -46.34 -20.09
N ARG F 51 -2.26 -45.71 -18.98
CA ARG F 51 -3.18 -45.04 -18.05
C ARG F 51 -3.39 -43.57 -18.40
N TYR F 52 -2.36 -42.94 -18.96
CA TYR F 52 -2.51 -41.64 -19.61
C TYR F 52 -3.09 -41.89 -20.99
N VAL F 53 -4.32 -41.42 -21.22
CA VAL F 53 -5.07 -41.68 -22.44
C VAL F 53 -5.36 -40.37 -23.16
N CYS F 54 -5.00 -40.31 -24.43
CA CYS F 54 -5.04 -39.06 -25.20
C CYS F 54 -4.94 -39.34 -26.70
N ALA F 55 -5.92 -38.85 -27.46
CA ALA F 55 -5.97 -39.04 -28.91
C ALA F 55 -4.73 -38.53 -29.64
N ASP F 56 -4.10 -37.47 -29.13
CA ASP F 56 -2.90 -36.90 -29.76
C ASP F 56 -1.67 -37.80 -29.65
N THR F 57 -1.53 -38.50 -28.52
CA THR F 57 -0.48 -39.51 -28.36
C THR F 57 -0.75 -40.74 -29.25
N PHE F 58 -2.02 -41.11 -29.41
CA PHE F 58 -2.42 -42.17 -30.36
C PHE F 58 -2.10 -41.87 -31.83
N LYS F 59 -2.03 -40.60 -32.21
CA LYS F 59 -1.65 -40.21 -33.59
C LYS F 59 -0.23 -40.65 -33.96
N GLU F 60 0.65 -40.73 -32.96
CA GLU F 60 2.04 -41.17 -33.16
C GLU F 60 2.18 -42.62 -33.59
N LEU F 61 1.15 -43.43 -33.39
CA LEU F 61 1.17 -44.83 -33.82
C LEU F 61 0.69 -45.03 -35.25
N PHE F 62 0.25 -43.95 -35.91
CA PHE F 62 -0.18 -44.04 -37.32
C PHE F 62 0.99 -43.76 -38.25
N PRO F 63 1.14 -44.55 -39.34
CA PRO F 63 2.26 -44.36 -40.29
C PRO F 63 2.29 -42.99 -40.97
N ALA F 64 1.12 -42.42 -41.27
CA ALA F 64 1.03 -41.10 -41.89
C ALA F 64 1.65 -39.98 -41.04
N PHE F 65 1.72 -40.19 -39.73
CA PHE F 65 2.19 -39.19 -38.78
C PHE F 65 3.68 -39.27 -38.45
N GLU F 66 4.44 -40.12 -39.16
CA GLU F 66 5.83 -40.41 -38.78
C GLU F 66 6.76 -39.22 -38.96
N ASN F 67 6.74 -38.64 -40.17
CA ASN F 67 7.58 -37.49 -40.49
C ASN F 67 6.90 -36.20 -40.04
N LYS F 68 7.66 -35.31 -39.37
CA LYS F 68 7.14 -34.00 -38.94
C LYS F 68 6.59 -33.15 -40.09
N GLU F 69 7.10 -33.35 -41.30
CA GLU F 69 6.61 -32.67 -42.51
C GLU F 69 5.09 -32.79 -42.70
N ASP F 70 4.56 -33.98 -42.44
CA ASP F 70 3.18 -34.35 -42.83
C ASP F 70 2.11 -34.20 -41.74
N ARG F 71 2.51 -33.88 -40.51
CA ARG F 71 1.61 -34.02 -39.36
C ARG F 71 0.44 -33.05 -39.36
N ALA F 72 0.68 -31.81 -39.75
CA ALA F 72 -0.38 -30.82 -39.89
C ALA F 72 -1.39 -31.22 -40.98
N THR F 73 -0.87 -31.71 -42.10
CA THR F 73 -1.71 -32.05 -43.26
C THR F 73 -2.61 -33.24 -43.01
N VAL F 74 -2.03 -34.30 -42.44
CA VAL F 74 -2.74 -35.56 -42.20
C VAL F 74 -3.61 -35.57 -40.92
N ASN F 75 -3.43 -34.57 -40.05
CA ASN F 75 -4.07 -34.54 -38.72
C ASN F 75 -5.58 -34.81 -38.72
N ASN F 76 -6.32 -34.01 -39.48
CA ASN F 76 -7.78 -34.13 -39.54
C ASN F 76 -8.26 -35.44 -40.18
N ALA F 77 -7.44 -36.04 -41.03
CA ALA F 77 -7.75 -37.33 -41.64
C ALA F 77 -7.58 -38.50 -40.67
N ILE F 78 -6.67 -38.38 -39.70
CA ILE F 78 -6.43 -39.46 -38.73
C ILE F 78 -6.96 -39.20 -37.32
N HIS F 79 -7.45 -37.99 -37.03
CA HIS F 79 -7.86 -37.64 -35.67
C HIS F 79 -8.97 -38.52 -35.10
N ASN F 80 -10.03 -38.72 -35.89
CA ASN F 80 -11.20 -39.49 -35.44
C ASN F 80 -10.87 -40.96 -35.13
N SER F 81 -10.01 -41.58 -35.95
CA SER F 81 -9.49 -42.91 -35.64
C SER F 81 -8.67 -42.88 -34.35
N ALA F 82 -7.86 -41.82 -34.17
CA ALA F 82 -7.07 -41.66 -32.95
C ALA F 82 -7.94 -41.45 -31.70
N ALA F 83 -9.05 -40.73 -31.88
CA ALA F 83 -9.99 -40.45 -30.79
C ALA F 83 -10.79 -41.69 -30.37
N VAL F 84 -11.25 -42.48 -31.34
CA VAL F 84 -11.97 -43.73 -31.04
C VAL F 84 -11.03 -44.76 -30.39
N LEU F 85 -9.78 -44.82 -30.83
CA LEU F 85 -8.77 -45.67 -30.18
C LEU F 85 -8.52 -45.27 -28.71
N SER F 86 -8.53 -43.97 -28.41
CA SER F 86 -8.38 -43.50 -27.03
C SER F 86 -9.64 -43.75 -26.21
N SER F 87 -10.79 -43.70 -26.87
CA SER F 87 -12.07 -44.08 -26.26
C SER F 87 -12.05 -45.58 -25.93
N THR F 88 -11.59 -46.38 -26.88
CA THR F 88 -11.40 -47.83 -26.69
C THR F 88 -10.40 -48.14 -25.57
N GLN F 89 -9.30 -47.39 -25.54
CA GLN F 89 -8.29 -47.54 -24.50
C GLN F 89 -8.83 -47.15 -23.11
N PHE F 90 -9.64 -46.09 -23.07
CA PHE F 90 -10.34 -45.68 -21.84
C PHE F 90 -11.19 -46.83 -21.28
N ASP F 91 -11.95 -47.49 -22.14
CA ASP F 91 -12.81 -48.62 -21.75
C ASP F 91 -12.04 -49.84 -21.23
N GLU F 92 -10.91 -50.18 -21.86
CA GLU F 92 -10.09 -51.33 -21.47
C GLU F 92 -9.43 -51.15 -20.09
N VAL F 93 -9.07 -49.93 -19.73
CA VAL F 93 -8.50 -49.64 -18.42
C VAL F 93 -9.57 -49.79 -17.33
N LEU F 94 -10.81 -49.42 -17.65
CA LEU F 94 -11.94 -49.60 -16.73
C LEU F 94 -12.33 -51.07 -16.53
N LYS F 95 -12.14 -51.91 -17.54
CA LYS F 95 -12.40 -53.36 -17.42
C LYS F 95 -11.41 -54.11 -16.53
N ARG F 96 -10.20 -53.59 -16.35
CA ARG F 96 -9.24 -54.18 -15.41
C ARG F 96 -9.76 -54.06 -13.98
N ASP F 97 -9.93 -55.20 -13.30
CA ASP F 97 -10.40 -55.24 -11.92
C ASP F 97 -9.25 -54.86 -10.98
N GLU F 98 -9.31 -53.64 -10.44
CA GLU F 98 -8.23 -53.05 -9.65
C GLU F 98 -8.83 -52.26 -8.46
N PRO F 99 -9.22 -52.96 -7.37
CA PRO F 99 -9.84 -52.34 -6.19
C PRO F 99 -9.09 -51.13 -5.59
N GLN F 100 -7.77 -51.21 -5.55
CA GLN F 100 -6.94 -50.09 -5.04
C GLN F 100 -6.96 -48.83 -5.93
N LYS F 101 -7.21 -49.01 -7.23
CA LYS F 101 -7.21 -47.91 -8.20
C LYS F 101 -8.60 -47.26 -8.25
N LYS F 102 -8.75 -46.13 -7.57
CA LYS F 102 -10.07 -45.50 -7.38
C LYS F 102 -10.31 -44.20 -8.16
N GLU F 103 -9.26 -43.43 -8.43
CA GLU F 103 -9.41 -42.09 -9.03
C GLU F 103 -9.26 -42.07 -10.56
N VAL F 104 -10.10 -41.28 -11.21
CA VAL F 104 -10.03 -41.04 -12.64
C VAL F 104 -10.02 -39.55 -12.87
N ILE F 105 -9.04 -39.06 -13.62
CA ILE F 105 -8.83 -37.63 -13.83
C ILE F 105 -9.00 -37.27 -15.30
N PHE F 106 -9.79 -36.22 -15.55
CA PHE F 106 -9.95 -35.65 -16.90
C PHE F 106 -9.21 -34.33 -16.95
N VAL F 107 -8.43 -34.12 -18.00
CA VAL F 107 -7.70 -32.88 -18.22
C VAL F 107 -8.16 -32.27 -19.53
N THR F 108 -8.60 -31.00 -19.48
CA THR F 108 -9.17 -30.35 -20.66
C THR F 108 -8.74 -28.89 -20.73
N GLY F 109 -8.99 -28.27 -21.87
CA GLY F 109 -8.56 -26.90 -22.12
C GLY F 109 -8.19 -26.66 -23.58
N ILE F 110 -7.92 -25.40 -23.87
CA ILE F 110 -7.49 -24.96 -25.20
C ILE F 110 -6.12 -25.56 -25.54
N PRO F 111 -5.89 -25.91 -26.82
CA PRO F 111 -4.54 -26.29 -27.25
C PRO F 111 -3.49 -25.20 -26.98
N GLY F 112 -2.30 -25.63 -26.56
CA GLY F 112 -1.23 -24.70 -26.18
C GLY F 112 -1.29 -24.12 -24.77
N SER F 113 -2.23 -24.58 -23.94
CA SER F 113 -2.35 -24.09 -22.56
C SER F 113 -1.49 -24.88 -21.54
N GLY F 114 -0.74 -25.87 -22.01
CA GLY F 114 0.14 -26.66 -21.16
C GLY F 114 -0.55 -27.80 -20.45
N LYS F 115 -1.55 -28.41 -21.10
CA LYS F 115 -2.25 -29.57 -20.54
C LYS F 115 -1.28 -30.73 -20.39
N THR F 116 -0.63 -31.08 -21.49
CA THR F 116 0.29 -32.23 -21.52
C THR F 116 1.48 -32.02 -20.59
N SER F 117 2.07 -30.82 -20.62
CA SER F 117 3.17 -30.47 -19.71
C SER F 117 2.73 -30.51 -18.24
N THR F 118 1.49 -30.08 -17.98
CA THR F 118 0.89 -30.21 -16.65
C THR F 118 0.72 -31.68 -16.28
N VAL F 119 0.26 -32.50 -17.22
CA VAL F 119 0.11 -33.96 -17.00
C VAL F 119 1.45 -34.67 -16.78
N LYS F 120 2.52 -34.20 -17.43
CA LYS F 120 3.87 -34.73 -17.19
C LYS F 120 4.32 -34.42 -15.77
N ASN F 121 4.01 -33.20 -15.30
CA ASN F 121 4.33 -32.78 -13.94
C ASN F 121 3.52 -33.49 -12.83
N MET F 122 2.42 -34.13 -13.18
CA MET F 122 1.67 -34.97 -12.23
C MET F 122 2.40 -36.30 -11.96
N MET F 123 2.62 -36.59 -10.68
CA MET F 123 3.18 -37.88 -10.27
C MET F 123 2.02 -38.84 -10.03
N MET F 124 2.00 -39.95 -10.76
CA MET F 124 0.94 -40.94 -10.61
C MET F 124 0.96 -41.52 -9.21
N GLN F 125 -0.22 -41.58 -8.58
CA GLN F 125 -0.38 -42.11 -7.24
C GLN F 125 -0.79 -43.57 -7.34
N ASP F 126 -0.82 -44.24 -6.19
CA ASP F 126 -1.26 -45.64 -6.10
C ASP F 126 -2.76 -45.78 -6.36
N THR F 127 -3.52 -44.73 -6.01
CA THR F 127 -4.98 -44.71 -6.22
C THR F 127 -5.40 -44.30 -7.64
N THR F 128 -4.53 -43.59 -8.36
CA THR F 128 -4.84 -43.13 -9.72
C THR F 128 -5.00 -44.31 -10.69
N LYS F 129 -6.22 -44.45 -11.23
CA LYS F 129 -6.57 -45.52 -12.15
C LYS F 129 -6.33 -45.15 -13.61
N LEU F 130 -6.71 -43.94 -13.98
CA LEU F 130 -6.83 -43.53 -15.37
C LEU F 130 -6.79 -42.03 -15.47
N LEU F 131 -6.13 -41.52 -16.50
CA LEU F 131 -6.08 -40.08 -16.78
C LEU F 131 -6.38 -39.86 -18.26
N PHE F 132 -7.40 -39.06 -18.55
CA PHE F 132 -7.81 -38.77 -19.93
C PHE F 132 -7.62 -37.30 -20.27
N GLU F 133 -6.94 -37.03 -21.40
CA GLU F 133 -6.77 -35.68 -21.92
C GLU F 133 -7.61 -35.54 -23.18
N GLY F 134 -8.51 -34.55 -23.18
CA GLY F 134 -9.40 -34.32 -24.31
C GLY F 134 -10.31 -33.13 -24.06
N GLN F 135 -10.99 -32.67 -25.10
CA GLN F 135 -11.96 -31.58 -24.95
C GLN F 135 -13.23 -32.06 -24.25
N LEU F 136 -13.77 -31.20 -23.38
CA LEU F 136 -15.10 -31.39 -22.78
C LEU F 136 -16.03 -30.22 -23.10
N ALA F 137 -15.66 -29.39 -24.07
CA ALA F 137 -16.48 -28.25 -24.51
C ALA F 137 -17.73 -28.73 -25.28
N ARG F 138 -17.59 -29.84 -25.98
CA ARG F 138 -18.70 -30.58 -26.58
C ARG F 138 -18.77 -31.92 -25.84
N PRO F 139 -19.42 -31.96 -24.67
CA PRO F 139 -19.26 -33.09 -23.74
C PRO F 139 -20.10 -34.35 -24.00
N GLN F 140 -20.90 -34.39 -25.07
CA GLN F 140 -21.73 -35.58 -25.36
C GLN F 140 -20.99 -36.91 -25.15
N SER F 141 -19.83 -37.03 -25.79
CA SER F 141 -19.02 -38.24 -25.68
C SER F 141 -18.34 -38.41 -24.32
N ALA F 142 -18.08 -37.30 -23.63
CA ALA F 142 -17.53 -37.33 -22.28
C ALA F 142 -18.54 -37.79 -21.23
N PHE F 143 -19.84 -37.62 -21.50
CA PHE F 143 -20.90 -38.15 -20.62
C PHE F 143 -20.78 -39.66 -20.47
N ARG F 144 -20.63 -40.35 -21.60
CA ARG F 144 -20.47 -41.83 -21.60
C ARG F 144 -19.28 -42.31 -20.75
N LYS F 145 -18.18 -41.56 -20.78
CA LYS F 145 -16.97 -41.89 -20.03
C LYS F 145 -17.14 -41.64 -18.52
N ILE F 146 -17.70 -40.47 -18.18
CA ILE F 146 -17.95 -40.12 -16.77
C ILE F 146 -18.99 -41.05 -16.17
N GLU F 147 -20.01 -41.39 -16.96
CA GLU F 147 -21.06 -42.33 -16.56
C GLU F 147 -20.48 -43.69 -16.16
N GLN F 148 -19.59 -44.22 -17.01
CA GLN F 148 -18.90 -45.50 -16.74
C GLN F 148 -18.03 -45.47 -15.47
N CYS F 149 -17.42 -44.33 -15.18
CA CYS F 149 -16.59 -44.18 -13.97
C CYS F 149 -17.42 -44.24 -12.70
N LEU F 150 -18.54 -43.52 -12.68
CA LEU F 150 -19.43 -43.48 -11.52
C LEU F 150 -20.15 -44.82 -11.27
N GLU F 151 -20.44 -45.56 -12.35
CA GLU F 151 -20.96 -46.93 -12.24
C GLU F 151 -20.04 -47.89 -11.47
N ARG F 152 -18.75 -47.58 -11.39
CA ARG F 152 -17.78 -48.39 -10.64
C ARG F 152 -17.24 -47.66 -9.40
N ASN F 153 -18.00 -46.69 -8.87
CA ASN F 153 -17.65 -45.90 -7.68
C ASN F 153 -16.28 -45.22 -7.76
N LEU F 154 -15.90 -44.77 -8.95
CA LEU F 154 -14.60 -44.12 -9.14
C LEU F 154 -14.74 -42.62 -8.94
N GLU F 155 -13.76 -42.02 -8.28
CA GLU F 155 -13.78 -40.59 -7.97
C GLU F 155 -13.31 -39.80 -9.19
N VAL F 156 -14.25 -39.10 -9.82
CA VAL F 156 -13.99 -38.39 -11.08
C VAL F 156 -13.66 -36.92 -10.81
N THR F 157 -12.39 -36.55 -11.00
CA THR F 157 -11.94 -35.16 -10.97
C THR F 157 -11.77 -34.66 -12.41
N ILE F 158 -12.12 -33.40 -12.65
CA ILE F 158 -11.96 -32.76 -13.97
C ILE F 158 -11.14 -31.48 -13.77
N VAL F 159 -10.03 -31.36 -14.50
CA VAL F 159 -9.17 -30.17 -14.45
C VAL F 159 -9.32 -29.38 -15.75
N ALA F 160 -9.85 -28.17 -15.64
CA ALA F 160 -9.98 -27.28 -16.78
C ALA F 160 -8.79 -26.33 -16.80
N VAL F 161 -7.78 -26.64 -17.61
CA VAL F 161 -6.60 -25.77 -17.76
C VAL F 161 -6.98 -24.59 -18.66
N SER F 162 -6.52 -23.39 -18.32
CA SER F 162 -6.93 -22.18 -19.03
C SER F 162 -5.80 -21.19 -19.25
N MET F 163 -5.92 -20.42 -20.33
CA MET F 163 -4.90 -19.46 -20.76
C MET F 163 -5.52 -18.56 -21.83
N ARG F 164 -5.03 -17.33 -21.95
CA ARG F 164 -5.41 -16.43 -23.07
C ARG F 164 -5.14 -17.13 -24.39
N ALA F 165 -6.04 -16.95 -25.36
CA ALA F 165 -5.87 -17.51 -26.70
C ALA F 165 -4.53 -17.12 -27.35
N GLU F 166 -4.11 -15.88 -27.17
CA GLU F 166 -2.91 -15.35 -27.83
C GLU F 166 -1.60 -15.95 -27.28
N ARG F 167 -1.55 -16.16 -25.97
CA ARG F 167 -0.40 -16.85 -25.35
C ARG F 167 -0.39 -18.35 -25.69
N ALA F 168 -1.57 -18.96 -25.71
CA ALA F 168 -1.75 -20.35 -26.15
C ALA F 168 -1.33 -20.55 -27.61
N SER F 169 -1.73 -19.61 -28.47
CA SER F 169 -1.35 -19.60 -29.87
C SER F 169 0.17 -19.54 -30.07
N ASP F 170 0.87 -18.74 -29.26
CA ASP F 170 2.34 -18.68 -29.32
C ASP F 170 2.97 -20.04 -28.95
N ASN F 171 2.39 -20.73 -27.99
CA ASN F 171 2.87 -22.07 -27.61
C ASN F 171 2.67 -23.11 -28.72
N THR F 172 1.58 -22.99 -29.48
CA THR F 172 1.34 -23.88 -30.62
C THR F 172 2.28 -23.58 -31.80
N TYR F 173 2.71 -22.33 -31.96
CA TYR F 173 3.72 -22.00 -32.98
C TYR F 173 5.02 -22.74 -32.70
N LYS F 174 5.50 -22.64 -31.46
CA LYS F 174 6.77 -23.28 -31.05
C LYS F 174 6.69 -24.79 -31.17
N ARG F 175 5.53 -25.34 -30.87
CA ARG F 175 5.29 -26.77 -30.99
C ARG F 175 5.26 -27.21 -32.45
N PHE F 176 4.69 -26.37 -33.33
CA PHE F 176 4.68 -26.63 -34.76
C PHE F 176 6.08 -26.57 -35.36
N ASN F 177 6.82 -25.52 -35.06
CA ASN F 177 8.17 -25.35 -35.62
C ASN F 177 9.09 -26.48 -35.21
N GLU F 178 9.00 -26.90 -33.96
CA GLU F 178 9.83 -27.97 -33.41
C GLU F 178 9.41 -29.36 -33.92
N TYR F 179 8.11 -29.66 -33.84
CA TYR F 179 7.60 -31.03 -34.07
C TYR F 179 6.47 -31.20 -35.11
N GLY F 180 6.16 -30.14 -35.85
CA GLY F 180 5.13 -30.18 -36.90
C GLY F 180 3.68 -30.29 -36.46
N ARG F 181 3.42 -30.11 -35.15
CA ARG F 181 2.11 -30.29 -34.56
C ARG F 181 1.71 -28.98 -33.94
N GLY F 182 0.68 -28.34 -34.48
CA GLY F 182 0.19 -27.07 -33.96
C GLY F 182 -1.25 -27.24 -33.51
N ALA F 183 -2.08 -26.25 -33.85
CA ALA F 183 -3.52 -26.32 -33.64
C ALA F 183 -4.19 -25.22 -34.45
N SER F 184 -5.34 -25.52 -35.04
CA SER F 184 -6.08 -24.55 -35.85
C SER F 184 -6.75 -23.50 -34.95
N ILE F 185 -6.96 -22.30 -35.48
CA ILE F 185 -7.67 -21.25 -34.73
C ILE F 185 -9.14 -21.63 -34.52
N GLY F 186 -9.76 -22.22 -35.54
CA GLY F 186 -11.17 -22.61 -35.48
C GLY F 186 -11.47 -23.52 -34.29
N ILE F 187 -10.59 -24.49 -34.07
CA ILE F 187 -10.74 -25.43 -32.95
C ILE F 187 -10.36 -24.82 -31.59
N MET F 188 -9.33 -23.97 -31.55
CA MET F 188 -8.97 -23.25 -30.33
C MET F 188 -10.10 -22.31 -29.85
N ALA F 189 -10.71 -21.63 -30.81
CA ALA F 189 -11.85 -20.77 -30.53
C ALA F 189 -13.05 -21.58 -30.04
N ASP F 190 -13.36 -22.67 -30.73
CA ASP F 190 -14.49 -23.52 -30.37
C ASP F 190 -14.37 -24.05 -28.94
N ILE F 191 -13.20 -24.58 -28.60
CA ILE F 191 -12.97 -25.15 -27.27
C ILE F 191 -13.06 -24.05 -26.20
N GLN F 192 -12.24 -23.01 -26.31
CA GLN F 192 -12.21 -21.95 -25.29
C GLN F 192 -13.56 -21.26 -25.08
N ALA F 193 -14.31 -21.03 -26.17
CA ALA F 193 -15.61 -20.38 -26.09
C ALA F 193 -16.67 -21.25 -25.42
N ASN F 194 -16.73 -22.53 -25.81
CA ASN F 194 -17.79 -23.46 -25.37
C ASN F 194 -17.42 -24.35 -24.17
N LEU F 195 -16.25 -24.12 -23.57
CA LEU F 195 -15.81 -24.95 -22.42
C LEU F 195 -16.60 -24.65 -21.13
N PRO F 196 -16.91 -23.36 -20.84
CA PRO F 196 -17.84 -23.07 -19.74
C PRO F 196 -19.18 -23.78 -19.86
N ASP F 197 -19.81 -23.69 -21.04
CA ASP F 197 -21.06 -24.41 -21.30
C ASP F 197 -20.93 -25.91 -21.09
N GLY F 198 -19.83 -26.49 -21.57
CA GLY F 198 -19.60 -27.93 -21.48
C GLY F 198 -19.42 -28.44 -20.06
N LEU F 199 -18.71 -27.67 -19.24
CA LEU F 199 -18.51 -28.02 -17.83
C LEU F 199 -19.81 -27.84 -17.06
N LYS F 200 -20.53 -26.73 -17.33
CA LYS F 200 -21.88 -26.52 -16.78
C LYS F 200 -22.83 -27.66 -17.13
N GLN F 201 -22.79 -28.10 -18.39
CA GLN F 201 -23.59 -29.24 -18.86
C GLN F 201 -23.26 -30.52 -18.08
N ILE F 202 -21.98 -30.69 -17.74
CA ILE F 202 -21.51 -31.81 -16.91
C ILE F 202 -21.97 -31.67 -15.45
N ARG F 203 -21.76 -30.49 -14.86
CA ARG F 203 -22.17 -30.23 -13.47
C ARG F 203 -23.67 -30.43 -13.24
N ASP F 204 -24.48 -30.00 -14.21
CA ASP F 204 -25.94 -30.18 -14.15
C ASP F 204 -26.36 -31.64 -14.23
N LYS F 205 -25.67 -32.44 -15.02
CA LYS F 205 -26.02 -33.86 -15.20
C LYS F 205 -25.57 -34.80 -14.06
N PHE F 206 -24.43 -34.50 -13.43
CA PHE F 206 -23.80 -35.39 -12.43
C PHE F 206 -23.72 -34.86 -10.99
N GLY F 207 -23.72 -33.54 -10.81
CA GLY F 207 -23.67 -32.94 -9.49
C GLY F 207 -22.33 -33.09 -8.80
N ASP F 208 -22.35 -33.14 -7.47
CA ASP F 208 -21.12 -33.23 -6.66
C ASP F 208 -20.39 -34.58 -6.73
N ALA F 209 -20.96 -35.57 -7.44
CA ALA F 209 -20.23 -36.78 -7.82
C ALA F 209 -18.93 -36.48 -8.60
N VAL F 210 -18.98 -35.45 -9.44
CA VAL F 210 -17.87 -35.05 -10.29
C VAL F 210 -17.28 -33.73 -9.79
N LYS F 211 -16.14 -33.82 -9.11
CA LYS F 211 -15.39 -32.63 -8.68
C LYS F 211 -14.79 -31.92 -9.90
N ILE F 212 -14.97 -30.61 -10.00
CA ILE F 212 -14.47 -29.83 -11.15
C ILE F 212 -13.59 -28.66 -10.68
N VAL F 213 -12.29 -28.77 -10.93
CA VAL F 213 -11.29 -27.76 -10.55
C VAL F 213 -10.76 -27.09 -11.82
N GLY F 214 -9.86 -26.13 -11.65
CA GLY F 214 -9.22 -25.46 -12.78
C GLY F 214 -7.81 -24.98 -12.45
N ILE F 215 -7.03 -24.74 -13.50
CA ILE F 215 -5.69 -24.18 -13.38
C ILE F 215 -5.65 -22.96 -14.28
N ASN F 216 -5.45 -21.79 -13.68
CA ASN F 216 -5.26 -20.55 -14.43
C ASN F 216 -3.76 -20.42 -14.68
N GLN F 217 -3.34 -20.65 -15.92
CA GLN F 217 -1.93 -20.59 -16.29
C GLN F 217 -1.42 -19.16 -16.39
N ASP F 218 -2.31 -18.21 -16.67
CA ASP F 218 -1.95 -16.79 -16.67
C ASP F 218 -1.66 -16.26 -15.26
N ARG F 219 -2.31 -16.85 -14.25
CA ARG F 219 -2.06 -16.52 -12.84
C ARG F 219 -1.05 -17.50 -12.22
N ASN F 220 0.14 -17.61 -12.81
CA ASN F 220 1.18 -18.54 -12.35
C ASN F 220 0.64 -19.90 -11.90
N SER F 221 -0.12 -20.55 -12.79
CA SER F 221 -0.68 -21.88 -12.59
C SER F 221 -1.49 -22.03 -11.28
N GLU F 222 -2.30 -21.02 -10.97
CA GLU F 222 -3.09 -20.97 -9.74
C GLU F 222 -4.21 -22.01 -9.76
N PHE F 223 -4.18 -22.91 -8.78
CA PHE F 223 -5.24 -23.91 -8.58
C PHE F 223 -6.54 -23.22 -8.13
N ILE F 224 -7.67 -23.64 -8.72
CA ILE F 224 -8.99 -23.05 -8.46
C ILE F 224 -9.91 -24.17 -7.95
N ASP F 225 -10.31 -24.07 -6.68
CA ASP F 225 -11.07 -25.15 -6.02
C ASP F 225 -12.56 -25.17 -6.38
N LYS F 226 -13.20 -24.01 -6.40
CA LYS F 226 -14.67 -23.91 -6.48
C LYS F 226 -15.16 -23.73 -7.92
N PHE F 227 -16.19 -24.50 -8.29
CA PHE F 227 -16.78 -24.52 -9.64
C PHE F 227 -17.10 -23.13 -10.20
N ASP F 228 -17.66 -22.26 -9.37
CA ASP F 228 -18.06 -20.91 -9.81
C ASP F 228 -16.87 -20.04 -10.20
N ASP F 229 -15.72 -20.22 -9.52
CA ASP F 229 -14.49 -19.52 -9.88
C ASP F 229 -13.82 -20.07 -11.15
N VAL F 230 -14.01 -21.36 -11.42
CA VAL F 230 -13.55 -21.98 -12.68
C VAL F 230 -14.30 -21.37 -13.87
N ILE F 231 -15.62 -21.29 -13.77
CA ILE F 231 -16.47 -20.75 -14.84
C ILE F 231 -16.11 -19.30 -15.19
N LYS F 232 -15.72 -18.50 -14.19
CA LYS F 232 -15.32 -17.10 -14.45
C LYS F 232 -13.97 -17.00 -15.15
N MET F 233 -13.01 -17.82 -14.73
CA MET F 233 -11.68 -17.90 -15.37
C MET F 233 -11.79 -18.24 -16.87
N LEU F 234 -12.59 -19.26 -17.18
CA LEU F 234 -12.74 -19.76 -18.54
C LEU F 234 -13.52 -18.82 -19.46
N SER F 235 -14.45 -18.05 -18.88
CA SER F 235 -15.21 -17.03 -19.63
C SER F 235 -14.27 -15.97 -20.16
N LEU F 236 -13.79 -16.18 -21.38
CA LEU F 236 -12.84 -15.27 -22.05
C LEU F 236 -13.38 -14.76 -23.39
N GLY F 237 -14.71 -14.83 -23.57
CA GLY F 237 -15.36 -14.31 -24.77
C GLY F 237 -16.17 -15.34 -25.53
N SER F 238 -16.93 -14.87 -26.53
CA SER F 238 -17.71 -15.75 -27.39
C SER F 238 -16.81 -16.39 -28.44
N GLN F 239 -17.35 -17.36 -29.16
CA GLN F 239 -16.63 -18.00 -30.26
C GLN F 239 -16.32 -17.03 -31.41
N GLU F 240 -17.25 -16.10 -31.67
CA GLU F 240 -17.04 -15.06 -32.68
C GLU F 240 -15.88 -14.12 -32.31
N GLN F 241 -15.79 -13.75 -31.03
CA GLN F 241 -14.75 -12.82 -30.57
C GLN F 241 -13.34 -13.41 -30.60
N ILE F 242 -13.21 -14.64 -30.10
CA ILE F 242 -11.91 -15.31 -30.00
C ILE F 242 -11.38 -15.65 -31.38
N LEU F 243 -12.23 -16.22 -32.23
CA LEU F 243 -11.87 -16.53 -33.61
C LEU F 243 -11.41 -15.27 -34.35
N GLY F 244 -12.13 -14.18 -34.16
CA GLY F 244 -11.76 -12.87 -34.73
C GLY F 244 -10.40 -12.37 -34.27
N ARG F 245 -10.14 -12.49 -32.96
CA ARG F 245 -8.85 -12.06 -32.39
C ARG F 245 -7.70 -12.94 -32.87
N LEU F 246 -7.94 -14.25 -32.89
CA LEU F 246 -6.96 -15.23 -33.38
C LEU F 246 -6.71 -15.07 -34.88
N ALA F 247 -7.78 -14.89 -35.65
CA ALA F 247 -7.67 -14.60 -37.09
C ALA F 247 -6.77 -13.39 -37.35
N GLU F 248 -7.02 -12.29 -36.66
CA GLU F 248 -6.19 -11.09 -36.79
C GLU F 248 -4.76 -11.32 -36.33
N LYS F 249 -4.60 -12.11 -35.27
CA LYS F 249 -3.27 -12.43 -34.75
C LYS F 249 -2.41 -13.21 -35.76
N ILE F 250 -2.92 -14.35 -36.24
CA ILE F 250 -2.12 -15.20 -37.14
C ILE F 250 -1.81 -14.48 -38.46
N GLN F 251 -2.77 -13.68 -38.93
CA GLN F 251 -2.58 -12.87 -40.13
C GLN F 251 -1.52 -11.77 -39.94
N SER F 252 -1.52 -11.14 -38.76
CA SER F 252 -0.50 -10.13 -38.41
C SER F 252 0.86 -10.78 -38.26
N ASP F 253 0.90 -11.86 -37.49
CA ASP F 253 2.12 -12.63 -37.26
C ASP F 253 2.78 -13.08 -38.57
N PHE F 254 1.96 -13.47 -39.55
CA PHE F 254 2.47 -13.85 -40.87
C PHE F 254 2.94 -12.65 -41.67
N ASP F 255 2.10 -11.60 -41.73
CA ASP F 255 2.43 -10.37 -42.47
C ASP F 255 3.67 -9.63 -41.96
N SER F 256 4.02 -9.80 -40.68
CA SER F 256 5.24 -9.23 -40.10
C SER F 256 6.43 -10.23 -40.01
N GLY F 257 6.30 -11.40 -40.61
CA GLY F 257 7.38 -12.40 -40.63
C GLY F 257 7.71 -13.06 -39.30
N LYS F 258 6.75 -13.14 -38.40
CA LYS F 258 6.93 -13.84 -37.12
C LYS F 258 6.67 -15.35 -37.21
N ILE F 259 5.90 -15.78 -38.21
CA ILE F 259 5.65 -17.20 -38.47
C ILE F 259 5.73 -17.50 -39.97
N SER F 260 6.10 -18.72 -40.32
CA SER F 260 6.22 -19.14 -41.73
C SER F 260 4.86 -19.29 -42.41
N ARG F 261 4.87 -19.47 -43.73
CA ARG F 261 3.64 -19.76 -44.48
C ARG F 261 3.01 -21.09 -44.04
N GLU F 262 3.84 -22.05 -43.64
CA GLU F 262 3.38 -23.36 -43.18
C GLU F 262 2.70 -23.28 -41.80
N CYS F 263 3.35 -22.58 -40.87
CA CYS F 263 2.78 -22.32 -39.55
C CYS F 263 1.49 -21.47 -39.61
N PHE F 264 1.45 -20.53 -40.55
CA PHE F 264 0.23 -19.77 -40.84
C PHE F 264 -0.89 -20.65 -41.39
N ASN F 265 -0.56 -21.56 -42.32
CA ASN F 265 -1.58 -22.43 -42.93
C ASN F 265 -2.18 -23.42 -41.94
N GLN F 266 -1.33 -24.06 -41.12
CA GLN F 266 -1.83 -24.99 -40.11
C GLN F 266 -2.71 -24.29 -39.07
N ALA F 267 -2.32 -23.08 -38.69
CA ALA F 267 -3.09 -22.26 -37.75
C ALA F 267 -4.41 -21.83 -38.37
N LYS F 268 -4.37 -21.44 -39.63
CA LYS F 268 -5.56 -21.07 -40.38
C LYS F 268 -6.50 -22.26 -40.50
N GLY F 269 -5.94 -23.43 -40.80
CA GLY F 269 -6.72 -24.63 -41.08
C GLY F 269 -7.71 -24.38 -42.20
N SER F 270 -8.95 -24.80 -42.00
CA SER F 270 -10.00 -24.67 -43.01
C SER F 270 -10.87 -23.41 -42.85
N MET F 271 -10.44 -22.44 -42.04
CA MET F 271 -11.15 -21.15 -41.93
C MET F 271 -11.00 -20.35 -43.21
N ASP F 272 -12.11 -19.81 -43.71
CA ASP F 272 -12.06 -18.71 -44.67
C ASP F 272 -11.86 -17.44 -43.84
N LEU F 273 -10.64 -16.89 -43.87
CA LEU F 273 -10.29 -15.71 -43.08
C LEU F 273 -11.03 -14.46 -43.55
N GLU F 274 -11.25 -14.34 -44.86
CA GLU F 274 -12.04 -13.24 -45.43
C GLU F 274 -13.40 -13.11 -44.75
N SER F 275 -14.07 -14.25 -44.56
CA SER F 275 -15.37 -14.30 -43.91
C SER F 275 -15.35 -13.88 -42.43
N VAL F 276 -14.27 -14.20 -41.72
CA VAL F 276 -14.08 -13.79 -40.32
C VAL F 276 -13.85 -12.28 -40.23
N PHE F 277 -13.02 -11.76 -41.13
CA PHE F 277 -12.72 -10.32 -41.17
C PHE F 277 -13.94 -9.47 -41.54
N ALA F 278 -14.82 -10.00 -42.39
CA ALA F 278 -16.06 -9.31 -42.77
C ALA F 278 -17.04 -9.11 -41.60
N LYS F 279 -17.01 -10.03 -40.63
CA LYS F 279 -17.87 -9.93 -39.44
C LYS F 279 -17.41 -8.88 -38.42
N LYS F 280 -16.13 -8.48 -38.48
CA LYS F 280 -15.56 -7.54 -37.50
C LYS F 280 -16.23 -6.17 -37.56
N GLU F 281 -16.51 -5.61 -36.39
CA GLU F 281 -17.25 -4.35 -36.26
C GLU F 281 -16.33 -3.19 -35.88
N TYR F 282 -16.52 -2.06 -36.55
CA TYR F 282 -15.79 -0.83 -36.25
C TYR F 282 -16.78 0.26 -35.81
N SER F 283 -17.82 -0.13 -35.08
CA SER F 283 -18.98 0.73 -34.81
C SER F 283 -18.62 1.99 -34.03
N GLN F 284 -17.84 1.80 -32.96
CA GLN F 284 -17.44 2.90 -32.08
C GLN F 284 -15.98 3.27 -32.34
N GLN F 285 -15.63 3.43 -33.62
CA GLN F 285 -14.25 3.69 -34.04
C GLN F 285 -14.15 4.70 -35.20
N ARG F 286 -13.07 5.47 -35.17
CA ARG F 286 -12.80 6.45 -36.21
C ARG F 286 -11.30 6.58 -36.44
N VAL F 287 -10.94 7.13 -37.60
CA VAL F 287 -9.55 7.41 -37.95
C VAL F 287 -9.43 8.92 -38.24
N VAL F 288 -8.60 9.59 -37.45
CA VAL F 288 -8.30 10.99 -37.62
C VAL F 288 -6.98 11.07 -38.40
N THR F 289 -7.00 11.76 -39.53
CA THR F 289 -5.80 11.96 -40.37
C THR F 289 -5.32 13.40 -40.26
N ASN F 290 -4.01 13.59 -40.41
CA ASN F 290 -3.42 14.94 -40.51
C ASN F 290 -2.08 14.91 -41.25
N SER F 291 -1.35 16.03 -41.27
CA SER F 291 -0.03 16.10 -41.93
C SER F 291 0.95 15.07 -41.38
N LYS F 292 0.92 14.83 -40.07
CA LYS F 292 1.87 13.95 -39.40
C LYS F 292 1.56 12.47 -39.56
N GLY F 293 0.29 12.10 -39.70
CA GLY F 293 -0.13 10.71 -39.95
C GLY F 293 -1.60 10.38 -39.75
N VAL F 294 -1.89 9.13 -39.39
CA VAL F 294 -3.24 8.69 -39.05
C VAL F 294 -3.28 8.14 -37.61
N THR F 295 -4.45 8.24 -36.99
CA THR F 295 -4.64 7.86 -35.59
C THR F 295 -5.97 7.10 -35.45
N LEU F 296 -5.90 5.87 -34.94
CA LEU F 296 -7.10 5.09 -34.64
C LEU F 296 -7.59 5.44 -33.23
N GLU F 297 -8.90 5.66 -33.10
CA GLU F 297 -9.51 6.07 -31.85
C GLU F 297 -10.82 5.28 -31.60
N THR F 298 -11.07 4.93 -30.34
CA THR F 298 -12.31 4.27 -29.93
C THR F 298 -13.08 5.16 -28.96
N LYS F 299 -14.42 5.12 -29.04
CA LYS F 299 -15.29 5.85 -28.12
C LYS F 299 -15.95 4.86 -27.16
N SER F 300 -15.78 5.08 -25.85
CA SER F 300 -16.45 4.27 -24.83
C SER F 300 -17.79 4.90 -24.42
N ALA F 301 -18.56 4.20 -23.57
CA ALA F 301 -19.91 4.63 -23.15
C ALA F 301 -20.01 6.09 -22.68
N ASN F 302 -18.94 6.58 -22.06
CA ASN F 302 -18.82 7.98 -21.62
C ASN F 302 -18.57 9.04 -22.72
N GLU F 303 -18.80 8.68 -23.99
CA GLU F 303 -18.72 9.62 -25.13
C GLU F 303 -17.34 10.27 -25.34
N LEU F 304 -16.27 9.56 -24.95
CA LEU F 304 -14.89 10.07 -25.01
C LEU F 304 -14.01 9.27 -25.97
N TRP F 305 -13.46 9.97 -26.97
CA TRP F 305 -12.52 9.36 -27.90
C TRP F 305 -11.13 9.30 -27.27
N SER F 306 -10.54 8.10 -27.27
CA SER F 306 -9.15 7.91 -26.78
C SER F 306 -8.33 7.16 -27.84
N LYS F 307 -7.03 7.44 -27.85
CA LYS F 307 -6.13 6.96 -28.92
C LYS F 307 -5.70 5.51 -28.73
N VAL F 308 -5.91 4.70 -29.76
CA VAL F 308 -5.56 3.27 -29.76
C VAL F 308 -4.23 3.01 -30.49
N GLU F 309 -4.04 3.67 -31.63
CA GLU F 309 -2.87 3.43 -32.48
C GLU F 309 -2.60 4.67 -33.34
N GLN F 310 -1.34 5.11 -33.39
CA GLN F 310 -0.91 6.20 -34.28
C GLN F 310 0.08 5.63 -35.29
N ILE F 311 -0.11 5.95 -36.57
CA ILE F 311 0.79 5.51 -37.64
C ILE F 311 1.29 6.74 -38.40
N PRO F 312 2.62 7.00 -38.40
CA PRO F 312 3.14 8.18 -39.09
C PRO F 312 3.15 8.01 -40.62
N VAL F 313 2.62 9.00 -41.32
CA VAL F 313 2.51 9.02 -42.78
C VAL F 313 2.65 10.47 -43.23
N THR F 314 3.21 10.70 -44.41
CA THR F 314 3.36 12.04 -44.97
C THR F 314 2.51 12.22 -46.23
N GLY F 315 1.89 13.41 -46.36
CA GLY F 315 1.17 13.81 -47.56
C GLY F 315 -0.35 13.79 -47.50
N MET F 316 -0.91 13.51 -46.33
CA MET F 316 -2.37 13.36 -46.17
C MET F 316 -3.00 14.64 -45.63
N LYS F 317 -4.21 14.94 -46.07
CA LYS F 317 -4.96 16.10 -45.57
C LYS F 317 -5.72 15.75 -44.29
N ALA F 318 -6.23 16.78 -43.61
CA ALA F 318 -6.94 16.59 -42.36
C ALA F 318 -8.29 15.96 -42.63
N GLY F 319 -8.67 14.99 -41.79
CA GLY F 319 -9.93 14.27 -41.97
C GLY F 319 -10.33 13.46 -40.74
N ILE F 320 -11.63 13.27 -40.57
CA ILE F 320 -12.19 12.41 -39.53
C ILE F 320 -13.11 11.43 -40.25
N TYR F 321 -12.77 10.14 -40.18
CA TYR F 321 -13.51 9.10 -40.87
C TYR F 321 -14.10 8.10 -39.88
N LEU F 322 -15.42 8.02 -39.83
CA LEU F 322 -16.11 7.06 -38.98
C LEU F 322 -16.09 5.70 -39.68
N LEU F 323 -15.36 4.75 -39.08
CA LEU F 323 -15.14 3.44 -39.68
C LEU F 323 -16.38 2.54 -39.67
N GLY F 324 -17.24 2.73 -38.68
CA GLY F 324 -18.49 1.97 -38.59
C GLY F 324 -19.51 2.29 -39.67
N GLN F 325 -19.39 3.47 -40.28
CA GLN F 325 -20.32 3.93 -41.32
C GLN F 325 -19.75 3.81 -42.74
N ALA F 326 -18.73 2.98 -42.92
CA ALA F 326 -18.16 2.73 -44.23
C ALA F 326 -19.04 1.76 -45.01
N LYS F 327 -19.22 2.02 -46.30
CA LYS F 327 -19.96 1.13 -47.19
C LYS F 327 -19.10 -0.06 -47.55
N LYS F 328 -19.67 -1.27 -47.47
CA LYS F 328 -18.95 -2.49 -47.86
C LYS F 328 -18.80 -2.51 -49.38
N ALA F 329 -17.58 -2.77 -49.84
CA ALA F 329 -17.29 -2.81 -51.27
C ALA F 329 -18.03 -3.99 -51.90
N GLU F 330 -18.66 -3.73 -53.05
CA GLU F 330 -19.35 -4.77 -53.83
C GLU F 330 -18.39 -5.35 -54.87
N THR F 331 -18.50 -6.66 -55.09
CA THR F 331 -17.58 -7.36 -55.98
C THR F 331 -17.84 -7.01 -57.45
N GLY F 332 -16.77 -6.98 -58.25
CA GLY F 332 -16.85 -6.65 -59.68
C GLY F 332 -16.94 -5.17 -60.02
N GLN F 333 -16.66 -4.29 -59.06
CA GLN F 333 -16.58 -2.85 -59.30
C GLN F 333 -15.22 -2.32 -58.87
N THR F 334 -14.85 -1.17 -59.43
CA THR F 334 -13.61 -0.49 -59.11
C THR F 334 -13.89 0.68 -58.16
N TYR F 335 -13.02 0.87 -57.17
CA TYR F 335 -13.12 1.95 -56.20
C TYR F 335 -11.82 2.75 -56.19
N SER F 336 -11.88 4.01 -56.63
CA SER F 336 -10.70 4.88 -56.74
C SER F 336 -10.61 5.86 -55.57
N GLY F 337 -9.43 5.98 -54.98
CA GLY F 337 -9.23 6.95 -53.89
C GLY F 337 -8.11 6.63 -52.93
N GLU F 338 -7.89 7.56 -51.99
CA GLU F 338 -6.80 7.45 -51.01
C GLU F 338 -7.13 6.46 -49.90
N ILE F 339 -6.15 5.64 -49.53
CA ILE F 339 -6.29 4.73 -48.39
C ILE F 339 -6.05 5.55 -47.11
N ILE F 340 -7.05 5.55 -46.23
CA ILE F 340 -6.97 6.31 -44.97
C ILE F 340 -6.60 5.43 -43.76
N TYR F 341 -6.97 4.15 -43.81
CA TYR F 341 -6.57 3.22 -42.76
C TYR F 341 -6.56 1.79 -43.27
N LYS F 342 -5.75 0.97 -42.59
CA LYS F 342 -5.55 -0.42 -42.96
C LYS F 342 -5.14 -1.18 -41.70
N ASP F 343 -5.76 -2.34 -41.48
CA ASP F 343 -5.32 -3.26 -40.41
C ASP F 343 -5.37 -4.72 -40.91
N ALA F 344 -5.34 -5.67 -39.99
CA ALA F 344 -5.32 -7.09 -40.35
C ALA F 344 -6.58 -7.53 -41.09
N ALA F 345 -7.73 -6.95 -40.74
CA ALA F 345 -9.04 -7.36 -41.27
C ALA F 345 -9.56 -6.52 -42.45
N ALA F 346 -9.27 -5.21 -42.45
CA ALA F 346 -9.91 -4.29 -43.38
C ALA F 346 -8.96 -3.30 -44.01
N VAL F 347 -9.36 -2.80 -45.17
CA VAL F 347 -8.70 -1.68 -45.84
C VAL F 347 -9.78 -0.62 -46.08
N PHE F 348 -9.59 0.57 -45.51
CA PHE F 348 -10.54 1.67 -45.63
C PHE F 348 -10.06 2.72 -46.62
N GLN F 349 -10.94 3.08 -47.56
CA GLN F 349 -10.58 3.92 -48.71
C GLN F 349 -11.58 5.05 -48.90
N LYS F 350 -11.09 6.28 -48.94
CA LYS F 350 -11.96 7.44 -49.23
C LYS F 350 -12.13 7.57 -50.73
N THR F 351 -13.34 7.27 -51.21
CA THR F 351 -13.73 7.54 -52.60
C THR F 351 -14.60 8.80 -52.66
N LYS F 352 -14.96 9.19 -53.87
CA LYS F 352 -15.84 10.35 -54.08
C LYS F 352 -17.28 10.09 -53.61
N ASN F 353 -17.69 8.82 -53.57
CA ASN F 353 -18.99 8.42 -53.01
C ASN F 353 -18.87 7.94 -51.55
N GLY F 354 -17.96 8.54 -50.78
CA GLY F 354 -17.80 8.22 -49.35
C GLY F 354 -16.82 7.11 -49.04
N LEU F 355 -16.65 6.85 -47.75
CA LEU F 355 -15.67 5.88 -47.24
C LEU F 355 -16.11 4.45 -47.58
N VAL F 356 -15.19 3.70 -48.21
CA VAL F 356 -15.44 2.32 -48.61
C VAL F 356 -14.56 1.37 -47.81
N ARG F 357 -15.12 0.22 -47.43
CA ARG F 357 -14.42 -0.83 -46.69
C ARG F 357 -14.22 -2.05 -47.56
N HIS F 358 -12.97 -2.43 -47.78
CA HIS F 358 -12.60 -3.67 -48.43
C HIS F 358 -12.11 -4.66 -47.39
N ASN F 359 -12.43 -5.95 -47.56
CA ASN F 359 -11.81 -6.99 -46.73
C ASN F 359 -10.33 -7.03 -47.07
N ALA F 360 -9.48 -7.21 -46.05
CA ALA F 360 -8.03 -7.22 -46.25
C ALA F 360 -7.55 -8.45 -47.03
N THR F 361 -8.37 -9.50 -47.05
CA THR F 361 -8.12 -10.69 -47.85
C THR F 361 -9.31 -10.88 -48.81
N HIS F 362 -9.01 -11.22 -50.06
CA HIS F 362 -10.03 -11.44 -51.10
C HIS F 362 -9.72 -12.73 -51.88
N ASN F 363 -10.54 -13.77 -51.69
CA ASN F 363 -10.34 -15.10 -52.32
C ASN F 363 -8.93 -15.68 -52.07
N GLU F 364 -8.47 -15.56 -50.83
CA GLU F 364 -7.11 -15.97 -50.41
C GLU F 364 -5.95 -15.14 -51.00
N GLU F 365 -6.23 -14.09 -51.77
CA GLU F 365 -5.23 -13.09 -52.14
C GLU F 365 -5.29 -11.97 -51.11
N ARG F 366 -4.13 -11.43 -50.75
CA ARG F 366 -4.02 -10.45 -49.67
C ARG F 366 -4.00 -9.02 -50.21
N LEU F 367 -5.09 -8.27 -49.97
CA LEU F 367 -5.22 -6.88 -50.45
C LEU F 367 -4.35 -5.90 -49.65
N ALA F 368 -4.30 -6.09 -48.33
CA ALA F 368 -3.60 -5.18 -47.42
C ALA F 368 -2.14 -4.90 -47.79
N LYS F 369 -1.40 -5.93 -48.21
CA LYS F 369 0.01 -5.77 -48.57
C LYS F 369 0.24 -5.02 -49.88
N LEU F 370 -0.80 -4.94 -50.73
CA LEU F 370 -0.71 -4.27 -52.03
C LEU F 370 -0.97 -2.76 -52.01
N VAL F 371 -1.34 -2.20 -50.86
CA VAL F 371 -1.59 -0.77 -50.72
C VAL F 371 -0.95 -0.24 -49.43
N GLU F 372 -0.74 1.08 -49.41
CA GLU F 372 -0.20 1.76 -48.24
C GLU F 372 -1.14 2.89 -47.84
N ILE F 373 -1.16 3.20 -46.55
CA ILE F 373 -1.98 4.29 -46.03
C ILE F 373 -1.42 5.58 -46.60
N GLY F 374 -2.31 6.46 -47.06
CA GLY F 374 -1.90 7.68 -47.77
C GLY F 374 -1.83 7.54 -49.28
N GLN F 375 -1.79 6.31 -49.79
CA GLN F 375 -1.62 6.07 -51.22
C GLN F 375 -2.95 6.15 -51.95
N ASN F 376 -2.93 6.78 -53.13
CA ASN F 376 -4.13 6.91 -53.97
C ASN F 376 -4.16 5.77 -54.99
N VAL F 377 -5.14 4.88 -54.86
CA VAL F 377 -5.21 3.65 -55.66
C VAL F 377 -6.63 3.37 -56.16
N SER F 378 -6.71 2.54 -57.20
CA SER F 378 -7.97 1.94 -57.63
C SER F 378 -7.94 0.45 -57.29
N ILE F 379 -8.99 -0.04 -56.62
CA ILE F 379 -9.09 -1.45 -56.22
C ILE F 379 -10.30 -2.09 -56.91
N GLY F 380 -10.03 -3.00 -57.84
CA GLY F 380 -11.07 -3.76 -58.55
C GLY F 380 -10.83 -5.24 -58.46
N SER F 381 -11.85 -6.03 -58.76
CA SER F 381 -11.76 -7.49 -58.77
C SER F 381 -12.41 -8.04 -60.04
N ASN F 382 -11.59 -8.31 -61.05
CA ASN F 382 -12.06 -8.86 -62.33
C ASN F 382 -11.93 -10.38 -62.35
N LYS F 383 -13.07 -11.07 -62.46
CA LYS F 383 -13.16 -12.54 -62.56
C LYS F 383 -12.57 -13.24 -61.32
N GLY F 384 -12.99 -12.78 -60.15
CA GLY F 384 -12.48 -13.30 -58.86
C GLY F 384 -10.98 -13.13 -58.64
N LYS F 385 -10.39 -12.12 -59.28
CA LYS F 385 -8.95 -11.86 -59.20
C LYS F 385 -8.72 -10.36 -59.07
N LEU F 386 -7.78 -9.99 -58.20
CA LEU F 386 -7.63 -8.62 -57.69
C LEU F 386 -6.82 -7.75 -58.65
N ILE F 387 -7.27 -6.52 -58.85
CA ILE F 387 -6.59 -5.52 -59.68
C ILE F 387 -6.38 -4.25 -58.86
N VAL F 388 -5.15 -4.00 -58.44
CA VAL F 388 -4.80 -2.75 -57.75
C VAL F 388 -3.86 -1.94 -58.64
N LYS F 389 -4.24 -0.70 -58.93
CA LYS F 389 -3.41 0.23 -59.69
C LYS F 389 -3.12 1.46 -58.85
N SER F 390 -1.91 2.00 -58.99
CA SER F 390 -1.60 3.31 -58.44
C SER F 390 -2.29 4.42 -59.28
N LEU F 391 -2.84 5.42 -58.59
CA LEU F 391 -3.39 6.61 -59.23
C LEU F 391 -2.55 7.86 -58.91
N GLU F 392 -1.37 7.65 -58.34
CA GLU F 392 -0.47 8.74 -57.96
C GLU F 392 0.04 9.45 -59.20
N TYR F 393 0.12 10.78 -59.14
CA TYR F 393 0.63 11.60 -60.23
C TYR F 393 1.14 12.95 -59.74
N SER F 394 1.80 13.68 -60.62
CA SER F 394 2.29 15.03 -60.33
C SER F 394 2.04 15.93 -61.55
N ALA F 395 1.59 17.16 -61.29
CA ALA F 395 1.26 18.12 -62.35
C ALA F 395 1.21 19.56 -61.83
N GLN G 7 5.86 22.54 -3.33
CA GLN G 7 5.63 21.81 -4.61
C GLN G 7 4.12 21.64 -4.93
N GLU G 8 3.28 21.50 -3.90
CA GLU G 8 1.83 21.56 -4.05
C GLU G 8 1.29 22.95 -3.66
N SER G 9 0.22 23.39 -4.33
CA SER G 9 -0.34 24.73 -4.10
C SER G 9 -1.16 24.81 -2.82
N ASN G 10 -1.47 26.04 -2.40
CA ASN G 10 -2.36 26.29 -1.26
C ASN G 10 -3.78 25.74 -1.47
N ALA G 11 -4.23 25.73 -2.72
CA ALA G 11 -5.58 25.22 -3.07
C ALA G 11 -5.67 23.70 -2.90
N ILE G 12 -4.62 22.98 -3.32
CA ILE G 12 -4.61 21.52 -3.23
C ILE G 12 -4.45 21.03 -1.78
N ARG G 13 -3.72 21.76 -0.94
CA ARG G 13 -3.69 21.46 0.49
C ARG G 13 -5.08 21.69 1.09
N MET G 14 -5.65 22.86 0.78
CA MET G 14 -7.01 23.23 1.19
C MET G 14 -8.05 22.17 0.83
N ILE G 15 -7.95 21.61 -0.38
CA ILE G 15 -8.86 20.54 -0.82
C ILE G 15 -8.62 19.25 -0.03
N LYS G 16 -7.36 18.86 0.10
CA LYS G 16 -7.00 17.67 0.91
C LYS G 16 -7.41 17.79 2.38
N GLU G 17 -7.23 18.98 2.96
CA GLU G 17 -7.71 19.26 4.33
C GLU G 17 -9.22 19.12 4.46
N ALA G 18 -9.94 19.52 3.40
CA ALA G 18 -11.41 19.38 3.36
C ALA G 18 -11.85 17.92 3.26
N CYS G 19 -11.07 17.09 2.57
CA CYS G 19 -11.31 15.64 2.50
C CYS G 19 -11.15 14.93 3.85
N GLU G 20 -10.15 15.36 4.64
CA GLU G 20 -9.97 14.84 6.00
C GLU G 20 -11.19 15.13 6.88
N LYS G 21 -11.78 16.31 6.71
CA LYS G 21 -12.99 16.69 7.44
C LYS G 21 -14.24 15.99 6.88
N ASN G 22 -14.25 15.65 5.59
CA ASN G 22 -15.30 14.79 5.02
C ASN G 22 -15.27 13.40 5.68
N ARG G 23 -14.07 12.87 5.91
CA ARG G 23 -13.91 11.60 6.63
C ARG G 23 -14.29 11.70 8.11
N ARG G 24 -14.04 12.85 8.74
CA ARG G 24 -14.47 13.09 10.12
C ARG G 24 -16.00 13.18 10.25
N MET G 25 -16.69 13.62 9.19
CA MET G 25 -18.17 13.61 9.17
C MET G 25 -18.76 12.20 9.26
N MET G 26 -18.07 11.21 8.68
CA MET G 26 -18.53 9.82 8.69
C MET G 26 -18.49 9.21 10.10
N THR G 27 -17.35 9.34 10.78
CA THR G 27 -17.18 8.81 12.14
C THR G 27 -17.87 9.70 13.18
N ASP G 28 -17.44 10.96 13.26
CA ASP G 28 -17.99 11.94 14.22
C ASP G 28 -19.37 12.43 13.75
N GLU G 29 -20.42 11.85 14.32
CA GLU G 29 -21.81 12.21 13.98
C GLU G 29 -22.21 13.59 14.49
N ALA G 30 -21.61 14.02 15.61
CA ALA G 30 -21.84 15.37 16.16
C ALA G 30 -21.24 16.47 15.27
N PHE G 31 -20.14 16.16 14.59
CA PHE G 31 -19.50 17.07 13.63
C PHE G 31 -20.35 17.25 12.36
N ARG G 32 -20.94 16.16 11.86
CA ARG G 32 -21.76 16.18 10.63
C ARG G 32 -23.04 16.98 10.77
N LYS G 33 -23.68 16.92 11.94
CA LYS G 33 -24.89 17.71 12.19
C LYS G 33 -24.61 19.20 12.37
N GLU G 34 -23.39 19.54 12.81
CA GLU G 34 -22.96 20.94 12.93
C GLU G 34 -22.69 21.58 11.55
N VAL G 35 -22.11 20.80 10.62
CA VAL G 35 -21.83 21.26 9.25
C VAL G 35 -23.13 21.39 8.45
N GLU G 36 -23.92 20.32 8.42
CA GLU G 36 -25.10 20.22 7.54
C GLU G 36 -26.36 20.97 8.02
N LYS G 37 -26.34 21.48 9.25
CA LYS G 37 -27.46 22.30 9.76
C LYS G 37 -27.64 23.61 8.98
N ARG G 38 -26.53 24.31 8.75
CA ARG G 38 -26.57 25.64 8.13
C ARG G 38 -26.83 25.61 6.62
N LEU G 39 -26.22 24.64 5.93
CA LEU G 39 -26.00 24.69 4.47
C LEU G 39 -27.20 25.11 3.61
N TYR G 40 -28.24 24.28 3.58
CA TYR G 40 -29.38 24.49 2.67
C TYR G 40 -30.65 25.03 3.37
N ALA G 41 -30.48 25.53 4.59
CA ALA G 41 -31.60 26.03 5.42
C ALA G 41 -32.42 27.14 4.75
N GLY G 42 -31.71 28.06 4.09
CA GLY G 42 -32.32 29.28 3.54
C GLY G 42 -31.64 30.47 4.18
N PRO G 43 -32.13 31.69 3.87
CA PRO G 43 -31.50 32.89 4.42
C PRO G 43 -31.66 33.01 5.94
N SER G 44 -30.67 33.60 6.59
CA SER G 44 -30.73 33.91 8.03
C SER G 44 -31.80 34.97 8.32
N PRO G 45 -32.40 34.96 9.54
CA PRO G 45 -33.38 36.00 9.93
C PRO G 45 -32.90 37.46 9.77
N GLU G 46 -31.62 37.72 10.01
CA GLU G 46 -31.03 39.04 9.75
C GLU G 46 -30.96 39.37 8.25
N LEU G 47 -30.55 38.39 7.45
CA LEU G 47 -30.52 38.53 5.98
C LEU G 47 -31.92 38.66 5.40
N LEU G 48 -32.86 37.88 5.92
CA LEU G 48 -34.25 37.88 5.44
C LEU G 48 -34.98 39.20 5.73
N ALA G 49 -34.68 39.82 6.88
CA ALA G 49 -35.20 41.15 7.21
C ALA G 49 -34.76 42.21 6.21
N LYS G 50 -33.50 42.11 5.76
CA LYS G 50 -32.96 42.99 4.72
C LYS G 50 -33.64 42.71 3.38
N LEU G 51 -33.76 41.42 3.05
CA LEU G 51 -34.39 40.98 1.79
C LEU G 51 -35.85 41.42 1.64
N ARG G 52 -36.64 41.30 2.71
CA ARG G 52 -38.04 41.74 2.70
C ARG G 52 -38.20 43.22 2.33
N VAL G 53 -37.25 44.04 2.76
CA VAL G 53 -37.25 45.46 2.45
C VAL G 53 -36.87 45.65 0.97
N LEU G 54 -35.88 44.90 0.49
CA LEU G 54 -35.48 44.94 -0.92
C LEU G 54 -36.61 44.48 -1.87
N TRP G 55 -37.33 43.43 -1.48
CA TRP G 55 -38.44 42.91 -2.27
C TRP G 55 -39.65 43.83 -2.22
N ALA G 56 -39.97 44.33 -1.03
CA ALA G 56 -41.14 45.21 -0.83
C ALA G 56 -40.98 46.55 -1.55
N ALA G 57 -39.76 47.07 -1.56
CA ALA G 57 -39.45 48.32 -2.22
C ALA G 57 -39.57 48.31 -3.76
N ASN G 58 -39.59 47.13 -4.37
CA ASN G 58 -39.59 47.00 -5.84
C ASN G 58 -40.65 46.03 -6.37
N LYS G 59 -41.90 46.21 -5.93
CA LYS G 59 -43.02 45.39 -6.41
C LYS G 59 -43.45 45.79 -7.83
N VAL H 2 -23.79 48.30 -11.60
CA VAL H 2 -23.28 46.96 -12.04
C VAL H 2 -24.34 46.27 -12.90
N LYS H 3 -24.03 46.05 -14.16
CA LYS H 3 -24.94 45.36 -15.07
C LYS H 3 -24.67 43.87 -15.05
N LEU H 4 -25.68 43.08 -15.39
CA LEU H 4 -25.54 41.64 -15.51
C LEU H 4 -24.52 41.30 -16.61
N SER H 5 -23.76 40.23 -16.40
CA SER H 5 -22.72 39.81 -17.33
C SER H 5 -23.27 39.32 -18.67
N SER H 6 -24.50 38.81 -18.68
CA SER H 6 -25.12 38.27 -19.90
C SER H 6 -26.64 38.35 -19.85
N ASP H 7 -27.28 38.04 -20.98
CA ASP H 7 -28.75 37.96 -21.06
C ASP H 7 -29.25 36.68 -20.38
N ILE H 8 -30.39 36.78 -19.70
CA ILE H 8 -30.98 35.64 -19.00
C ILE H 8 -31.87 34.91 -19.99
N ASN H 9 -31.59 33.63 -20.23
CA ASN H 9 -32.33 32.83 -21.21
C ASN H 9 -33.70 32.47 -20.66
N LEU H 10 -34.74 32.70 -21.47
CA LEU H 10 -36.12 32.37 -21.10
C LEU H 10 -36.41 30.90 -21.38
N ARG H 11 -36.95 30.20 -20.39
CA ARG H 11 -37.50 28.85 -20.60
C ARG H 11 -38.96 29.00 -21.03
N ASP H 12 -39.41 28.08 -21.88
CA ASP H 12 -40.79 28.08 -22.36
C ASP H 12 -41.64 27.21 -21.44
N PHE H 13 -42.45 27.87 -20.60
CA PHE H 13 -43.36 27.17 -19.69
C PHE H 13 -44.74 26.95 -20.29
N GLY H 14 -45.10 27.73 -21.31
CA GLY H 14 -46.30 27.49 -22.11
C GLY H 14 -47.58 27.86 -21.39
N ASN H 15 -48.40 26.84 -21.08
CA ASN H 15 -49.72 27.06 -20.47
C ASN H 15 -49.67 27.44 -18.99
N ASN H 16 -48.62 27.01 -18.28
CA ASN H 16 -48.43 27.39 -16.88
C ASN H 16 -48.22 28.90 -16.79
N GLU H 17 -49.26 29.59 -16.31
CA GLU H 17 -49.27 31.07 -16.19
C GLU H 17 -48.48 31.56 -14.98
N TYR H 18 -48.48 30.76 -13.91
CA TYR H 18 -47.76 31.08 -12.67
C TYR H 18 -46.25 31.15 -12.90
N LEU H 19 -45.68 30.06 -13.41
CA LEU H 19 -44.24 29.96 -13.63
C LEU H 19 -43.72 31.00 -14.64
N SER H 20 -44.52 31.27 -15.68
CA SER H 20 -44.18 32.28 -16.68
C SER H 20 -44.07 33.69 -16.08
N SER H 21 -44.91 33.98 -15.09
CA SER H 21 -44.87 35.26 -14.36
C SER H 21 -43.76 35.28 -13.29
N VAL H 22 -43.51 34.14 -12.63
CA VAL H 22 -42.39 34.01 -11.69
C VAL H 22 -41.06 34.25 -12.42
N GLN H 23 -40.93 33.70 -13.63
CA GLN H 23 -39.76 33.92 -14.47
C GLN H 23 -39.56 35.39 -14.82
N ASP H 24 -40.64 36.08 -15.16
CA ASP H 24 -40.56 37.51 -15.49
C ASP H 24 -40.25 38.37 -14.26
N GLU H 25 -40.82 38.02 -13.10
CA GLU H 25 -40.51 38.70 -11.83
C GLU H 25 -39.03 38.54 -11.45
N ALA H 26 -38.49 37.34 -11.63
CA ALA H 26 -37.09 37.04 -11.33
C ALA H 26 -36.11 37.76 -12.26
N ILE H 27 -36.37 37.70 -13.57
CA ILE H 27 -35.53 38.39 -14.55
C ILE H 27 -35.56 39.92 -14.34
N ARG H 28 -36.74 40.45 -14.03
CA ARG H 28 -36.87 41.88 -13.76
C ARG H 28 -36.11 42.25 -12.49
N PHE H 29 -36.27 41.44 -11.44
CA PHE H 29 -35.59 41.65 -10.16
C PHE H 29 -34.07 41.61 -10.31
N ALA H 30 -33.56 40.54 -10.92
CA ALA H 30 -32.13 40.37 -11.16
C ALA H 30 -31.53 41.50 -12.00
N THR H 31 -32.23 41.88 -13.08
CA THR H 31 -31.76 42.94 -13.98
C THR H 31 -31.78 44.34 -13.36
N GLU H 32 -32.83 44.66 -12.60
CA GLU H 32 -33.04 46.01 -12.05
C GLU H 32 -32.43 46.25 -10.66
N GLN H 33 -32.26 45.19 -9.87
CA GLN H 33 -31.71 45.32 -8.50
C GLN H 33 -30.38 44.60 -8.32
N THR H 34 -29.55 44.64 -9.36
CA THR H 34 -28.29 43.88 -9.38
C THR H 34 -27.34 44.30 -8.26
N ASP H 35 -27.10 45.60 -8.12
CA ASP H 35 -26.22 46.14 -7.07
C ASP H 35 -26.59 45.63 -5.67
N GLU H 36 -27.86 45.75 -5.33
CA GLU H 36 -28.31 45.42 -3.98
C GLU H 36 -28.41 43.92 -3.74
N ILE H 37 -28.70 43.15 -4.79
CA ILE H 37 -28.67 41.68 -4.71
C ILE H 37 -27.24 41.19 -4.46
N LEU H 38 -26.27 41.73 -5.21
CA LEU H 38 -24.87 41.33 -5.04
C LEU H 38 -24.30 41.74 -3.69
N SER H 39 -24.70 42.92 -3.22
CA SER H 39 -24.30 43.42 -1.89
C SER H 39 -24.82 42.53 -0.77
N LEU H 40 -26.09 42.11 -0.86
CA LEU H 40 -26.67 41.19 0.13
C LEU H 40 -26.03 39.80 0.07
N TYR H 41 -25.72 39.34 -1.14
CA TYR H 41 -25.03 38.06 -1.32
C TYR H 41 -23.69 38.05 -0.59
N SER H 42 -22.89 39.09 -0.83
CA SER H 42 -21.52 39.15 -0.30
C SER H 42 -21.46 39.48 1.19
N GLN H 43 -21.93 40.67 1.55
CA GLN H 43 -21.80 41.21 2.91
C GLN H 43 -22.56 40.43 3.99
N HIS H 44 -23.64 39.73 3.62
CA HIS H 44 -24.59 39.19 4.62
C HIS H 44 -24.87 37.69 4.60
N ALA H 45 -24.82 37.03 3.44
CA ALA H 45 -25.04 35.57 3.38
C ALA H 45 -23.75 34.83 3.73
N ASP H 46 -23.88 33.52 3.99
CA ASP H 46 -22.75 32.66 4.35
C ASP H 46 -21.94 32.27 3.08
N THR H 47 -21.17 33.22 2.57
CA THR H 47 -20.49 33.10 1.25
C THR H 47 -19.04 33.61 1.24
N GLU H 48 -18.36 33.61 2.39
CA GLU H 48 -16.99 34.12 2.50
C GLU H 48 -16.84 35.53 1.91
N GLY H 49 -17.77 36.42 2.26
CA GLY H 49 -17.78 37.80 1.75
C GLY H 49 -18.04 37.91 0.26
N GLY H 50 -18.79 36.96 -0.29
CA GLY H 50 -19.08 36.90 -1.72
C GLY H 50 -18.07 36.19 -2.60
N ARG H 51 -17.15 35.44 -1.99
CA ARG H 51 -16.11 34.70 -2.72
C ARG H 51 -16.54 33.29 -3.10
N TYR H 52 -17.36 32.67 -2.25
CA TYR H 52 -18.05 31.44 -2.63
C TYR H 52 -19.18 31.89 -3.56
N VAL H 53 -19.05 31.57 -4.84
CA VAL H 53 -20.03 31.98 -5.85
C VAL H 53 -20.76 30.74 -6.34
N CYS H 54 -22.08 30.81 -6.34
CA CYS H 54 -22.92 29.65 -6.63
C CYS H 54 -24.34 30.09 -6.91
N ALA H 55 -24.92 29.62 -8.01
CA ALA H 55 -26.28 29.99 -8.40
C ALA H 55 -27.34 29.48 -7.42
N ASP H 56 -27.07 28.34 -6.79
CA ASP H 56 -27.98 27.78 -5.76
C ASP H 56 -28.19 28.74 -4.60
N THR H 57 -27.10 29.29 -4.09
CA THR H 57 -27.16 30.23 -2.98
C THR H 57 -27.84 31.55 -3.38
N PHE H 58 -27.67 31.96 -4.64
CA PHE H 58 -28.38 33.15 -5.18
C PHE H 58 -29.90 33.00 -5.24
N LYS H 59 -30.41 31.77 -5.35
CA LYS H 59 -31.86 31.51 -5.35
C LYS H 59 -32.51 32.02 -4.05
N GLU H 60 -31.78 31.92 -2.94
CA GLU H 60 -32.27 32.37 -1.62
C GLU H 60 -32.58 33.86 -1.53
N LEU H 61 -32.00 34.66 -2.44
CA LEU H 61 -32.24 36.11 -2.49
C LEU H 61 -33.48 36.50 -3.31
N PHE H 62 -34.18 35.52 -3.88
CA PHE H 62 -35.41 35.77 -4.64
C PHE H 62 -36.63 35.58 -3.74
N PRO H 63 -37.71 36.38 -3.95
CA PRO H 63 -38.91 36.29 -3.10
C PRO H 63 -39.64 34.94 -3.19
N ALA H 64 -39.80 34.42 -4.41
CA ALA H 64 -40.46 33.14 -4.66
C ALA H 64 -39.83 31.94 -3.93
N PHE H 65 -38.53 32.02 -3.64
CA PHE H 65 -37.79 30.91 -3.03
C PHE H 65 -37.87 30.85 -1.48
N GLU H 66 -38.55 31.81 -0.84
CA GLU H 66 -38.55 31.91 0.64
C GLU H 66 -39.16 30.69 1.33
N ASN H 67 -40.39 30.36 0.97
CA ASN H 67 -41.12 29.24 1.60
C ASN H 67 -40.63 27.92 1.02
N LYS H 68 -40.25 26.99 1.90
CA LYS H 68 -39.74 25.68 1.48
C LYS H 68 -40.70 24.89 0.58
N GLU H 69 -42.00 25.05 0.78
CA GLU H 69 -43.02 24.37 -0.03
C GLU H 69 -43.08 24.80 -1.51
N ASP H 70 -42.55 25.97 -1.83
CA ASP H 70 -42.56 26.51 -3.21
C ASP H 70 -41.27 26.30 -4.01
N ARG H 71 -40.20 25.83 -3.36
CA ARG H 71 -38.86 25.88 -3.96
C ARG H 71 -38.68 25.00 -5.19
N ALA H 72 -39.11 23.74 -5.09
CA ALA H 72 -39.07 22.81 -6.24
C ALA H 72 -39.94 23.29 -7.40
N THR H 73 -41.08 23.89 -7.10
CA THR H 73 -42.00 24.41 -8.11
C THR H 73 -41.39 25.57 -8.91
N VAL H 74 -40.81 26.53 -8.19
CA VAL H 74 -40.29 27.77 -8.80
C VAL H 74 -38.84 27.69 -9.31
N ASN H 75 -38.12 26.62 -8.96
CA ASN H 75 -36.68 26.48 -9.25
C ASN H 75 -36.28 26.81 -10.69
N ASN H 76 -36.86 26.09 -11.64
CA ASN H 76 -36.52 26.23 -13.06
C ASN H 76 -36.93 27.58 -13.65
N ALA H 77 -37.93 28.23 -13.05
CA ALA H 77 -38.34 29.57 -13.46
C ALA H 77 -37.35 30.66 -13.04
N ILE H 78 -36.66 30.46 -11.91
CA ILE H 78 -35.70 31.45 -11.41
C ILE H 78 -34.21 31.09 -11.63
N HIS H 79 -33.91 29.84 -11.99
CA HIS H 79 -32.52 29.35 -12.03
C HIS H 79 -31.59 30.18 -12.90
N ASN H 80 -32.02 30.44 -14.14
CA ASN H 80 -31.22 31.20 -15.10
C ASN H 80 -30.88 32.60 -14.59
N SER H 81 -31.82 33.26 -13.92
CA SER H 81 -31.56 34.56 -13.28
C SER H 81 -30.48 34.43 -12.18
N ALA H 82 -30.61 33.40 -11.36
CA ALA H 82 -29.61 33.12 -10.32
C ALA H 82 -28.24 32.80 -10.91
N ALA H 83 -28.22 32.04 -12.00
CA ALA H 83 -26.99 31.63 -12.65
C ALA H 83 -26.25 32.82 -13.23
N VAL H 84 -26.99 33.73 -13.86
CA VAL H 84 -26.43 34.95 -14.43
C VAL H 84 -25.94 35.90 -13.33
N LEU H 85 -26.72 36.01 -12.25
CA LEU H 85 -26.27 36.75 -11.04
C LEU H 85 -24.95 36.19 -10.50
N SER H 86 -24.79 34.87 -10.50
CA SER H 86 -23.56 34.23 -10.05
C SER H 86 -22.41 34.48 -11.03
N SER H 87 -22.69 34.46 -12.33
CA SER H 87 -21.69 34.79 -13.33
C SER H 87 -21.26 36.25 -13.23
N THR H 88 -22.21 37.12 -12.92
CA THR H 88 -21.94 38.54 -12.71
C THR H 88 -21.08 38.73 -11.46
N GLN H 89 -21.47 38.06 -10.38
CA GLN H 89 -20.71 38.07 -9.12
C GLN H 89 -19.28 37.55 -9.30
N PHE H 90 -19.11 36.50 -10.11
CA PHE H 90 -17.79 35.98 -10.48
C PHE H 90 -16.92 37.10 -11.08
N ASP H 91 -17.47 37.81 -12.06
CA ASP H 91 -16.77 38.92 -12.71
C ASP H 91 -16.41 40.06 -11.75
N GLU H 92 -17.32 40.41 -10.84
CA GLU H 92 -17.06 41.48 -9.86
C GLU H 92 -15.95 41.14 -8.86
N VAL H 93 -15.83 39.87 -8.50
CA VAL H 93 -14.73 39.41 -7.63
C VAL H 93 -13.39 39.48 -8.38
N LEU H 94 -13.39 39.21 -9.68
CA LEU H 94 -12.18 39.33 -10.51
C LEU H 94 -11.73 40.78 -10.73
N LYS H 95 -12.68 41.72 -10.72
CA LYS H 95 -12.35 43.15 -10.85
C LYS H 95 -11.62 43.73 -9.63
N ARG H 96 -11.84 43.16 -8.44
CA ARG H 96 -11.13 43.62 -7.24
C ARG H 96 -9.62 43.39 -7.42
N ASP H 97 -8.84 44.48 -7.41
CA ASP H 97 -7.38 44.38 -7.48
C ASP H 97 -6.84 43.91 -6.13
N GLU H 98 -6.42 42.64 -6.08
CA GLU H 98 -5.99 41.97 -4.85
C GLU H 98 -4.77 41.08 -5.14
N PRO H 99 -3.58 41.69 -5.35
CA PRO H 99 -2.38 40.97 -5.85
C PRO H 99 -2.01 39.68 -5.10
N GLN H 100 -2.26 39.64 -3.79
CA GLN H 100 -2.00 38.45 -2.99
C GLN H 100 -2.95 37.27 -3.30
N LYS H 101 -4.14 37.57 -3.82
CA LYS H 101 -5.16 36.55 -4.13
C LYS H 101 -4.89 35.98 -5.53
N LYS H 102 -4.32 34.77 -5.58
CA LYS H 102 -3.86 34.15 -6.83
C LYS H 102 -4.60 32.90 -7.28
N GLU H 103 -5.53 32.38 -6.46
CA GLU H 103 -6.15 31.08 -6.70
C GLU H 103 -7.67 31.16 -6.92
N VAL H 104 -8.13 30.53 -8.00
CA VAL H 104 -9.54 30.35 -8.30
C VAL H 104 -9.85 28.85 -8.34
N ILE H 105 -10.90 28.43 -7.63
CA ILE H 105 -11.25 27.03 -7.51
C ILE H 105 -12.67 26.81 -8.05
N PHE H 106 -12.81 25.88 -9.00
CA PHE H 106 -14.11 25.46 -9.52
C PHE H 106 -14.47 24.12 -8.89
N VAL H 107 -15.64 24.04 -8.26
CA VAL H 107 -16.13 22.80 -7.67
C VAL H 107 -17.33 22.33 -8.48
N THR H 108 -17.23 21.15 -9.08
CA THR H 108 -18.30 20.61 -9.93
C THR H 108 -18.65 19.19 -9.51
N GLY H 109 -19.81 18.73 -9.97
CA GLY H 109 -20.29 17.40 -9.66
C GLY H 109 -21.79 17.30 -9.60
N ILE H 110 -22.27 16.06 -9.62
CA ILE H 110 -23.69 15.73 -9.54
C ILE H 110 -24.34 16.31 -8.27
N PRO H 111 -25.61 16.75 -8.36
CA PRO H 111 -26.37 17.10 -7.15
C PRO H 111 -26.42 15.99 -6.10
N GLY H 112 -26.25 16.35 -4.83
CA GLY H 112 -26.27 15.40 -3.72
C GLY H 112 -24.94 14.75 -3.35
N SER H 113 -23.88 15.06 -4.09
CA SER H 113 -22.57 14.43 -3.87
C SER H 113 -21.75 15.05 -2.73
N GLY H 114 -22.25 16.13 -2.12
CA GLY H 114 -21.57 16.81 -1.03
C GLY H 114 -20.56 17.83 -1.52
N LYS H 115 -20.92 18.57 -2.57
CA LYS H 115 -20.07 19.66 -3.08
C LYS H 115 -20.01 20.77 -2.06
N THR H 116 -21.18 21.26 -1.67
CA THR H 116 -21.33 22.37 -0.73
C THR H 116 -20.80 22.01 0.66
N SER H 117 -21.07 20.79 1.12
CA SER H 117 -20.54 20.31 2.40
C SER H 117 -19.01 20.26 2.37
N THR H 118 -18.45 19.77 1.27
CA THR H 118 -16.99 19.75 1.09
C THR H 118 -16.38 21.16 1.08
N VAL H 119 -17.06 22.11 0.42
CA VAL H 119 -16.63 23.53 0.38
C VAL H 119 -16.71 24.20 1.76
N LYS H 120 -17.73 23.85 2.55
CA LYS H 120 -17.81 24.31 3.93
C LYS H 120 -16.62 23.81 4.77
N ASN H 121 -16.18 22.57 4.51
CA ASN H 121 -15.01 21.98 5.17
C ASN H 121 -13.65 22.50 4.67
N MET H 122 -13.63 23.10 3.47
CA MET H 122 -12.44 23.82 3.00
C MET H 122 -12.21 25.06 3.86
N MET H 123 -10.96 25.25 4.28
CA MET H 123 -10.58 26.45 5.00
C MET H 123 -10.06 27.49 4.02
N MET H 124 -10.66 28.68 4.08
CA MET H 124 -10.40 29.75 3.13
C MET H 124 -9.00 30.34 3.33
N GLN H 125 -8.17 30.35 2.28
CA GLN H 125 -6.79 30.84 2.36
C GLN H 125 -6.68 32.32 1.98
N ASP H 126 -5.57 32.95 2.38
CA ASP H 126 -5.24 34.33 1.98
C ASP H 126 -4.88 34.45 0.49
N THR H 127 -4.45 33.34 -0.13
CA THR H 127 -4.21 33.28 -1.56
C THR H 127 -5.46 32.91 -2.40
N THR H 128 -6.54 32.47 -1.74
CA THR H 128 -7.78 32.13 -2.43
C THR H 128 -8.52 33.41 -2.82
N LYS H 129 -8.73 33.58 -4.13
CA LYS H 129 -9.46 34.72 -4.66
C LYS H 129 -10.96 34.45 -4.76
N LEU H 130 -11.30 33.27 -5.24
CA LEU H 130 -12.65 33.01 -5.71
C LEU H 130 -12.91 31.51 -5.73
N LEU H 131 -14.15 31.12 -5.43
CA LEU H 131 -14.57 29.72 -5.45
C LEU H 131 -15.92 29.61 -6.12
N PHE H 132 -15.97 28.97 -7.29
CA PHE H 132 -17.20 28.84 -8.05
C PHE H 132 -17.73 27.42 -8.00
N GLU H 133 -18.98 27.26 -7.60
CA GLU H 133 -19.66 25.97 -7.60
C GLU H 133 -20.70 25.97 -8.72
N GLY H 134 -20.64 24.96 -9.58
CA GLY H 134 -21.49 24.89 -10.75
C GLY H 134 -21.11 23.75 -11.69
N GLN H 135 -21.98 23.46 -12.65
CA GLN H 135 -21.76 22.36 -13.58
C GLN H 135 -20.72 22.73 -14.64
N LEU H 136 -19.85 21.76 -14.96
CA LEU H 136 -18.86 21.88 -16.01
C LEU H 136 -19.01 20.75 -17.04
N ALA H 137 -20.16 20.09 -17.04
CA ALA H 137 -20.43 18.97 -17.95
C ALA H 137 -20.74 19.48 -19.34
N ARG H 138 -21.40 20.64 -19.40
CA ARG H 138 -21.52 21.44 -20.61
C ARG H 138 -20.69 22.71 -20.37
N PRO H 139 -19.38 22.67 -20.71
CA PRO H 139 -18.42 23.66 -20.26
C PRO H 139 -18.27 24.97 -21.07
N GLN H 140 -19.12 25.21 -22.09
CA GLN H 140 -19.01 26.43 -22.90
C GLN H 140 -18.93 27.69 -22.04
N SER H 141 -19.88 27.84 -21.12
CA SER H 141 -19.90 28.99 -20.21
C SER H 141 -18.69 29.05 -19.27
N ALA H 142 -18.19 27.88 -18.86
CA ALA H 142 -17.00 27.79 -18.01
C ALA H 142 -15.71 28.21 -18.73
N PHE H 143 -15.66 28.04 -20.06
CA PHE H 143 -14.53 28.51 -20.86
C PHE H 143 -14.31 30.01 -20.66
N ARG H 144 -15.40 30.79 -20.67
CA ARG H 144 -15.32 32.25 -20.49
C ARG H 144 -14.77 32.61 -19.10
N LYS H 145 -15.21 31.87 -18.08
CA LYS H 145 -14.73 32.08 -16.70
C LYS H 145 -13.25 31.72 -16.54
N ILE H 146 -12.85 30.58 -17.08
CA ILE H 146 -11.46 30.11 -17.00
C ILE H 146 -10.51 31.07 -17.73
N GLU H 147 -10.94 31.52 -18.92
CA GLU H 147 -10.21 32.53 -19.69
C GLU H 147 -9.94 33.81 -18.90
N GLN H 148 -10.97 34.34 -18.23
CA GLN H 148 -10.82 35.53 -17.37
C GLN H 148 -9.80 35.33 -16.24
N CYS H 149 -9.73 34.12 -15.68
CA CYS H 149 -8.72 33.78 -14.67
C CYS H 149 -7.31 33.77 -15.26
N LEU H 150 -7.15 33.14 -16.42
CA LEU H 150 -5.86 33.08 -17.10
C LEU H 150 -5.38 34.45 -17.60
N GLU H 151 -6.31 35.32 -18.01
CA GLU H 151 -5.99 36.73 -18.34
C GLU H 151 -5.33 37.51 -17.21
N ARG H 152 -5.69 37.19 -15.97
CA ARG H 152 -5.14 37.84 -14.78
C ARG H 152 -4.09 36.97 -14.07
N ASN H 153 -3.51 36.00 -14.78
CA ASN H 153 -2.47 35.12 -14.25
C ASN H 153 -2.85 34.45 -12.93
N LEU H 154 -4.12 34.05 -12.83
CA LEU H 154 -4.59 33.33 -11.65
C LEU H 154 -4.43 31.83 -11.88
N GLU H 155 -4.16 31.08 -10.80
CA GLU H 155 -4.06 29.63 -10.86
C GLU H 155 -5.46 29.02 -10.72
N VAL H 156 -5.82 28.16 -11.67
CA VAL H 156 -7.17 27.60 -11.78
C VAL H 156 -7.16 26.11 -11.43
N THR H 157 -7.94 25.74 -10.42
CA THR H 157 -8.03 24.35 -9.96
C THR H 157 -9.49 23.89 -10.04
N ILE H 158 -9.74 22.83 -10.79
CA ILE H 158 -11.08 22.26 -10.93
C ILE H 158 -11.17 21.00 -10.05
N VAL H 159 -12.18 20.93 -9.19
CA VAL H 159 -12.41 19.77 -8.33
C VAL H 159 -13.70 19.05 -8.76
N ALA H 160 -13.56 17.83 -9.27
CA ALA H 160 -14.71 17.04 -9.69
C ALA H 160 -15.14 16.09 -8.57
N VAL H 161 -16.18 16.48 -7.81
CA VAL H 161 -16.71 15.63 -6.75
C VAL H 161 -17.64 14.59 -7.38
N SER H 162 -17.50 13.33 -6.97
CA SER H 162 -18.24 12.23 -7.59
C SER H 162 -18.81 11.23 -6.60
N MET H 163 -19.96 10.67 -6.97
CA MET H 163 -20.70 9.72 -6.15
C MET H 163 -21.62 8.95 -7.08
N ARG H 164 -22.00 7.72 -6.71
CA ARG H 164 -23.01 6.97 -7.46
C ARG H 164 -24.32 7.75 -7.47
N ALA H 165 -25.03 7.74 -8.59
CA ALA H 165 -26.32 8.43 -8.71
C ALA H 165 -27.34 8.01 -7.66
N GLU H 166 -27.32 6.74 -7.28
CA GLU H 166 -28.28 6.18 -6.31
C GLU H 166 -28.05 6.76 -4.91
N ARG H 167 -26.80 6.72 -4.46
CA ARG H 167 -26.41 7.27 -3.16
C ARG H 167 -26.58 8.80 -3.13
N ALA H 168 -26.33 9.46 -4.26
CA ALA H 168 -26.54 10.90 -4.38
C ALA H 168 -28.03 11.25 -4.40
N SER H 169 -28.83 10.41 -5.06
CA SER H 169 -30.29 10.60 -5.08
C SER H 169 -30.90 10.47 -3.68
N ASP H 170 -30.36 9.58 -2.85
CA ASP H 170 -30.77 9.48 -1.45
C ASP H 170 -30.52 10.79 -0.69
N ASN H 171 -29.35 11.39 -0.90
CA ASN H 171 -29.02 12.67 -0.28
C ASN H 171 -29.98 13.79 -0.68
N THR H 172 -30.42 13.79 -1.94
CA THR H 172 -31.38 14.81 -2.42
C THR H 172 -32.77 14.64 -1.80
N TYR H 173 -33.18 13.40 -1.56
CA TYR H 173 -34.46 13.11 -0.87
C TYR H 173 -34.50 13.75 0.51
N LYS H 174 -33.46 13.49 1.31
CA LYS H 174 -33.32 14.05 2.66
C LYS H 174 -33.33 15.57 2.64
N ARG H 175 -32.61 16.14 1.68
CA ARG H 175 -32.50 17.58 1.54
C ARG H 175 -33.84 18.20 1.12
N PHE H 176 -34.59 17.50 0.27
CA PHE H 176 -35.91 17.97 -0.15
C PHE H 176 -36.93 17.90 1.00
N ASN H 177 -36.90 16.82 1.78
CA ASN H 177 -37.84 16.66 2.89
C ASN H 177 -37.61 17.72 3.97
N GLU H 178 -36.34 18.02 4.25
CA GLU H 178 -35.98 19.00 5.27
C GLU H 178 -36.11 20.46 4.78
N TYR H 179 -35.57 20.76 3.60
CA TYR H 179 -35.47 22.16 3.12
C TYR H 179 -36.20 22.50 1.81
N GLY H 180 -36.89 21.53 1.22
CA GLY H 180 -37.64 21.75 -0.02
C GLY H 180 -36.79 21.87 -1.28
N ARG H 181 -35.51 21.51 -1.18
CA ARG H 181 -34.54 21.68 -2.26
C ARG H 181 -33.96 20.31 -2.61
N GLY H 182 -34.39 19.77 -3.74
CA GLY H 182 -33.92 18.47 -4.23
C GLY H 182 -33.18 18.62 -5.54
N ALA H 183 -33.36 17.64 -6.42
CA ALA H 183 -32.76 17.66 -7.73
C ALA H 183 -33.50 16.70 -8.64
N SER H 184 -33.78 17.12 -9.86
CA SER H 184 -34.45 16.27 -10.85
C SER H 184 -33.51 15.17 -11.31
N ILE H 185 -34.07 14.02 -11.68
CA ILE H 185 -33.27 12.93 -12.24
C ILE H 185 -32.66 13.30 -13.60
N GLY H 186 -33.41 14.05 -14.41
CA GLY H 186 -32.94 14.50 -15.73
C GLY H 186 -31.60 15.21 -15.67
N ILE H 187 -31.48 16.14 -14.73
CA ILE H 187 -30.28 16.95 -14.57
C ILE H 187 -29.14 16.21 -13.84
N MET H 188 -29.49 15.30 -12.91
CA MET H 188 -28.48 14.46 -12.24
C MET H 188 -27.82 13.49 -13.21
N ALA H 189 -28.63 12.95 -14.13
CA ALA H 189 -28.12 12.08 -15.19
C ALA H 189 -27.30 12.87 -16.21
N ASP H 190 -27.83 14.01 -16.66
CA ASP H 190 -27.17 14.86 -17.65
C ASP H 190 -25.78 15.33 -17.20
N ILE H 191 -25.66 15.73 -15.93
CA ILE H 191 -24.37 16.15 -15.37
C ILE H 191 -23.43 14.94 -15.26
N GLN H 192 -23.86 13.88 -14.58
CA GLN H 192 -23.00 12.72 -14.35
C GLN H 192 -22.51 12.05 -15.63
N ALA H 193 -23.39 11.95 -16.63
CA ALA H 193 -23.02 11.32 -17.90
C ALA H 193 -22.04 12.18 -18.69
N ASN H 194 -22.30 13.49 -18.77
CA ASN H 194 -21.52 14.40 -19.61
C ASN H 194 -20.33 15.09 -18.94
N LEU H 195 -20.14 14.87 -17.63
CA LEU H 195 -19.03 15.52 -16.90
C LEU H 195 -17.64 15.07 -17.37
N PRO H 196 -17.45 13.76 -17.64
CA PRO H 196 -16.20 13.34 -18.29
C PRO H 196 -15.89 14.06 -19.61
N ASP H 197 -16.89 14.24 -20.47
CA ASP H 197 -16.68 14.96 -21.73
C ASP H 197 -16.33 16.42 -21.49
N GLY H 198 -17.02 17.06 -20.55
CA GLY H 198 -16.78 18.47 -20.25
C GLY H 198 -15.40 18.75 -19.68
N LEU H 199 -14.91 17.84 -18.83
CA LEU H 199 -13.59 17.97 -18.23
C LEU H 199 -12.45 17.71 -19.21
N LYS H 200 -12.65 16.77 -20.14
CA LYS H 200 -11.69 16.60 -21.25
C LYS H 200 -11.73 17.79 -22.23
N GLN H 201 -12.92 18.32 -22.46
CA GLN H 201 -13.10 19.49 -23.32
C GLN H 201 -12.27 20.67 -22.78
N ILE H 202 -12.33 20.88 -21.46
CA ILE H 202 -11.51 21.88 -20.76
C ILE H 202 -10.02 21.54 -20.85
N ARG H 203 -9.70 20.28 -20.54
CA ARG H 203 -8.32 19.74 -20.55
C ARG H 203 -7.61 19.93 -21.90
N ASP H 204 -8.34 19.71 -22.99
CA ASP H 204 -7.81 19.90 -24.34
C ASP H 204 -7.59 21.36 -24.68
N LYS H 205 -8.54 22.21 -24.30
CA LYS H 205 -8.46 23.65 -24.59
C LYS H 205 -7.38 24.37 -23.78
N PHE H 206 -7.25 24.05 -22.49
CA PHE H 206 -6.35 24.78 -21.58
C PHE H 206 -5.10 24.04 -21.14
N GLY H 207 -5.09 22.72 -21.20
CA GLY H 207 -3.92 21.92 -20.86
C GLY H 207 -3.50 22.07 -19.41
N ASP H 208 -2.20 22.24 -19.20
CA ASP H 208 -1.61 22.35 -17.85
C ASP H 208 -1.87 23.71 -17.16
N ALA H 209 -2.42 24.68 -17.88
CA ALA H 209 -2.90 25.93 -17.27
C ALA H 209 -4.05 25.72 -16.27
N VAL H 210 -4.80 24.62 -16.44
CA VAL H 210 -5.89 24.26 -15.54
C VAL H 210 -5.59 22.91 -14.89
N LYS H 211 -5.39 22.93 -13.57
CA LYS H 211 -5.18 21.72 -12.77
C LYS H 211 -6.53 21.09 -12.47
N ILE H 212 -6.70 19.82 -12.83
CA ILE H 212 -7.97 19.10 -12.61
C ILE H 212 -7.76 17.96 -11.61
N VAL H 213 -8.55 17.94 -10.55
CA VAL H 213 -8.49 16.91 -9.52
C VAL H 213 -9.90 16.38 -9.25
N GLY H 214 -9.99 15.36 -8.40
CA GLY H 214 -11.27 14.77 -8.02
C GLY H 214 -11.39 14.46 -6.53
N ILE H 215 -12.63 14.22 -6.11
CA ILE H 215 -12.92 13.67 -4.78
C ILE H 215 -13.91 12.51 -4.98
N ASN H 216 -13.50 11.29 -4.62
CA ASN H 216 -14.36 10.12 -4.70
C ASN H 216 -15.07 9.91 -3.37
N GLN H 217 -16.35 10.27 -3.33
CA GLN H 217 -17.16 10.20 -2.10
C GLN H 217 -17.63 8.77 -1.78
N ASP H 218 -17.49 7.84 -2.74
CA ASP H 218 -17.72 6.41 -2.48
C ASP H 218 -16.53 5.70 -1.85
N ARG H 219 -15.35 6.33 -1.87
CA ARG H 219 -14.13 5.78 -1.23
C ARG H 219 -13.63 6.70 -0.12
N ASN H 220 -14.54 7.04 0.80
CA ASN H 220 -14.23 7.91 1.96
C ASN H 220 -13.57 9.24 1.58
N SER H 221 -14.16 9.91 0.59
CA SER H 221 -13.70 11.22 0.10
C SER H 221 -12.23 11.21 -0.36
N GLU H 222 -11.88 10.23 -1.19
CA GLU H 222 -10.50 10.03 -1.64
C GLU H 222 -10.12 11.11 -2.65
N PHE H 223 -9.08 11.88 -2.33
CA PHE H 223 -8.52 12.89 -3.23
C PHE H 223 -7.80 12.20 -4.38
N ILE H 224 -8.14 12.58 -5.61
CA ILE H 224 -7.54 12.01 -6.83
C ILE H 224 -6.72 13.11 -7.49
N ASP H 225 -5.42 12.86 -7.67
CA ASP H 225 -4.48 13.87 -8.19
C ASP H 225 -4.45 13.91 -9.73
N LYS H 226 -4.34 12.75 -10.35
CA LYS H 226 -4.06 12.66 -11.80
C LYS H 226 -5.34 12.66 -12.63
N PHE H 227 -5.31 13.36 -13.77
CA PHE H 227 -6.48 13.55 -14.63
C PHE H 227 -7.06 12.24 -15.16
N ASP H 228 -6.19 11.31 -15.55
CA ASP H 228 -6.63 10.01 -16.07
C ASP H 228 -7.43 9.20 -15.03
N ASP H 229 -7.02 9.30 -13.76
CA ASP H 229 -7.77 8.68 -12.64
C ASP H 229 -9.11 9.39 -12.34
N VAL H 230 -9.16 10.71 -12.54
CA VAL H 230 -10.40 11.49 -12.39
C VAL H 230 -11.44 11.03 -13.41
N ILE H 231 -11.03 10.87 -14.67
CA ILE H 231 -11.94 10.46 -15.74
C ILE H 231 -12.51 9.05 -15.50
N LYS H 232 -11.69 8.15 -14.98
CA LYS H 232 -12.14 6.78 -14.67
C LYS H 232 -13.13 6.74 -13.50
N MET H 233 -12.92 7.59 -12.50
CA MET H 233 -13.88 7.76 -11.39
C MET H 233 -15.24 8.25 -11.89
N LEU H 234 -15.21 9.22 -12.80
CA LEU H 234 -16.42 9.87 -13.31
C LEU H 234 -17.16 9.09 -14.38
N SER H 235 -16.50 8.10 -15.00
CA SER H 235 -17.12 7.26 -16.02
C SER H 235 -18.03 6.24 -15.36
N LEU H 236 -19.29 6.62 -15.15
CA LEU H 236 -20.27 5.81 -14.42
C LEU H 236 -21.50 5.46 -15.28
N GLY H 237 -21.34 5.50 -16.60
CA GLY H 237 -22.41 5.13 -17.53
C GLY H 237 -22.84 6.27 -18.44
N SER H 238 -23.61 5.91 -19.46
CA SER H 238 -24.20 6.87 -20.39
C SER H 238 -25.41 7.52 -19.77
N GLN H 239 -25.90 8.57 -20.42
CA GLN H 239 -27.07 9.31 -19.95
C GLN H 239 -28.33 8.45 -19.99
N GLU H 240 -28.49 7.64 -21.04
CA GLU H 240 -29.55 6.62 -21.11
C GLU H 240 -29.57 5.72 -19.88
N GLN H 241 -28.41 5.18 -19.54
CA GLN H 241 -28.28 4.23 -18.43
C GLN H 241 -28.63 4.83 -17.08
N ILE H 242 -28.02 5.98 -16.77
CA ILE H 242 -28.18 6.64 -15.47
C ILE H 242 -29.62 7.15 -15.29
N LEU H 243 -30.14 7.81 -16.33
CA LEU H 243 -31.54 8.23 -16.34
C LEU H 243 -32.47 7.02 -16.19
N GLY H 244 -32.11 5.91 -16.85
CA GLY H 244 -32.83 4.65 -16.70
C GLY H 244 -32.83 4.14 -15.27
N ARG H 245 -31.64 3.99 -14.69
CA ARG H 245 -31.49 3.52 -13.30
C ARG H 245 -32.17 4.44 -12.29
N LEU H 246 -32.05 5.75 -12.49
CA LEU H 246 -32.72 6.74 -11.63
C LEU H 246 -34.25 6.74 -11.78
N ALA H 247 -34.73 6.56 -13.01
CA ALA H 247 -36.18 6.45 -13.27
C ALA H 247 -36.79 5.27 -12.54
N GLU H 248 -36.12 4.13 -12.60
CA GLU H 248 -36.56 2.92 -11.89
C GLU H 248 -36.43 3.06 -10.37
N LYS H 249 -35.42 3.80 -9.91
CA LYS H 249 -35.22 4.02 -8.47
C LYS H 249 -36.31 4.88 -7.84
N ILE H 250 -36.57 6.05 -8.41
CA ILE H 250 -37.58 6.97 -7.83
C ILE H 250 -38.99 6.38 -7.89
N GLN H 251 -39.25 5.55 -8.90
CA GLN H 251 -40.55 4.89 -9.04
C GLN H 251 -40.73 3.78 -8.01
N SER H 252 -39.73 2.90 -7.87
CA SER H 252 -39.81 1.84 -6.87
C SER H 252 -39.72 2.39 -5.42
N ASP H 253 -39.03 3.52 -5.23
CA ASP H 253 -39.02 4.20 -3.92
C ASP H 253 -40.40 4.77 -3.56
N PHE H 254 -41.10 5.35 -4.54
CA PHE H 254 -42.46 5.88 -4.32
C PHE H 254 -43.49 4.77 -4.13
N ASP H 255 -43.39 3.72 -4.93
CA ASP H 255 -44.27 2.55 -4.82
C ASP H 255 -44.09 1.80 -3.49
N SER H 256 -42.87 1.79 -2.96
CA SER H 256 -42.56 1.16 -1.65
C SER H 256 -42.85 2.03 -0.42
N GLY H 257 -43.23 3.29 -0.63
CA GLY H 257 -43.47 4.23 0.47
C GLY H 257 -42.24 4.84 1.11
N LYS H 258 -41.06 4.69 0.47
CA LYS H 258 -39.82 5.31 0.97
C LYS H 258 -39.76 6.83 0.78
N ILE H 259 -40.48 7.37 -0.21
CA ILE H 259 -40.57 8.82 -0.44
C ILE H 259 -42.01 9.26 -0.73
N SER H 260 -42.32 10.51 -0.41
CA SER H 260 -43.67 11.05 -0.61
C SER H 260 -43.95 11.35 -2.09
N ARG H 261 -45.20 11.71 -2.39
CA ARG H 261 -45.62 12.05 -3.76
C ARG H 261 -44.99 13.37 -4.24
N GLU H 262 -44.67 14.26 -3.30
CA GLU H 262 -44.01 15.54 -3.62
C GLU H 262 -42.51 15.36 -3.87
N CYS H 263 -41.88 14.50 -3.07
CA CYS H 263 -40.48 14.12 -3.28
C CYS H 263 -40.26 13.30 -4.55
N PHE H 264 -41.30 12.56 -4.96
CA PHE H 264 -41.30 11.85 -6.24
C PHE H 264 -41.43 12.84 -7.40
N ASN H 265 -42.36 13.79 -7.30
CA ASN H 265 -42.62 14.75 -8.38
C ASN H 265 -41.47 15.70 -8.66
N GLN H 266 -40.74 16.10 -7.62
CA GLN H 266 -39.56 16.95 -7.78
C GLN H 266 -38.43 16.18 -8.45
N ALA H 267 -38.24 14.92 -8.05
CA ALA H 267 -37.19 14.07 -8.64
C ALA H 267 -37.50 13.79 -10.10
N LYS H 268 -38.73 13.41 -10.38
CA LYS H 268 -39.19 13.18 -11.74
C LYS H 268 -38.98 14.43 -12.58
N GLY H 269 -39.39 15.57 -12.05
CA GLY H 269 -39.35 16.82 -12.79
C GLY H 269 -40.25 16.74 -14.01
N SER H 270 -39.73 17.17 -15.15
CA SER H 270 -40.49 17.15 -16.40
C SER H 270 -40.29 15.86 -17.24
N MET H 271 -39.67 14.82 -16.68
CA MET H 271 -39.51 13.54 -17.37
C MET H 271 -40.84 12.84 -17.57
N ASP H 272 -41.04 12.30 -18.76
CA ASP H 272 -42.07 11.31 -19.02
C ASP H 272 -41.46 9.94 -18.73
N LEU H 273 -41.72 9.40 -17.54
CA LEU H 273 -41.13 8.11 -17.11
C LEU H 273 -41.55 6.91 -17.97
N GLU H 274 -42.75 6.94 -18.56
CA GLU H 274 -43.15 5.91 -19.52
C GLU H 274 -42.16 5.80 -20.69
N SER H 275 -41.64 6.95 -21.16
CA SER H 275 -40.65 6.99 -22.24
C SER H 275 -39.31 6.37 -21.85
N VAL H 276 -38.86 6.65 -20.64
CA VAL H 276 -37.61 6.09 -20.10
C VAL H 276 -37.74 4.58 -19.94
N PHE H 277 -38.88 4.13 -19.42
CA PHE H 277 -39.14 2.70 -19.21
C PHE H 277 -39.27 1.93 -20.52
N ALA H 278 -39.87 2.54 -21.54
CA ALA H 278 -39.99 1.92 -22.87
C ALA H 278 -38.64 1.73 -23.56
N LYS H 279 -37.67 2.57 -23.24
CA LYS H 279 -36.31 2.44 -23.77
C LYS H 279 -35.49 1.30 -23.16
N LYS H 280 -35.94 0.75 -22.03
CA LYS H 280 -35.18 -0.30 -21.33
C LYS H 280 -35.17 -1.61 -22.13
N GLU H 281 -34.00 -2.24 -22.22
CA GLU H 281 -33.77 -3.42 -23.04
C GLU H 281 -33.68 -4.67 -22.15
N TYR H 282 -34.35 -5.74 -22.58
CA TYR H 282 -34.34 -7.03 -21.87
C TYR H 282 -33.78 -8.15 -22.78
N SER H 283 -32.80 -7.80 -23.63
CA SER H 283 -32.43 -8.65 -24.78
C SER H 283 -31.73 -9.96 -24.41
N GLN H 284 -30.90 -9.94 -23.36
CA GLN H 284 -30.21 -11.16 -22.92
C GLN H 284 -30.80 -11.70 -21.62
N GLN H 285 -32.12 -11.54 -21.45
CA GLN H 285 -32.81 -11.86 -20.20
C GLN H 285 -34.00 -12.78 -20.43
N ARG H 286 -34.28 -13.59 -19.41
CA ARG H 286 -35.43 -14.49 -19.43
C ARG H 286 -35.98 -14.73 -18.03
N VAL H 287 -37.26 -15.12 -17.97
CA VAL H 287 -37.92 -15.49 -16.72
C VAL H 287 -38.24 -16.97 -16.81
N VAL H 288 -37.83 -17.72 -15.78
CA VAL H 288 -38.18 -19.12 -15.64
C VAL H 288 -39.25 -19.22 -14.58
N THR H 289 -40.40 -19.79 -14.94
CA THR H 289 -41.51 -19.98 -14.01
C THR H 289 -41.62 -21.44 -13.56
N ASN H 290 -42.07 -21.65 -12.32
CA ASN H 290 -42.42 -22.98 -11.83
C ASN H 290 -43.44 -22.90 -10.68
N SER H 291 -43.78 -24.04 -10.10
CA SER H 291 -44.74 -24.10 -8.98
C SER H 291 -44.30 -23.30 -7.74
N LYS H 292 -43.00 -23.10 -7.56
CA LYS H 292 -42.47 -22.29 -6.44
C LYS H 292 -42.40 -20.78 -6.74
N GLY H 293 -42.20 -20.39 -8.00
CA GLY H 293 -42.22 -18.97 -8.37
C GLY H 293 -41.63 -18.63 -9.74
N VAL H 294 -41.18 -17.38 -9.88
CA VAL H 294 -40.48 -16.89 -11.09
C VAL H 294 -39.01 -16.64 -10.79
N THR H 295 -38.16 -16.74 -11.79
CA THR H 295 -36.72 -16.49 -11.62
C THR H 295 -36.15 -15.74 -12.82
N LEU H 296 -35.75 -14.49 -12.59
CA LEU H 296 -35.11 -13.66 -13.62
C LEU H 296 -33.66 -14.10 -13.79
N GLU H 297 -33.26 -14.34 -15.03
CA GLU H 297 -31.91 -14.80 -15.36
C GLU H 297 -31.34 -13.99 -16.53
N THR H 298 -30.07 -13.59 -16.43
CA THR H 298 -29.34 -12.93 -17.53
C THR H 298 -28.33 -13.90 -18.16
N LYS H 299 -28.12 -13.77 -19.47
CA LYS H 299 -27.11 -14.55 -20.19
C LYS H 299 -25.91 -13.68 -20.56
N SER H 300 -24.71 -14.12 -20.14
CA SER H 300 -23.46 -13.45 -20.48
C SER H 300 -22.84 -14.08 -21.74
N ALA H 301 -21.75 -13.48 -22.22
CA ALA H 301 -21.07 -13.87 -23.47
C ALA H 301 -20.68 -15.35 -23.56
N ASN H 302 -20.35 -15.95 -22.42
CA ASN H 302 -20.05 -17.39 -22.32
C ASN H 302 -21.24 -18.34 -22.60
N GLU H 303 -22.45 -17.80 -22.79
CA GLU H 303 -23.69 -18.56 -23.05
C GLU H 303 -24.20 -19.32 -21.81
N LEU H 304 -24.04 -18.70 -20.64
CA LEU H 304 -24.52 -19.27 -19.38
C LEU H 304 -25.52 -18.32 -18.71
N TRP H 305 -26.67 -18.87 -18.35
CA TRP H 305 -27.66 -18.15 -17.57
C TRP H 305 -27.27 -18.19 -16.09
N SER H 306 -27.34 -17.04 -15.42
CA SER H 306 -27.22 -16.97 -13.96
C SER H 306 -28.40 -16.22 -13.35
N LYS H 307 -28.75 -16.56 -12.11
CA LYS H 307 -29.91 -15.99 -11.44
C LYS H 307 -29.65 -14.55 -11.02
N VAL H 308 -30.62 -13.67 -11.30
CA VAL H 308 -30.61 -12.28 -10.86
C VAL H 308 -31.58 -12.08 -9.69
N GLU H 309 -32.79 -12.60 -9.81
CA GLU H 309 -33.85 -12.40 -8.83
C GLU H 309 -34.79 -13.60 -8.81
N GLN H 310 -35.22 -14.01 -7.59
CA GLN H 310 -36.24 -15.04 -7.41
C GLN H 310 -37.40 -14.45 -6.61
N ILE H 311 -38.62 -14.56 -7.15
CA ILE H 311 -39.83 -14.06 -6.49
C ILE H 311 -40.75 -15.26 -6.23
N PRO H 312 -41.03 -15.57 -4.96
CA PRO H 312 -41.89 -16.73 -4.67
C PRO H 312 -43.34 -16.46 -5.05
N VAL H 313 -43.94 -17.38 -5.82
CA VAL H 313 -45.32 -17.26 -6.30
C VAL H 313 -45.89 -18.68 -6.43
N THR H 314 -47.11 -18.87 -5.93
CA THR H 314 -47.80 -20.15 -6.02
C THR H 314 -48.76 -20.16 -7.21
N GLY H 315 -48.94 -21.34 -7.81
CA GLY H 315 -49.98 -21.56 -8.82
C GLY H 315 -49.61 -21.14 -10.23
N MET H 316 -48.40 -21.49 -10.65
CA MET H 316 -47.94 -21.23 -12.01
C MET H 316 -47.33 -22.48 -12.60
N LYS H 317 -47.55 -22.67 -13.90
CA LYS H 317 -46.98 -23.81 -14.60
C LYS H 317 -45.53 -23.52 -14.97
N ALA H 318 -44.85 -24.51 -15.53
CA ALA H 318 -43.45 -24.39 -15.90
C ALA H 318 -43.35 -23.66 -17.24
N GLY H 319 -42.39 -22.75 -17.34
CA GLY H 319 -42.20 -21.99 -18.56
C GLY H 319 -40.87 -21.27 -18.59
N ILE H 320 -40.41 -21.00 -19.81
CA ILE H 320 -39.23 -20.16 -20.05
C ILE H 320 -39.67 -19.08 -21.04
N TYR H 321 -39.60 -17.82 -20.59
CA TYR H 321 -40.06 -16.68 -21.37
C TYR H 321 -38.91 -15.75 -21.67
N LEU H 322 -38.64 -15.54 -22.96
CA LEU H 322 -37.56 -14.66 -23.40
C LEU H 322 -38.07 -13.21 -23.52
N LEU H 323 -37.68 -12.39 -22.55
CA LEU H 323 -38.21 -11.04 -22.37
C LEU H 323 -37.85 -10.09 -23.51
N GLY H 324 -36.67 -10.27 -24.09
CA GLY H 324 -36.23 -9.50 -25.25
C GLY H 324 -37.09 -9.70 -26.51
N GLN H 325 -37.66 -10.89 -26.63
CA GLN H 325 -38.54 -11.23 -27.76
C GLN H 325 -40.02 -10.88 -27.55
N ALA H 326 -40.35 -10.19 -26.45
CA ALA H 326 -41.74 -9.82 -26.16
C ALA H 326 -42.22 -8.72 -27.09
N LYS H 327 -43.46 -8.87 -27.56
CA LYS H 327 -44.10 -7.86 -28.43
C LYS H 327 -44.56 -6.69 -27.58
N LYS H 328 -44.31 -5.48 -28.04
CA LYS H 328 -44.79 -4.29 -27.34
C LYS H 328 -46.29 -4.15 -27.56
N ALA H 329 -47.03 -3.89 -26.48
CA ALA H 329 -48.48 -3.77 -26.54
C ALA H 329 -48.88 -2.50 -27.27
N GLU H 330 -49.71 -2.66 -28.30
CA GLU H 330 -50.22 -1.55 -29.10
C GLU H 330 -51.41 -0.94 -28.36
N THR H 331 -51.54 0.38 -28.44
CA THR H 331 -52.62 1.09 -27.72
C THR H 331 -53.99 0.81 -28.35
N GLY H 332 -55.03 0.77 -27.51
CA GLY H 332 -56.41 0.52 -27.95
C GLY H 332 -56.91 -0.90 -27.79
N GLN H 333 -56.02 -1.88 -27.98
CA GLN H 333 -56.39 -3.30 -27.90
C GLN H 333 -56.41 -3.84 -26.46
N THR H 334 -56.97 -5.04 -26.30
CA THR H 334 -57.07 -5.72 -25.01
C THR H 334 -56.25 -7.02 -25.04
N TYR H 335 -55.35 -7.16 -24.07
CA TYR H 335 -54.46 -8.32 -23.97
C TYR H 335 -54.81 -9.15 -22.74
N SER H 336 -55.36 -10.34 -22.97
CA SER H 336 -55.79 -11.25 -21.90
C SER H 336 -54.77 -12.35 -21.70
N GLY H 337 -54.38 -12.58 -20.45
CA GLY H 337 -53.34 -13.57 -20.14
C GLY H 337 -52.70 -13.41 -18.77
N GLU H 338 -51.88 -14.38 -18.41
CA GLU H 338 -51.24 -14.43 -17.10
C GLU H 338 -49.99 -13.56 -17.04
N ILE H 339 -49.81 -12.85 -15.93
CA ILE H 339 -48.61 -12.02 -15.72
C ILE H 339 -47.50 -12.95 -15.24
N ILE H 340 -46.42 -13.04 -16.02
CA ILE H 340 -45.25 -13.88 -15.69
C ILE H 340 -44.05 -13.12 -15.07
N TYR H 341 -44.02 -11.80 -15.20
CA TYR H 341 -42.98 -10.98 -14.56
C TYR H 341 -43.34 -9.50 -14.62
N LYS H 342 -42.88 -8.76 -13.62
CA LYS H 342 -42.93 -7.30 -13.66
C LYS H 342 -41.80 -6.70 -12.82
N ASP H 343 -41.44 -5.47 -13.17
CA ASP H 343 -40.45 -4.72 -12.42
C ASP H 343 -40.83 -3.23 -12.46
N ALA H 344 -39.89 -2.33 -12.16
CA ALA H 344 -40.18 -0.91 -12.16
C ALA H 344 -40.56 -0.38 -13.55
N ALA H 345 -40.02 -1.00 -14.61
CA ALA H 345 -40.20 -0.51 -15.99
C ALA H 345 -41.31 -1.20 -16.78
N ALA H 346 -41.47 -2.51 -16.60
CA ALA H 346 -42.28 -3.32 -17.49
C ALA H 346 -43.15 -4.37 -16.79
N VAL H 347 -44.24 -4.74 -17.46
CA VAL H 347 -45.13 -5.82 -17.03
C VAL H 347 -45.26 -6.79 -18.20
N PHE H 348 -44.82 -8.03 -17.99
CA PHE H 348 -44.85 -9.07 -19.04
C PHE H 348 -46.02 -10.02 -18.89
N GLN H 349 -46.86 -10.09 -19.93
CA GLN H 349 -48.08 -10.88 -19.92
C GLN H 349 -47.99 -11.94 -21.02
N LYS H 350 -48.21 -13.20 -20.67
CA LYS H 350 -48.28 -14.27 -21.66
C LYS H 350 -49.70 -14.39 -22.18
N THR H 351 -49.91 -13.98 -23.43
CA THR H 351 -51.20 -14.13 -24.11
C THR H 351 -51.15 -15.34 -25.03
N LYS H 352 -52.27 -15.65 -25.68
CA LYS H 352 -52.34 -16.76 -26.63
C LYS H 352 -51.53 -16.50 -27.90
N ASN H 353 -51.33 -15.24 -28.25
CA ASN H 353 -50.43 -14.82 -29.34
C ASN H 353 -49.01 -14.45 -28.85
N GLY H 354 -48.53 -15.11 -27.78
CA GLY H 354 -47.18 -14.92 -27.28
C GLY H 354 -47.02 -13.90 -26.16
N LEU H 355 -45.77 -13.69 -25.76
CA LEU H 355 -45.41 -12.83 -24.64
C LEU H 355 -45.53 -11.36 -25.03
N VAL H 356 -46.34 -10.61 -24.29
CA VAL H 356 -46.59 -9.19 -24.54
C VAL H 356 -45.98 -8.35 -23.42
N ARG H 357 -45.42 -7.20 -23.78
CA ARG H 357 -44.78 -6.28 -22.84
C ARG H 357 -45.60 -5.01 -22.74
N HIS H 358 -46.00 -4.66 -21.52
CA HIS H 358 -46.64 -3.38 -21.22
C HIS H 358 -45.66 -2.51 -20.47
N ASN H 359 -45.72 -1.20 -20.70
CA ASN H 359 -44.98 -0.25 -19.85
C ASN H 359 -45.64 -0.24 -18.47
N ALA H 360 -44.82 -0.21 -17.42
CA ALA H 360 -45.29 -0.23 -16.03
C ALA H 360 -46.03 1.06 -15.63
N THR H 361 -45.83 2.12 -16.41
CA THR H 361 -46.62 3.33 -16.34
C THR H 361 -47.29 3.55 -17.71
N HIS H 362 -48.54 4.00 -17.68
CA HIS H 362 -49.30 4.32 -18.89
C HIS H 362 -50.05 5.65 -18.70
N ASN H 363 -49.56 6.70 -19.35
CA ASN H 363 -50.11 8.07 -19.26
C ASN H 363 -50.23 8.53 -17.80
N GLU H 364 -49.10 8.38 -17.07
CA GLU H 364 -49.00 8.69 -15.64
C GLU H 364 -49.84 7.82 -14.65
N GLU H 365 -50.63 6.88 -15.14
CA GLU H 365 -51.26 5.86 -14.30
C GLU H 365 -50.33 4.65 -14.22
N ARG H 366 -50.31 4.00 -13.07
CA ARG H 366 -49.32 2.96 -12.77
C ARG H 366 -49.90 1.55 -12.94
N LEU H 367 -49.58 0.91 -14.05
CA LEU H 367 -50.09 -0.44 -14.37
C LEU H 367 -49.54 -1.52 -13.43
N ALA H 368 -48.29 -1.38 -13.02
CA ALA H 368 -47.61 -2.42 -12.24
C ALA H 368 -48.30 -2.75 -10.91
N LYS H 369 -48.77 -1.73 -10.19
CA LYS H 369 -49.48 -1.92 -8.92
C LYS H 369 -50.87 -2.56 -9.06
N LEU H 370 -51.49 -2.43 -10.24
CA LEU H 370 -52.81 -3.02 -10.51
C LEU H 370 -52.81 -4.53 -10.84
N VAL H 371 -51.64 -5.14 -11.04
CA VAL H 371 -51.55 -6.57 -11.37
C VAL H 371 -50.45 -7.27 -10.58
N GLU H 372 -50.66 -8.55 -10.32
CA GLU H 372 -49.69 -9.39 -9.59
C GLU H 372 -49.18 -10.53 -10.46
N ILE H 373 -47.94 -10.94 -10.21
CA ILE H 373 -47.33 -12.05 -10.94
C ILE H 373 -48.08 -13.33 -10.58
N GLY H 374 -48.48 -14.08 -11.60
CA GLY H 374 -49.32 -15.27 -11.44
C GLY H 374 -50.80 -15.03 -11.67
N GLN H 375 -51.24 -13.77 -11.55
CA GLN H 375 -52.64 -13.40 -11.77
C GLN H 375 -52.97 -13.43 -13.28
N ASN H 376 -54.15 -13.96 -13.60
CA ASN H 376 -54.66 -13.98 -14.98
C ASN H 376 -55.60 -12.79 -15.16
N VAL H 377 -55.21 -11.84 -16.02
CA VAL H 377 -55.93 -10.57 -16.19
C VAL H 377 -56.06 -10.16 -17.65
N SER H 378 -56.98 -9.23 -17.93
CA SER H 378 -57.02 -8.53 -19.21
C SER H 378 -56.67 -7.05 -19.00
N ILE H 379 -55.77 -6.53 -19.84
CA ILE H 379 -55.31 -5.13 -19.80
C ILE H 379 -55.69 -4.46 -21.10
N GLY H 380 -56.50 -3.39 -21.02
CA GLY H 380 -56.88 -2.58 -22.18
C GLY H 380 -56.93 -1.10 -21.86
N SER H 381 -56.63 -0.26 -22.84
CA SER H 381 -56.63 1.19 -22.69
C SER H 381 -57.61 1.82 -23.68
N ASN H 382 -58.75 2.26 -23.17
CA ASN H 382 -59.80 2.92 -23.97
C ASN H 382 -59.73 4.44 -23.78
N LYS H 383 -59.42 5.15 -24.87
CA LYS H 383 -59.29 6.62 -24.87
C LYS H 383 -58.16 7.10 -23.95
N GLY H 384 -57.03 6.40 -23.97
CA GLY H 384 -55.91 6.67 -23.07
C GLY H 384 -56.23 6.50 -21.58
N LYS H 385 -57.20 5.63 -21.28
CA LYS H 385 -57.66 5.38 -19.90
C LYS H 385 -57.66 3.87 -19.62
N LEU H 386 -56.95 3.49 -18.56
CA LEU H 386 -56.54 2.10 -18.34
C LEU H 386 -57.66 1.26 -17.71
N ILE H 387 -57.85 0.04 -18.22
CA ILE H 387 -58.90 -0.88 -17.75
C ILE H 387 -58.29 -2.27 -17.53
N VAL H 388 -58.17 -2.65 -16.25
CA VAL H 388 -57.57 -3.93 -15.86
C VAL H 388 -58.59 -4.83 -15.16
N LYS H 389 -59.08 -5.85 -15.86
CA LYS H 389 -60.05 -6.80 -15.31
C LYS H 389 -59.37 -8.12 -14.94
N SER H 390 -59.82 -8.70 -13.83
CA SER H 390 -59.38 -10.05 -13.43
C SER H 390 -60.11 -11.10 -14.27
N LEU H 391 -59.39 -12.15 -14.64
CA LEU H 391 -59.95 -13.29 -15.38
C LEU H 391 -59.86 -14.57 -14.56
N GLU H 392 -59.66 -14.42 -13.26
CA GLU H 392 -59.38 -15.53 -12.35
C GLU H 392 -60.69 -16.25 -12.04
N TYR H 393 -60.68 -17.58 -12.15
CA TYR H 393 -61.89 -18.38 -11.93
C TYR H 393 -61.60 -19.81 -11.45
N SER H 394 -62.64 -20.44 -10.91
CA SER H 394 -62.64 -21.86 -10.56
C SER H 394 -63.88 -22.52 -11.16
N ALA H 395 -63.71 -23.63 -11.86
CA ALA H 395 -64.83 -24.35 -12.51
C ALA H 395 -64.81 -25.84 -12.18
C1 EPZ I . 17.94 34.50 21.86
O1 EPZ I . 17.75 35.89 21.94
C2 EPZ I . 19.44 34.21 21.69
N2 EPZ I . 20.24 34.77 22.76
C3 EPZ I . 19.90 34.70 20.32
O3 EPZ I . 21.25 34.28 20.11
C4 EPZ I . 19.04 34.11 19.20
O4 EPZ I . 19.41 34.66 17.95
C5 EPZ I . 17.56 34.41 19.46
O5 EPZ I . 17.18 33.96 20.78
C6 EPZ I . 16.62 33.68 18.50
O6 EPZ I . 16.17 34.55 17.46
C7 EPZ I . 20.40 34.35 24.03
O7 EPZ I . 20.96 35.04 24.87
C8 EPZ I . 19.87 32.98 24.37
PA EPZ I . 17.46 36.53 25.59
PB EPZ I . 16.67 36.57 22.82
O1A EPZ I . 18.85 36.78 26.13
O1B EPZ I . 16.17 37.83 22.07
C1D EPZ I . 14.56 39.34 28.95
C1E EPZ I . 22.85 36.12 20.49
O1E EPZ I . 22.75 35.72 21.72
N1U EPZ I . 15.90 39.87 29.30
O2A EPZ I . 17.12 35.03 25.62
O2B EPZ I . 15.51 35.65 23.07
C2D EPZ I . 13.79 40.16 27.90
O2D EPZ I . 12.40 40.16 28.16
C2E EPZ I . 22.13 35.25 19.48
O2E EPZ I . 23.43 37.13 20.14
C2U EPZ I . 16.04 40.58 30.50
O2U EPZ I . 15.10 40.78 31.25
O3A EPZ I . 17.33 37.05 24.13
C3D EPZ I . 14.17 39.44 26.60
O3D EPZ I . 13.18 39.63 25.60
C3E EPZ I . 23.15 34.49 18.64
N3U EPZ I . 17.31 41.04 30.76
C4D EPZ I . 14.18 38.00 27.06
O4D EPZ I . 14.73 38.04 28.39
C4U EPZ I . 18.44 40.88 29.99
O4U EPZ I . 19.53 41.36 30.36
C5D EPZ I . 14.99 37.05 26.22
O5D EPZ I . 16.40 37.31 26.41
C5U EPZ I . 18.23 40.14 28.77
C6U EPZ I . 16.98 39.67 28.48
S SO4 J . 17.36 32.12 11.54
O1 SO4 J . 18.33 32.76 12.46
O2 SO4 J . 16.59 31.10 12.30
O3 SO4 J . 16.43 33.13 10.99
O4 SO4 J . 18.07 31.46 10.44
S SO4 K . 29.50 32.17 23.14
O1 SO4 K . 30.51 33.22 22.91
O2 SO4 K . 29.22 32.06 24.58
O3 SO4 K . 29.98 30.86 22.64
O4 SO4 K . 28.27 32.54 22.41
S SO4 L . -2.35 19.52 20.93
O1 SO4 L . -1.36 18.51 21.34
O2 SO4 L . -1.70 20.84 20.73
O3 SO4 L . -3.38 19.66 21.98
O4 SO4 L . -2.99 19.08 19.66
S SO4 M . 58.55 12.09 8.26
O1 SO4 M . 60.02 12.24 8.12
O2 SO4 M . 58.21 11.74 9.65
O3 SO4 M . 57.90 13.37 7.89
O4 SO4 M . 58.08 11.01 7.36
C1 EPZ N . 17.65 -25.78 19.41
O1 EPZ N . 17.76 -27.16 19.17
C2 EPZ N . 17.14 -25.55 20.83
N2 EPZ N . 17.94 -26.19 21.85
C3 EPZ N . 15.70 -26.01 20.92
O3 EPZ N . 15.19 -25.69 22.22
C4 EPZ N . 14.84 -25.33 19.85
O4 EPZ N . 13.52 -25.87 19.87
C5 EPZ N . 15.42 -25.55 18.46
O5 EPZ N . 16.83 -25.16 18.43
C6 EPZ N . 14.74 -24.69 17.39
O6 EPZ N . 14.38 -25.47 16.26
C7 EPZ N . 19.15 -25.84 22.34
O7 EPZ N . 19.68 -26.46 23.26
C8 EPZ N . 19.83 -24.66 21.71
PA EPZ N . 21.52 -28.05 19.81
PB EPZ N . 18.99 -27.72 18.43
O1A EPZ N . 21.33 -28.73 21.14
O1B EPZ N . 18.87 -29.27 18.37
C1D EPZ N . 25.10 -31.02 17.75
C1E EPZ N . 15.20 -27.62 23.72
O1E EPZ N . 16.39 -27.17 24.03
N1U EPZ N . 25.06 -31.67 19.09
O2A EPZ N . 22.61 -26.94 19.87
O2B EPZ N . 19.08 -27.11 17.06
C2D EPZ N . 24.32 -31.78 16.66
O2D EPZ N . 25.01 -31.75 15.42
C2E EPZ N . 14.37 -26.69 22.86
O2E EPZ N . 14.77 -28.70 24.07
C2U EPZ N . 26.09 -32.53 19.44
O2U EPZ N . 27.04 -32.76 18.70
O3A EPZ N . 20.22 -27.36 19.32
C3D EPZ N . 22.99 -31.03 16.64
O3D EPZ N . 22.32 -31.14 15.39
C3E EPZ N . 13.35 -25.96 23.73
N3U EPZ N . 25.99 -33.09 20.69
C4D EPZ N . 23.44 -29.61 16.89
O4D EPZ N . 24.50 -29.74 17.85
C4U EPZ N . 24.96 -32.91 21.61
O4U EPZ N . 25.02 -33.51 22.71
C5D EPZ N . 22.39 -28.66 17.40
O5D EPZ N . 22.00 -29.07 18.73
C5U EPZ N . 23.93 -32.02 21.19
C6U EPZ N . 24.02 -31.44 19.95
S SO4 O . 8.07 -22.61 16.18
O1 SO4 O . 9.10 -21.66 15.67
O2 SO4 O . 8.38 -22.95 17.58
O3 SO4 O . 6.73 -21.98 16.16
O4 SO4 O . 8.07 -23.82 15.34
S SO4 P . 16.17 -24.12 30.70
O1 SO4 P . 17.45 -24.55 31.28
O2 SO4 P . 15.86 -22.74 31.16
O3 SO4 P . 16.25 -24.12 29.23
O4 SO4 P . 15.09 -25.05 31.09
CAC FLC Q . 29.52 -21.55 18.96
CA FLC Q . 30.07 -20.17 18.70
CB FLC Q . 29.28 -19.16 19.56
CBC FLC Q . 29.66 -19.02 21.04
CG FLC Q . 28.33 -18.17 18.83
CGC FLC Q . 28.06 -16.80 19.47
OA1 FLC Q . 30.07 -22.27 19.82
OA2 FLC Q . 28.53 -21.93 18.30
OB1 FLC Q . 30.78 -19.42 21.44
OB2 FLC Q . 28.83 -18.55 21.83
OG1 FLC Q . 29.03 -16.08 19.80
OG2 FLC Q . 26.87 -16.44 19.59
OHB FLC Q . 30.34 -18.22 19.26
C1 EPZ R . -9.82 -32.48 -28.79
O1 EPZ R . -9.55 -33.87 -28.98
C2 EPZ R . -9.43 -31.73 -30.07
N2 EPZ R . -10.05 -32.22 -31.28
C3 EPZ R . -7.91 -31.73 -30.22
O3 EPZ R . -7.55 -30.86 -31.32
C4 EPZ R . -7.21 -31.23 -28.96
O4 EPZ R . -5.80 -31.39 -29.11
C5 EPZ R . -7.68 -32.02 -27.75
O5 EPZ R . -9.12 -31.99 -27.66
C6 EPZ R . -7.18 -31.44 -26.43
O6 EPZ R . -6.84 -32.49 -25.52
C7 EPZ R . -11.34 -32.08 -31.71
O7 EPZ R . -11.69 -32.50 -32.80
C8 EPZ R . -12.29 -31.40 -30.77
PA EPZ R . -13.04 -35.48 -30.11
PB EPZ R . -10.61 -34.94 -28.63
O1A EPZ R . -12.98 -35.70 -31.59
O1B EPZ R . -10.01 -36.33 -28.97
C1D EPZ R . -15.67 -39.74 -29.37
C1E EPZ R . -7.13 -32.05 -33.40
O1E EPZ R . -8.34 -31.70 -33.69
N1U EPZ R . -15.54 -39.84 -30.85
O2A EPZ R . -14.30 -34.65 -29.73
O2B EPZ R . -10.98 -34.86 -27.17
C2D EPZ R . -14.67 -40.61 -28.59
O2D EPZ R . -15.26 -41.20 -27.46
C2E EPZ R . -6.52 -31.32 -32.21
O2E EPZ R . -6.50 -32.89 -34.01
C2U EPZ R . -16.36 -40.75 -31.51
O2U EPZ R . -17.18 -41.44 -30.93
O3A EPZ R . -11.81 -34.69 -29.59
C3D EPZ R . -13.58 -39.60 -28.24
O3D EPZ R . -12.84 -39.99 -27.08
C3E EPZ R . -5.73 -30.13 -32.71
N3U EPZ R . -16.19 -40.80 -32.88
C4D EPZ R . -14.40 -38.37 -27.98
O4D EPZ R . -15.43 -38.40 -28.99
C4U EPZ R . -15.30 -40.07 -33.65
O4U EPZ R . -15.27 -40.24 -34.89
C5D EPZ R . -13.66 -37.05 -28.05
O5D EPZ R . -13.12 -36.87 -29.38
C5U EPZ R . -14.48 -39.17 -32.90
C6U EPZ R . -14.63 -39.09 -31.53
S SO4 S . -1.41 -28.25 -24.63
O1 SO4 S . -0.17 -27.44 -24.61
O2 SO4 S . -1.11 -29.64 -24.21
O3 SO4 S . -2.43 -27.65 -23.72
O4 SO4 S . -1.96 -28.27 -26.01
S SO4 T . -9.65 -27.10 -38.99
O1 SO4 T . -8.37 -27.83 -39.09
O2 SO4 T . -10.07 -27.08 -37.57
O3 SO4 T . -9.49 -25.72 -39.46
O4 SO4 T . -10.69 -27.76 -39.80
CAC FLC U . -25.54 -28.29 -26.51
CA FLC U . -25.09 -29.70 -26.82
CB FLC U . -23.61 -29.84 -27.28
CBC FLC U . -22.73 -28.65 -27.59
CG FLC U . -22.95 -31.27 -27.22
CGC FLC U . -22.84 -31.90 -28.59
OA1 FLC U . -25.28 -27.81 -25.39
OA2 FLC U . -26.16 -27.65 -27.39
OB1 FLC U . -22.12 -28.02 -26.69
OB2 FLC U . -22.66 -28.33 -28.80
OG1 FLC U . -21.70 -32.27 -28.97
OG2 FLC U . -23.86 -32.04 -29.30
OHB FLC U . -23.25 -29.70 -25.90
C1 EPZ V . -25.91 23.68 -12.42
O1 EPZ V . -26.06 25.08 -12.21
C2 EPZ V . -27.30 23.02 -12.48
N2 EPZ V . -28.23 23.64 -13.41
C3 EPZ V . -27.93 22.98 -11.09
O3 EPZ V . -29.12 22.19 -11.13
C4 EPZ V . -26.97 22.36 -10.08
O4 EPZ V . -27.54 22.39 -8.77
C5 EPZ V . -25.66 23.14 -10.09
O5 EPZ V . -25.09 23.11 -11.41
C6 EPZ V . -24.62 22.61 -9.12
O6 EPZ V . -23.57 21.96 -9.82
C7 EPZ V . -28.29 23.54 -14.77
O7 EPZ V . -29.16 24.12 -15.41
C8 EPZ V . -27.28 22.65 -15.43
PA EPZ V . -26.04 26.80 -15.68
PB EPZ V . -25.26 26.14 -13.01
O1A EPZ V . -27.52 27.03 -15.69
O1B EPZ V . -25.77 27.54 -12.59
C1D EPZ V . -24.31 30.96 -17.98
C1E EPZ V . -31.07 23.66 -11.19
O1E EPZ V . -30.88 23.61 -12.49
N1U EPZ V . -25.76 31.24 -18.22
O2A EPZ V . -25.57 26.06 -16.96
O2B EPZ V . -23.78 26.02 -12.76
C2D EPZ V . -23.69 31.77 -16.84
O2D EPZ V . -22.40 32.24 -17.16
C2E EPZ V . -30.26 22.67 -10.39
O2E EPZ V . -31.85 24.43 -10.65
C2U EPZ V . -26.10 32.29 -19.08
O2U EPZ V . -25.27 32.97 -19.65
O3A EPZ V . -25.59 25.91 -14.50
C3D EPZ V . -23.69 30.75 -15.69
O3D EPZ V . -22.67 31.01 -14.75
C3E EPZ V . -31.13 21.49 -10.01
N3U EPZ V . -27.45 32.50 -19.23
C4D EPZ V . -23.41 29.46 -16.44
O4D EPZ V . -24.16 29.59 -17.67
C4U EPZ V . -28.49 31.80 -18.64
O4U EPZ V . -29.67 32.11 -18.89
C5D EPZ V . -23.80 28.19 -15.74
O5D EPZ V . -25.24 28.13 -15.61
C5U EPZ V . -28.07 30.75 -17.77
C6U EPZ V . -26.74 30.51 -17.59
S SO4 W . -24.32 18.83 -3.28
O1 SO4 W . -23.78 20.12 -2.82
O2 SO4 W . -24.48 17.92 -2.13
O3 SO4 W . -23.40 18.21 -4.27
O4 SO4 W . -25.64 19.05 -3.92
S SO4 X . -36.34 18.96 -14.93
O1 SO4 X . -34.89 18.82 -14.77
O2 SO4 X . -36.94 19.54 -13.70
O3 SO4 X . -36.63 19.86 -16.07
O4 SO4 X . -36.93 17.62 -15.18
S SO4 Y . -2.23 15.16 -14.67
O1 SO4 Y . -1.09 14.60 -13.90
O2 SO4 Y . -3.30 15.55 -13.72
O3 SO4 Y . -1.79 16.35 -15.42
O4 SO4 Y . -2.73 14.12 -15.61
S SO4 Z . -58.40 -11.68 -7.92
O1 SO4 Z . -57.56 -12.81 -7.47
O2 SO4 Z . -58.02 -10.45 -7.18
O3 SO4 Z . -58.18 -11.46 -9.37
O4 SO4 Z . -59.83 -11.97 -7.67
#